data_8XRU
#
_entry.id   8XRU
#
_cell.length_a   162.992
_cell.length_b   182.048
_cell.length_c   145.284
_cell.angle_alpha   90.00
_cell.angle_beta   102.01
_cell.angle_gamma   90.00
#
_symmetry.space_group_name_H-M   'C 1 2 1'
#
loop_
_entity.id
_entity.type
_entity.pdbx_description
1 polymer 'GH3 enzyme CcBgl3B'
2 non-polymer GLYCEROL
3 non-polymer 'CALCIUM ION'
4 water water
#
_entity_poly.entity_id   1
_entity_poly.type   'polypeptide(L)'
_entity_poly.pdbx_seq_one_letter_code
;GSHMSTLPYLDPAVPVADRVEDLLARMTLPEKVGQMLQLDARDGVGPAVLEKHAGSLLHTSPENVLAAHELTGRTRLRIP
LLLAEDCIHGHSFWVGATIFPTQLGMAATWDPALVEQVAHATAVEVAATGVHWTFSPVLCIARDLRWGRVDETFGEDPFL
IGELASAMVRGYQGDGLSDPTGILATAKHFAGYSETQGGRDASEADISQRKLRSWFLPPFERVAREGCATFMLGYQSMDG
VPVTVNGWLLDDVLRGEWGYTGTLVTDWDNVGRMVWEQHIQPDYVHASAAAVRAGNDMVMTTPRFFEGALEAVDRGLVEE
AAIDAAVRRILTLKFRLGLFEDPRRPDVARQQAVIASAEHAAVNLEVARRSLVLLTNDGTLPFAGGLDRAAGTPDGRALA
PAGAPARTIAVVGPNADDDHTQLGDWAGASGQADWLPDGHPREMTTTVLDGFRALAPEGWAVTHARGADILTLAPDPEGE
LFPDGQPRPQVVVPAAPDDALIAEAVAAARDADLAVAVVGDRIELVGEGRSTATLELVGGQVALLDALVATGTPVVVVVV
ASKPLVLPPSAHAAAAVVWAANPGMRGGQAVAELVLGLIEPEGRLPISFARHAGQQPTYYNVVRGQHGVRYADLTQSPAF
AFGEGLSYTTVEYADLRVLGTEHGPDDVVRAEVTLTNTGSRPVRETVQVYVSDTVTSVTWAEKELKAYRKVDLAPGESAT
VGLEVPVADCTLVDAHGRRVVEPGEFELRVGPSSREDALLRASFTVAG
;
_entity_poly.pdbx_strand_id   A,B,C
#
loop_
_chem_comp.id
_chem_comp.type
_chem_comp.name
_chem_comp.formula
CA non-polymer 'CALCIUM ION' 'Ca 2'
GOL non-polymer GLYCEROL 'C3 H8 O3'
#
# COMPACT_ATOMS: atom_id res chain seq x y z
CA THR A 6 60.40 23.17 -9.31
C THR A 6 59.65 23.31 -7.98
N LEU A 7 58.35 23.56 -8.07
CA LEU A 7 57.54 23.78 -6.88
C LEU A 7 57.40 22.48 -6.08
N PRO A 8 57.28 22.58 -4.75
CA PRO A 8 57.28 21.35 -3.93
C PRO A 8 56.13 20.40 -4.23
N TYR A 9 54.96 20.91 -4.66
CA TYR A 9 53.86 19.97 -4.89
C TYR A 9 54.05 19.19 -6.19
N LEU A 10 54.85 19.70 -7.11
CA LEU A 10 55.22 18.97 -8.33
C LEU A 10 56.46 18.11 -8.16
N ASP A 11 57.05 18.08 -6.96
CA ASP A 11 58.29 17.38 -6.71
C ASP A 11 57.99 16.01 -6.13
N PRO A 12 58.20 14.91 -6.88
CA PRO A 12 57.88 13.58 -6.35
C PRO A 12 58.69 13.19 -5.13
N ALA A 13 59.84 13.84 -4.90
CA ALA A 13 60.64 13.51 -3.72
C ALA A 13 60.02 14.04 -2.44
N VAL A 14 59.13 15.03 -2.52
CA VAL A 14 58.53 15.67 -1.36
C VAL A 14 57.46 14.74 -0.78
N PRO A 15 57.36 14.61 0.54
CA PRO A 15 56.29 13.77 1.12
C PRO A 15 54.92 14.28 0.75
N VAL A 16 53.97 13.35 0.68
CA VAL A 16 52.62 13.67 0.20
C VAL A 16 52.01 14.79 1.02
N ALA A 17 52.13 14.72 2.35
CA ALA A 17 51.54 15.74 3.21
C ALA A 17 52.09 17.12 2.89
N ASP A 18 53.40 17.22 2.65
CA ASP A 18 53.98 18.51 2.33
C ASP A 18 53.59 18.95 0.92
N ARG A 19 53.49 18.01 -0.02
CA ARG A 19 53.00 18.34 -1.35
C ARG A 19 51.59 18.92 -1.27
N VAL A 20 50.71 18.28 -0.50
CA VAL A 20 49.35 18.76 -0.35
C VAL A 20 49.33 20.19 0.19
N GLU A 21 50.05 20.44 1.29
CA GLU A 21 50.05 21.77 1.89
C GLU A 21 50.56 22.83 0.92
N ASP A 22 51.65 22.53 0.21
CA ASP A 22 52.18 23.51 -0.74
C ASP A 22 51.15 23.87 -1.80
N LEU A 23 50.43 22.86 -2.33
CA LEU A 23 49.45 23.15 -3.37
C LEU A 23 48.24 23.87 -2.80
N LEU A 24 47.78 23.47 -1.61
CA LEU A 24 46.65 24.13 -0.99
C LEU A 24 46.92 25.62 -0.76
N ALA A 25 48.13 25.95 -0.29
CA ALA A 25 48.47 27.35 -0.06
C ALA A 25 48.45 28.17 -1.35
N ARG A 26 48.66 27.52 -2.51
CA ARG A 26 48.67 28.23 -3.79
C ARG A 26 47.29 28.44 -4.38
N MET A 27 46.26 27.77 -3.85
CA MET A 27 44.96 27.75 -4.47
C MET A 27 44.10 28.92 -4.01
N THR A 28 43.40 29.54 -4.96
CA THR A 28 42.35 30.47 -4.60
C THR A 28 41.17 29.72 -4.00
N LEU A 29 40.30 30.47 -3.32
CA LEU A 29 39.09 29.85 -2.78
C LEU A 29 38.18 29.27 -3.87
N PRO A 30 37.96 29.92 -5.02
CA PRO A 30 37.16 29.27 -6.07
C PRO A 30 37.76 27.96 -6.55
N GLU A 31 39.10 27.85 -6.59
CA GLU A 31 39.72 26.60 -7.04
C GLU A 31 39.63 25.52 -5.99
N LYS A 32 39.60 25.91 -4.71
CA LYS A 32 39.40 24.93 -3.64
C LYS A 32 37.97 24.39 -3.66
N VAL A 33 36.99 25.28 -3.81
CA VAL A 33 35.61 24.84 -3.91
C VAL A 33 35.41 23.96 -5.13
N GLY A 34 35.95 24.39 -6.28
CA GLY A 34 35.80 23.60 -7.50
C GLY A 34 36.38 22.21 -7.37
N GLN A 35 37.46 22.06 -6.61
CA GLN A 35 38.07 20.75 -6.40
C GLN A 35 37.11 19.78 -5.71
N MET A 36 36.11 20.29 -4.96
CA MET A 36 35.06 19.45 -4.38
C MET A 36 33.99 19.04 -5.39
N LEU A 37 33.99 19.61 -6.59
CA LEU A 37 32.94 19.38 -7.56
C LEU A 37 33.26 18.15 -8.42
N GLN A 38 32.26 17.29 -8.60
CA GLN A 38 32.30 16.21 -9.58
C GLN A 38 31.15 16.49 -10.55
N LEU A 39 31.48 16.97 -11.76
CA LEU A 39 30.49 17.52 -12.68
C LEU A 39 30.21 16.55 -13.83
N ASP A 40 29.00 16.67 -14.39
CA ASP A 40 28.53 15.84 -15.48
C ASP A 40 29.25 16.28 -16.76
N ALA A 41 30.14 15.43 -17.28
CA ALA A 41 30.89 15.82 -18.48
C ALA A 41 29.98 15.93 -19.70
N ARG A 42 28.81 15.29 -19.69
CA ARG A 42 27.91 15.40 -20.83
C ARG A 42 27.45 16.84 -21.08
N ASP A 43 27.60 17.72 -20.09
CA ASP A 43 27.18 19.11 -20.22
C ASP A 43 28.28 20.02 -20.74
N GLY A 44 29.52 19.53 -20.85
CA GLY A 44 30.60 20.30 -21.41
C GLY A 44 31.84 20.34 -20.53
N VAL A 45 32.92 19.68 -20.94
CA VAL A 45 34.11 19.63 -20.08
C VAL A 45 34.86 20.97 -20.08
N GLY A 46 34.67 21.80 -21.10
CA GLY A 46 35.31 23.09 -21.17
C GLY A 46 35.01 23.96 -19.96
N PRO A 47 33.74 24.36 -19.83
CA PRO A 47 33.35 25.13 -18.62
C PRO A 47 33.61 24.40 -17.32
N ALA A 48 33.42 23.08 -17.28
CA ALA A 48 33.63 22.33 -16.05
C ALA A 48 35.07 22.46 -15.56
N VAL A 49 36.03 22.35 -16.47
CA VAL A 49 37.44 22.36 -16.08
C VAL A 49 37.95 23.79 -15.93
N LEU A 50 37.67 24.65 -16.92
CA LEU A 50 38.26 25.99 -16.94
C LEU A 50 37.53 26.96 -16.02
N GLU A 51 36.20 27.01 -16.10
CA GLU A 51 35.43 28.00 -15.34
C GLU A 51 35.14 27.53 -13.91
N LYS A 52 34.86 26.23 -13.71
CA LYS A 52 34.48 25.76 -12.37
C LYS A 52 35.62 25.03 -11.66
N HIS A 53 36.78 24.89 -12.29
CA HIS A 53 37.96 24.28 -11.65
C HIS A 53 37.64 22.92 -11.04
N ALA A 54 36.84 22.12 -11.75
CA ALA A 54 36.34 20.86 -11.21
C ALA A 54 37.46 19.94 -10.77
N GLY A 55 37.23 19.21 -9.68
CA GLY A 55 38.18 18.21 -9.25
C GLY A 55 37.94 16.86 -9.90
N SER A 56 36.74 16.66 -10.46
CA SER A 56 36.36 15.33 -10.94
C SER A 56 35.23 15.49 -11.97
N LEU A 57 35.19 14.55 -12.90
CA LEU A 57 34.12 14.43 -13.89
C LEU A 57 33.55 13.02 -13.86
N LEU A 58 32.26 12.90 -14.14
CA LEU A 58 31.69 11.59 -14.41
C LEU A 58 30.89 11.64 -15.72
N HIS A 59 30.53 10.46 -16.22
CA HIS A 59 29.83 10.33 -17.50
C HIS A 59 30.63 11.02 -18.61
N THR A 60 31.93 10.72 -18.65
CA THR A 60 32.86 11.35 -19.59
C THR A 60 33.04 10.43 -20.81
N SER A 61 32.57 10.88 -21.97
CA SER A 61 32.68 10.12 -23.21
C SER A 61 34.15 9.96 -23.61
N PRO A 62 34.46 9.00 -24.49
CA PRO A 62 35.86 8.84 -24.90
C PRO A 62 36.48 10.11 -25.44
N GLU A 63 35.73 10.86 -26.25
CA GLU A 63 36.24 12.12 -26.77
C GLU A 63 36.41 13.15 -25.66
N ASN A 64 35.52 13.14 -24.67
CA ASN A 64 35.64 14.10 -23.57
C ASN A 64 36.75 13.73 -22.60
N VAL A 65 37.13 12.45 -22.52
CA VAL A 65 38.27 12.09 -21.68
C VAL A 65 39.54 12.73 -22.24
N LEU A 66 39.76 12.56 -23.55
CA LEU A 66 40.90 13.18 -24.21
C LEU A 66 40.85 14.69 -24.06
N ALA A 67 39.70 15.29 -24.34
CA ALA A 67 39.60 16.75 -24.24
C ALA A 67 39.83 17.22 -22.80
N ALA A 68 39.41 16.41 -21.81
CA ALA A 68 39.58 16.82 -20.42
C ALA A 68 41.05 16.92 -20.05
N HIS A 69 41.86 15.96 -20.50
CA HIS A 69 43.30 16.03 -20.24
C HIS A 69 43.93 17.25 -20.90
N GLU A 70 43.44 17.62 -22.09
CA GLU A 70 43.98 18.81 -22.76
C GLU A 70 43.61 20.06 -21.98
N LEU A 71 42.36 20.17 -21.55
CA LEU A 71 41.92 21.34 -20.80
C LEU A 71 42.70 21.50 -19.50
N THR A 72 43.01 20.38 -18.84
CA THR A 72 43.76 20.43 -17.58
C THR A 72 45.10 21.12 -17.77
N GLY A 73 45.81 20.80 -18.86
CA GLY A 73 47.08 21.44 -19.14
C GLY A 73 46.99 22.93 -19.42
N ARG A 74 45.78 23.45 -19.61
CA ARG A 74 45.58 24.88 -19.82
C ARG A 74 45.23 25.64 -18.54
N THR A 75 44.95 24.93 -17.44
CA THR A 75 44.58 25.57 -16.19
C THR A 75 45.81 26.08 -15.45
N ARG A 76 45.55 26.91 -14.42
CA ARG A 76 46.64 27.60 -13.74
C ARG A 76 47.59 26.63 -13.03
N LEU A 77 47.03 25.71 -12.24
CA LEU A 77 47.88 24.80 -11.46
C LEU A 77 47.96 23.40 -12.03
N ARG A 78 47.18 23.09 -13.07
CA ARG A 78 47.21 21.76 -13.73
C ARG A 78 46.97 20.64 -12.72
N ILE A 79 45.93 20.78 -11.90
CA ILE A 79 45.56 19.71 -10.97
C ILE A 79 44.88 18.60 -11.76
N PRO A 80 45.43 17.39 -11.76
CA PRO A 80 44.83 16.31 -12.57
C PRO A 80 43.43 15.96 -12.07
N LEU A 81 42.57 15.60 -13.02
CA LEU A 81 41.20 15.21 -12.69
C LEU A 81 41.14 13.76 -12.22
N LEU A 82 40.20 13.49 -11.30
CA LEU A 82 39.70 12.14 -11.09
C LEU A 82 38.55 11.91 -12.05
N LEU A 83 38.66 10.90 -12.89
CA LEU A 83 37.60 10.57 -13.85
C LEU A 83 36.87 9.34 -13.33
N ALA A 84 35.57 9.46 -13.11
CA ALA A 84 34.79 8.42 -12.46
C ALA A 84 33.65 8.00 -13.36
N GLU A 85 33.20 6.76 -13.19
CA GLU A 85 32.15 6.27 -14.07
C GLU A 85 31.36 5.18 -13.37
N ASP A 86 30.08 5.08 -13.74
CA ASP A 86 29.32 3.89 -13.40
C ASP A 86 29.77 2.74 -14.29
N CYS A 87 30.62 1.86 -13.75
CA CYS A 87 31.08 0.62 -14.39
C CYS A 87 30.49 -0.48 -13.51
N ILE A 88 29.28 -0.90 -13.84
CA ILE A 88 28.39 -1.53 -12.87
C ILE A 88 28.40 -3.05 -12.98
N HIS A 89 28.55 -3.59 -14.20
CA HIS A 89 28.74 -5.03 -14.31
C HIS A 89 29.48 -5.34 -15.61
N GLY A 90 30.79 -5.08 -15.61
CA GLY A 90 31.52 -4.78 -16.81
C GLY A 90 31.58 -3.27 -17.00
N HIS A 91 32.35 -2.84 -18.01
CA HIS A 91 32.50 -1.41 -18.27
C HIS A 91 31.24 -0.96 -19.02
N SER A 92 30.19 -0.66 -18.25
CA SER A 92 28.84 -0.43 -18.79
C SER A 92 28.79 0.37 -20.09
N PHE A 93 29.47 1.51 -20.12
CA PHE A 93 29.23 2.49 -21.18
C PHE A 93 30.45 2.68 -22.08
N TRP A 94 31.27 1.63 -22.21
CA TRP A 94 32.33 1.59 -23.21
C TRP A 94 31.89 0.59 -24.27
N VAL A 95 31.67 1.07 -25.49
CA VAL A 95 31.16 0.24 -26.57
C VAL A 95 32.10 -0.92 -26.80
N GLY A 96 31.57 -2.14 -26.68
CA GLY A 96 32.36 -3.33 -26.89
C GLY A 96 33.07 -3.87 -25.68
N ALA A 97 32.80 -3.32 -24.49
CA ALA A 97 33.35 -3.92 -23.28
C ALA A 97 32.64 -5.24 -23.00
N THR A 98 33.27 -6.06 -22.16
CA THR A 98 32.64 -7.27 -21.65
C THR A 98 31.57 -6.89 -20.64
N ILE A 99 30.29 -7.17 -20.94
CA ILE A 99 29.20 -6.88 -20.03
C ILE A 99 28.77 -8.19 -19.38
N PHE A 100 28.87 -8.25 -18.06
CA PHE A 100 28.57 -9.44 -17.29
C PHE A 100 27.10 -9.42 -16.88
N PRO A 101 26.60 -10.49 -16.27
CA PRO A 101 25.25 -10.40 -15.71
C PRO A 101 25.20 -9.26 -14.68
N THR A 102 23.98 -8.78 -14.43
CA THR A 102 23.82 -7.84 -13.33
C THR A 102 24.33 -8.43 -12.01
N GLN A 103 24.53 -7.55 -11.05
CA GLN A 103 24.94 -7.97 -9.73
C GLN A 103 23.97 -9.04 -9.17
N LEU A 104 22.67 -8.89 -9.43
CA LEU A 104 21.72 -9.87 -8.92
C LEU A 104 21.90 -11.22 -9.60
N GLY A 105 22.21 -11.22 -10.90
CA GLY A 105 22.52 -12.47 -11.57
C GLY A 105 23.80 -13.09 -11.04
N MET A 106 24.84 -12.27 -10.87
CA MET A 106 26.11 -12.77 -10.35
C MET A 106 25.93 -13.44 -8.98
N ALA A 107 24.99 -12.93 -8.17
CA ALA A 107 24.82 -13.43 -6.82
C ALA A 107 24.30 -14.87 -6.79
N ALA A 108 23.57 -15.29 -7.83
CA ALA A 108 23.11 -16.67 -7.91
C ALA A 108 24.23 -17.68 -8.04
N THR A 109 25.45 -17.24 -8.38
CA THR A 109 26.57 -18.19 -8.39
C THR A 109 27.04 -18.55 -6.98
N TRP A 110 26.76 -17.71 -5.98
CA TRP A 110 27.28 -17.88 -4.62
C TRP A 110 28.80 -18.11 -4.63
N ASP A 111 29.51 -17.42 -5.53
CA ASP A 111 30.93 -17.70 -5.75
C ASP A 111 31.74 -16.40 -5.66
N PRO A 112 32.24 -16.05 -4.47
CA PRO A 112 33.03 -14.82 -4.35
C PRO A 112 34.30 -14.85 -5.18
N ALA A 113 34.93 -16.02 -5.35
CA ALA A 113 36.14 -16.09 -6.17
C ALA A 113 35.83 -15.70 -7.62
N LEU A 114 34.68 -16.14 -8.14
CA LEU A 114 34.29 -15.79 -9.49
C LEU A 114 33.94 -14.31 -9.60
N VAL A 115 33.18 -13.79 -8.63
CA VAL A 115 32.82 -12.37 -8.65
C VAL A 115 34.07 -11.50 -8.59
N GLU A 116 35.10 -11.92 -7.85
CA GLU A 116 36.35 -11.17 -7.85
C GLU A 116 36.97 -11.14 -9.23
N GLN A 117 36.92 -12.27 -9.95
CA GLN A 117 37.42 -12.30 -11.33
C GLN A 117 36.67 -11.33 -12.22
N VAL A 118 35.35 -11.26 -12.07
CA VAL A 118 34.55 -10.31 -12.83
C VAL A 118 35.03 -8.88 -12.60
N ALA A 119 35.21 -8.51 -11.33
CA ALA A 119 35.61 -7.15 -11.00
C ALA A 119 37.02 -6.85 -11.48
N HIS A 120 37.94 -7.80 -11.33
CA HIS A 120 39.29 -7.57 -11.82
C HIS A 120 39.30 -7.43 -13.35
N ALA A 121 38.51 -8.25 -14.05
CA ALA A 121 38.44 -8.10 -15.51
C ALA A 121 37.82 -6.76 -15.90
N THR A 122 36.78 -6.34 -15.17
CA THR A 122 36.21 -5.01 -15.37
C THR A 122 37.27 -3.93 -15.19
N ALA A 123 38.01 -4.00 -14.07
CA ALA A 123 39.00 -2.98 -13.77
C ALA A 123 40.06 -2.87 -14.87
N VAL A 124 40.52 -4.01 -15.37
CA VAL A 124 41.52 -4.00 -16.44
C VAL A 124 40.99 -3.25 -17.65
N GLU A 125 39.73 -3.49 -18.03
CA GLU A 125 39.16 -2.80 -19.18
C GLU A 125 38.93 -1.33 -18.88
N VAL A 126 38.47 -1.01 -17.67
CA VAL A 126 38.24 0.38 -17.28
C VAL A 126 39.53 1.17 -17.31
N ALA A 127 40.59 0.62 -16.73
CA ALA A 127 41.86 1.33 -16.66
C ALA A 127 42.39 1.69 -18.05
N ALA A 128 42.14 0.82 -19.04
CA ALA A 128 42.61 1.08 -20.40
C ALA A 128 41.92 2.28 -21.03
N THR A 129 40.73 2.63 -20.55
CA THR A 129 39.94 3.74 -21.06
C THR A 129 40.16 5.03 -20.28
N GLY A 130 41.11 5.05 -19.35
CA GLY A 130 41.45 6.26 -18.64
C GLY A 130 40.53 6.64 -17.50
N VAL A 131 39.66 5.74 -17.05
CA VAL A 131 38.79 6.03 -15.92
C VAL A 131 39.46 5.50 -14.66
N HIS A 132 39.39 6.27 -13.57
CA HIS A 132 40.16 5.96 -12.37
C HIS A 132 39.33 5.37 -11.25
N TRP A 133 38.01 5.34 -11.39
CA TRP A 133 37.13 5.25 -10.23
C TRP A 133 35.78 4.77 -10.73
N THR A 134 35.28 3.65 -10.20
CA THR A 134 33.94 3.19 -10.55
C THR A 134 33.00 3.30 -9.36
N PHE A 135 31.76 3.64 -9.67
CA PHE A 135 30.71 3.72 -8.63
C PHE A 135 30.15 2.31 -8.47
N SER A 136 30.94 1.42 -7.87
CA SER A 136 30.57 0.00 -7.70
C SER A 136 31.55 -0.56 -6.67
N PRO A 137 31.19 -1.50 -5.78
CA PRO A 137 29.93 -2.22 -5.85
C PRO A 137 28.67 -1.68 -5.15
N VAL A 138 27.52 -2.28 -5.47
CA VAL A 138 26.25 -1.91 -4.79
C VAL A 138 26.06 -2.85 -3.59
N LEU A 139 25.86 -2.27 -2.44
CA LEU A 139 25.70 -3.05 -1.22
C LEU A 139 24.29 -2.98 -0.67
N CYS A 140 23.38 -2.31 -1.36
CA CYS A 140 21.98 -2.28 -0.96
C CYS A 140 21.43 -3.70 -0.83
N ILE A 141 20.43 -3.84 0.02
CA ILE A 141 19.81 -5.12 0.32
C ILE A 141 18.38 -5.10 -0.18
N ALA A 142 18.03 -6.07 -1.03
CA ALA A 142 16.76 -6.10 -1.75
C ALA A 142 15.65 -6.63 -0.86
N ARG A 143 15.08 -5.74 -0.05
CA ARG A 143 14.07 -6.13 0.92
C ARG A 143 12.65 -5.75 0.51
N ASP A 144 12.48 -4.91 -0.51
CA ASP A 144 11.18 -4.61 -1.10
C ASP A 144 11.33 -4.82 -2.60
N LEU A 145 10.68 -5.87 -3.12
CA LEU A 145 10.77 -6.21 -4.54
C LEU A 145 10.17 -5.14 -5.43
N ARG A 146 9.34 -4.23 -4.89
CA ARG A 146 8.83 -3.11 -5.66
C ARG A 146 9.94 -2.18 -6.12
N TRP A 147 11.05 -2.15 -5.39
CA TRP A 147 12.13 -1.21 -5.70
C TRP A 147 12.65 -1.45 -7.10
N GLY A 148 12.90 -0.36 -7.83
CA GLY A 148 13.30 -0.47 -9.22
C GLY A 148 14.73 -0.92 -9.41
N ARG A 149 15.55 -0.83 -8.36
CA ARG A 149 16.98 -1.08 -8.49
C ARG A 149 17.41 -2.41 -7.86
N VAL A 150 16.48 -3.35 -7.70
CA VAL A 150 16.80 -4.67 -7.16
C VAL A 150 17.85 -5.38 -8.01
N ASP A 151 17.83 -5.19 -9.35
CA ASP A 151 18.81 -5.84 -10.22
C ASP A 151 20.24 -5.47 -9.85
N GLU A 152 20.44 -4.29 -9.25
CA GLU A 152 21.78 -3.84 -8.89
C GLU A 152 22.29 -4.45 -7.59
N THR A 153 21.45 -5.13 -6.83
CA THR A 153 21.86 -5.71 -5.55
C THR A 153 22.35 -7.14 -5.72
N PHE A 154 23.05 -7.63 -4.69
CA PHE A 154 23.39 -9.04 -4.56
C PHE A 154 22.30 -9.83 -3.84
N GLY A 155 21.07 -9.32 -3.78
CA GLY A 155 19.98 -10.07 -3.19
C GLY A 155 19.57 -9.55 -1.83
N GLU A 156 18.96 -10.42 -1.03
CA GLU A 156 18.29 -10.02 0.21
C GLU A 156 19.05 -10.39 1.48
N ASP A 157 20.28 -10.91 1.38
CA ASP A 157 20.93 -11.45 2.58
C ASP A 157 22.18 -10.66 2.93
N PRO A 158 22.28 -10.14 4.17
CA PRO A 158 23.45 -9.32 4.52
C PRO A 158 24.77 -10.03 4.41
N PHE A 159 24.84 -11.29 4.81
CA PHE A 159 26.13 -11.99 4.79
C PHE A 159 26.58 -12.24 3.34
N LEU A 160 25.69 -12.74 2.48
CA LEU A 160 26.05 -13.00 1.09
C LEU A 160 26.40 -11.69 0.37
N ILE A 161 25.65 -10.62 0.65
CA ILE A 161 26.00 -9.32 0.07
C ILE A 161 27.42 -8.94 0.47
N GLY A 162 27.76 -9.10 1.75
CA GLY A 162 29.09 -8.77 2.21
C GLY A 162 30.15 -9.61 1.52
N GLU A 163 29.88 -10.90 1.36
CA GLU A 163 30.80 -11.80 0.65
C GLU A 163 31.07 -11.29 -0.76
N LEU A 164 30.02 -11.01 -1.51
CA LEU A 164 30.21 -10.66 -2.92
C LEU A 164 30.72 -9.24 -3.08
N ALA A 165 30.27 -8.31 -2.23
CA ALA A 165 30.78 -6.94 -2.33
C ALA A 165 32.26 -6.90 -1.93
N SER A 166 32.64 -7.65 -0.90
CA SER A 166 34.06 -7.79 -0.56
C SER A 166 34.87 -8.24 -1.77
N ALA A 167 34.37 -9.25 -2.49
CA ALA A 167 35.04 -9.73 -3.70
C ALA A 167 35.14 -8.65 -4.77
N MET A 168 34.06 -7.89 -4.98
CA MET A 168 34.12 -6.85 -6.01
C MET A 168 35.17 -5.81 -5.67
N VAL A 169 35.18 -5.34 -4.41
CA VAL A 169 36.14 -4.31 -4.01
C VAL A 169 37.56 -4.83 -4.18
N ARG A 170 37.78 -6.09 -3.80
CA ARG A 170 39.11 -6.68 -3.93
C ARG A 170 39.55 -6.76 -5.40
N GLY A 171 38.64 -7.17 -6.29
CA GLY A 171 38.98 -7.29 -7.69
C GLY A 171 39.21 -5.93 -8.35
N TYR A 172 38.37 -4.95 -8.00
CA TYR A 172 38.50 -3.61 -8.60
C TYR A 172 39.83 -2.97 -8.24
N GLN A 173 40.19 -2.99 -6.96
CA GLN A 173 41.27 -2.13 -6.47
C GLN A 173 42.65 -2.77 -6.63
N GLY A 174 42.71 -4.09 -6.84
CA GLY A 174 43.97 -4.72 -7.18
C GLY A 174 45.00 -4.61 -6.06
N ASP A 175 46.23 -4.28 -6.44
CA ASP A 175 47.33 -4.20 -5.48
C ASP A 175 47.36 -2.88 -4.72
N GLY A 176 46.49 -1.94 -5.02
CA GLY A 176 46.46 -0.69 -4.29
C GLY A 176 46.56 0.49 -5.23
N LEU A 177 46.96 1.63 -4.66
CA LEU A 177 46.91 2.92 -5.34
C LEU A 177 48.02 3.10 -6.38
N SER A 178 48.95 2.17 -6.48
CA SER A 178 49.99 2.22 -7.50
C SER A 178 49.82 1.15 -8.58
N ASP A 179 48.82 0.30 -8.44
CA ASP A 179 48.55 -0.77 -9.41
C ASP A 179 47.98 -0.16 -10.68
N PRO A 180 48.65 -0.30 -11.83
CA PRO A 180 48.12 0.34 -13.05
C PRO A 180 46.79 -0.24 -13.52
N THR A 181 46.39 -1.42 -13.07
CA THR A 181 45.08 -1.97 -13.41
C THR A 181 44.10 -1.96 -12.23
N GLY A 182 44.44 -1.27 -11.14
CA GLY A 182 43.49 -1.08 -10.06
C GLY A 182 42.72 0.22 -10.27
N ILE A 183 41.44 0.21 -9.90
CA ILE A 183 40.64 1.43 -9.90
C ILE A 183 40.02 1.56 -8.52
N LEU A 184 39.66 2.80 -8.17
CA LEU A 184 38.96 3.04 -6.92
C LEU A 184 37.57 2.41 -6.97
N ALA A 185 37.24 1.65 -5.93
CA ALA A 185 35.86 1.17 -5.76
C ALA A 185 35.07 2.17 -4.92
N THR A 186 33.75 1.99 -4.94
CA THR A 186 32.82 2.83 -4.20
C THR A 186 31.80 1.94 -3.52
N ALA A 187 31.66 2.07 -2.19
CA ALA A 187 30.57 1.41 -1.50
C ALA A 187 29.36 2.31 -1.61
N LYS A 188 28.39 1.84 -2.39
CA LYS A 188 27.13 2.59 -2.55
C LYS A 188 25.97 1.63 -2.26
N HIS A 189 24.79 2.15 -1.88
CA HIS A 189 24.52 3.56 -1.53
C HIS A 189 24.37 3.68 0.00
N PHE A 190 25.40 4.12 0.69
CA PHE A 190 25.45 4.21 2.17
C PHE A 190 24.35 5.15 2.71
N ALA A 191 23.43 4.64 3.53
CA ALA A 191 22.99 3.26 3.64
C ALA A 191 21.47 3.33 3.88
N GLY A 192 20.76 2.24 3.61
CA GLY A 192 19.32 2.20 3.80
C GLY A 192 18.51 2.60 2.59
N TYR A 193 19.16 2.83 1.44
CA TYR A 193 18.49 3.35 0.25
C TYR A 193 17.49 2.35 -0.32
N SER A 194 17.74 1.06 -0.14
CA SER A 194 16.92 0.02 -0.75
C SER A 194 15.58 -0.22 -0.07
N GLU A 195 15.33 0.29 1.15
CA GLU A 195 14.04 0.00 1.81
C GLU A 195 13.40 1.31 2.22
N THR A 196 12.62 1.89 1.31
CA THR A 196 11.98 3.17 1.55
C THR A 196 10.49 2.98 1.34
N GLN A 197 9.72 3.97 1.79
CA GLN A 197 8.27 3.90 1.71
C GLN A 197 7.79 3.54 0.31
N GLY A 198 6.92 2.52 0.26
CA GLY A 198 6.30 2.08 -0.98
C GLY A 198 7.23 1.38 -1.94
N GLY A 199 8.46 1.11 -1.53
CA GLY A 199 9.43 0.65 -2.49
C GLY A 199 9.76 1.67 -3.54
N ARG A 200 9.50 2.95 -3.26
CA ARG A 200 9.73 4.02 -4.22
C ARG A 200 11.19 4.43 -4.19
N ASP A 201 11.59 5.18 -5.22
CA ASP A 201 12.98 5.61 -5.36
C ASP A 201 13.19 6.82 -4.47
N ALA A 202 13.97 6.65 -3.41
CA ALA A 202 14.43 7.72 -2.54
C ALA A 202 13.27 8.43 -1.87
N SER A 203 12.14 7.74 -1.73
CA SER A 203 11.15 8.16 -0.74
C SER A 203 11.73 8.00 0.65
N GLU A 204 10.93 8.31 1.67
CA GLU A 204 11.44 8.33 3.03
C GLU A 204 11.83 6.93 3.50
N ALA A 205 13.01 6.79 4.08
CA ALA A 205 13.43 5.56 4.73
C ALA A 205 13.03 5.60 6.20
N ASP A 206 12.01 4.81 6.57
CA ASP A 206 11.54 4.77 7.97
C ASP A 206 12.38 3.79 8.79
N ILE A 207 13.69 4.04 8.83
CA ILE A 207 14.66 3.09 9.37
C ILE A 207 15.28 3.70 10.62
N SER A 208 15.07 3.05 11.78
CA SER A 208 15.72 3.44 13.03
C SER A 208 17.21 3.13 12.98
N GLN A 209 17.95 3.67 13.94
CA GLN A 209 19.38 3.33 14.04
C GLN A 209 19.57 1.82 14.16
N ARG A 210 18.76 1.16 15.00
CA ARG A 210 18.94 -0.27 15.23
C ARG A 210 18.60 -1.10 14.00
N LYS A 211 17.50 -0.77 13.31
CA LYS A 211 17.17 -1.52 12.09
C LYS A 211 18.29 -1.39 11.06
N LEU A 212 18.87 -0.20 10.95
CA LEU A 212 19.96 0.02 9.99
C LEU A 212 21.17 -0.81 10.37
N ARG A 213 21.55 -0.79 11.65
CA ARG A 213 22.65 -1.63 12.11
C ARG A 213 22.36 -3.11 11.89
N SER A 214 21.09 -3.51 11.95
CA SER A 214 20.76 -4.93 11.93
C SER A 214 20.89 -5.52 10.53
N TRP A 215 20.33 -4.87 9.52
CA TRP A 215 20.16 -5.50 8.21
C TRP A 215 20.90 -4.80 7.07
N PHE A 216 21.35 -3.56 7.25
CA PHE A 216 21.89 -2.75 6.16
C PHE A 216 23.39 -2.49 6.27
N LEU A 217 23.86 -2.16 7.46
CA LEU A 217 25.26 -1.80 7.72
C LEU A 217 26.30 -2.92 7.56
N PRO A 218 26.03 -4.19 7.84
CA PRO A 218 27.12 -5.20 7.92
C PRO A 218 27.97 -5.28 6.66
N PRO A 219 27.40 -5.28 5.43
CA PRO A 219 28.30 -5.30 4.26
C PRO A 219 29.15 -4.04 4.16
N PHE A 220 28.58 -2.88 4.55
CA PHE A 220 29.33 -1.64 4.53
C PHE A 220 30.47 -1.66 5.54
N GLU A 221 30.20 -2.14 6.77
CA GLU A 221 31.28 -2.22 7.75
C GLU A 221 32.39 -3.13 7.24
N ARG A 222 32.03 -4.25 6.60
CA ARG A 222 33.05 -5.16 6.09
C ARG A 222 33.95 -4.48 5.05
N VAL A 223 33.37 -3.83 4.03
CA VAL A 223 34.25 -3.26 3.00
C VAL A 223 34.94 -1.99 3.49
N ALA A 224 34.39 -1.31 4.49
CA ALA A 224 35.11 -0.21 5.12
C ALA A 224 36.39 -0.72 5.79
N ARG A 225 36.28 -1.79 6.58
CA ARG A 225 37.46 -2.34 7.23
C ARG A 225 38.44 -2.94 6.22
N GLU A 226 37.94 -3.42 5.08
CA GLU A 226 38.80 -4.02 4.07
C GLU A 226 39.40 -3.00 3.10
N GLY A 227 39.15 -1.70 3.28
CA GLY A 227 39.88 -0.69 2.54
C GLY A 227 39.24 -0.19 1.27
N CYS A 228 37.91 -0.26 1.15
CA CYS A 228 37.22 0.32 0.01
C CYS A 228 37.51 1.82 -0.05
N ALA A 229 38.03 2.28 -1.20
CA ALA A 229 38.64 3.61 -1.25
C ALA A 229 37.64 4.73 -1.02
N THR A 230 36.38 4.56 -1.42
CA THR A 230 35.40 5.63 -1.30
C THR A 230 34.06 5.05 -0.89
N PHE A 231 33.20 5.92 -0.34
CA PHE A 231 31.81 5.61 0.01
C PHE A 231 30.93 6.63 -0.67
N MET A 232 29.76 6.22 -1.17
CA MET A 232 28.81 7.16 -1.74
C MET A 232 27.59 7.31 -0.83
N LEU A 233 27.20 8.56 -0.57
CA LEU A 233 26.11 8.83 0.38
C LEU A 233 24.77 8.74 -0.33
N GLY A 234 23.84 8.06 0.30
CA GLY A 234 22.52 7.84 -0.31
C GLY A 234 21.69 9.08 -0.56
N TYR A 235 20.76 8.95 -1.50
CA TYR A 235 19.86 10.07 -1.84
C TYR A 235 18.81 10.27 -0.76
N GLN A 236 18.44 9.21 -0.08
CA GLN A 236 17.24 9.22 0.78
C GLN A 236 17.34 9.96 2.11
N SER A 237 16.19 10.46 2.52
CA SER A 237 16.09 11.03 3.87
C SER A 237 15.76 9.83 4.78
N MET A 238 16.49 9.73 5.87
CA MET A 238 16.30 8.61 6.79
C MET A 238 15.94 9.14 8.16
N ASP A 239 14.74 8.80 8.64
CA ASP A 239 14.20 9.35 9.89
C ASP A 239 14.25 10.88 9.84
N GLY A 240 13.97 11.42 8.65
CA GLY A 240 13.90 12.84 8.42
C GLY A 240 15.19 13.52 8.01
N VAL A 241 16.32 12.84 8.07
CA VAL A 241 17.62 13.47 7.79
C VAL A 241 18.23 12.83 6.54
N PRO A 242 18.42 13.58 5.45
CA PRO A 242 19.14 13.05 4.29
C PRO A 242 20.54 12.58 4.68
N VAL A 243 20.97 11.46 4.09
CA VAL A 243 22.28 10.88 4.42
C VAL A 243 23.37 11.95 4.31
N THR A 244 23.24 12.84 3.32
CA THR A 244 24.26 13.85 3.04
C THR A 244 24.56 14.71 4.28
N VAL A 245 23.61 14.91 5.19
CA VAL A 245 23.88 15.71 6.39
C VAL A 245 23.60 14.92 7.66
N ASN A 246 23.74 13.59 7.59
CA ASN A 246 23.37 12.71 8.69
C ASN A 246 24.58 12.49 9.59
N GLY A 247 24.66 13.26 10.67
CA GLY A 247 25.84 13.22 11.52
C GLY A 247 26.03 11.90 12.24
N TRP A 248 24.95 11.29 12.72
CA TRP A 248 25.09 9.97 13.35
C TRP A 248 25.72 8.97 12.38
N LEU A 249 25.20 8.88 11.16
CA LEU A 249 25.70 7.86 10.24
C LEU A 249 27.14 8.18 9.79
N LEU A 250 27.41 9.44 9.47
CA LEU A 250 28.71 9.84 8.93
C LEU A 250 29.77 9.94 10.02
N ASP A 251 29.45 10.60 11.14
CA ASP A 251 30.45 10.86 12.17
C ASP A 251 30.50 9.75 13.22
N ASP A 252 29.36 9.41 13.83
CA ASP A 252 29.38 8.40 14.88
C ASP A 252 29.73 7.02 14.34
N VAL A 253 29.18 6.65 13.19
CA VAL A 253 29.35 5.28 12.70
C VAL A 253 30.56 5.17 11.77
N LEU A 254 30.47 5.81 10.59
CA LEU A 254 31.48 5.58 9.55
C LEU A 254 32.87 6.02 10.01
N ARG A 255 33.00 7.30 10.40
CA ARG A 255 34.29 7.81 10.83
C ARG A 255 34.64 7.37 12.25
N GLY A 256 33.64 7.18 13.11
CA GLY A 256 33.88 6.90 14.51
C GLY A 256 34.02 5.43 14.84
N GLU A 257 32.89 4.72 14.91
CA GLU A 257 32.92 3.30 15.25
C GLU A 257 33.80 2.51 14.29
N TRP A 258 33.74 2.82 13.00
CA TRP A 258 34.50 2.02 12.04
C TRP A 258 35.89 2.59 11.77
N GLY A 259 36.16 3.82 12.16
CA GLY A 259 37.45 4.43 11.87
C GLY A 259 37.77 4.53 10.40
N TYR A 260 36.76 4.77 9.56
CA TYR A 260 36.97 4.79 8.11
C TYR A 260 37.73 6.05 7.70
N THR A 261 38.75 5.88 6.85
CA THR A 261 39.58 7.00 6.43
C THR A 261 39.48 7.29 4.93
N GLY A 262 38.58 6.64 4.21
CA GLY A 262 38.43 6.89 2.79
C GLY A 262 37.71 8.20 2.51
N THR A 263 37.37 8.37 1.24
CA THR A 263 36.86 9.62 0.69
C THR A 263 35.38 9.49 0.39
N LEU A 264 34.63 10.57 0.65
CA LEU A 264 33.19 10.57 0.45
C LEU A 264 32.83 11.24 -0.86
N VAL A 265 31.74 10.76 -1.47
CA VAL A 265 31.11 11.42 -2.60
C VAL A 265 29.62 11.32 -2.39
N THR A 266 28.90 12.39 -2.71
CA THR A 266 27.44 12.29 -2.67
C THR A 266 26.93 11.50 -3.87
N ASP A 267 25.66 11.13 -3.79
CA ASP A 267 24.97 10.68 -4.98
C ASP A 267 24.54 11.90 -5.80
N TRP A 268 23.89 11.64 -6.93
CA TRP A 268 23.59 12.64 -7.95
C TRP A 268 22.72 13.80 -7.47
N ASP A 269 23.31 15.00 -7.38
CA ASP A 269 22.61 16.20 -6.93
C ASP A 269 22.01 16.04 -5.52
N ASN A 270 22.65 15.25 -4.65
CA ASN A 270 22.19 15.13 -3.26
C ASN A 270 21.98 16.50 -2.60
N VAL A 271 22.93 17.41 -2.79
CA VAL A 271 22.87 18.71 -2.11
C VAL A 271 21.71 19.55 -2.64
N GLY A 272 21.56 19.60 -3.96
CA GLY A 272 20.47 20.39 -4.54
C GLY A 272 19.09 19.86 -4.19
N ARG A 273 18.95 18.52 -4.16
CA ARG A 273 17.65 17.93 -3.80
C ARG A 273 17.20 18.36 -2.40
N MET A 274 18.14 18.62 -1.50
CA MET A 274 17.73 19.15 -0.19
C MET A 274 16.94 20.44 -0.32
N VAL A 275 17.15 21.19 -1.39
CA VAL A 275 16.35 22.38 -1.68
C VAL A 275 15.07 22.01 -2.40
N TRP A 276 15.17 21.47 -3.61
CA TRP A 276 14.00 21.43 -4.50
C TRP A 276 13.17 20.15 -4.37
N GLU A 277 13.68 19.10 -3.76
CA GLU A 277 12.94 17.84 -3.74
C GLU A 277 12.59 17.37 -2.34
N GLN A 278 13.50 17.50 -1.38
CA GLN A 278 13.19 17.18 0.01
C GLN A 278 12.64 18.37 0.78
N HIS A 279 12.88 19.59 0.30
CA HIS A 279 12.34 20.82 0.90
C HIS A 279 12.79 21.00 2.34
N ILE A 280 14.06 20.73 2.62
CA ILE A 280 14.61 20.96 3.95
C ILE A 280 15.59 22.13 3.99
N GLN A 281 16.02 22.65 2.85
CA GLN A 281 16.84 23.84 2.87
C GLN A 281 16.15 24.95 2.10
N PRO A 282 16.22 26.20 2.58
CA PRO A 282 15.53 27.29 1.88
C PRO A 282 16.17 27.68 0.56
N ASP A 283 17.48 27.45 0.40
CA ASP A 283 18.19 27.90 -0.78
C ASP A 283 19.52 27.16 -0.86
N TYR A 284 20.22 27.40 -1.97
CA TYR A 284 21.41 26.62 -2.30
C TYR A 284 22.61 27.01 -1.45
N VAL A 285 22.70 28.26 -1.00
CA VAL A 285 23.80 28.62 -0.12
C VAL A 285 23.66 27.91 1.22
N HIS A 286 22.43 27.78 1.73
CA HIS A 286 22.27 27.07 3.01
C HIS A 286 22.42 25.56 2.84
N ALA A 287 22.03 25.01 1.68
CA ALA A 287 22.30 23.59 1.41
C ALA A 287 23.79 23.33 1.27
N SER A 288 24.51 24.21 0.56
CA SER A 288 25.94 24.07 0.41
C SER A 288 26.66 24.14 1.75
N ALA A 289 26.34 25.17 2.56
CA ALA A 289 26.90 25.26 3.91
C ALA A 289 26.64 23.99 4.71
N ALA A 290 25.41 23.49 4.68
CA ALA A 290 25.08 22.30 5.48
C ALA A 290 25.86 21.08 5.01
N ALA A 291 26.03 20.93 3.69
CA ALA A 291 26.84 19.83 3.16
C ALA A 291 28.28 19.95 3.63
N VAL A 292 28.82 21.18 3.66
CA VAL A 292 30.20 21.39 4.09
C VAL A 292 30.34 21.07 5.58
N ARG A 293 29.41 21.56 6.40
CA ARG A 293 29.46 21.28 7.85
C ARG A 293 29.41 19.78 8.14
N ALA A 294 28.69 19.03 7.32
CA ALA A 294 28.54 17.60 7.58
C ALA A 294 29.78 16.78 7.22
N GLY A 295 30.80 17.39 6.64
CA GLY A 295 32.01 16.66 6.32
C GLY A 295 32.03 16.04 4.93
N ASN A 296 31.22 16.54 4.00
CA ASN A 296 31.27 16.03 2.64
C ASN A 296 32.62 16.33 1.98
N ASP A 297 33.02 15.46 1.05
CA ASP A 297 34.23 15.63 0.26
C ASP A 297 33.90 15.99 -1.19
N MET A 298 33.52 15.00 -2.00
CA MET A 298 33.09 15.29 -3.38
C MET A 298 31.60 15.56 -3.40
N VAL A 299 31.20 16.57 -4.15
CA VAL A 299 29.79 16.92 -4.33
C VAL A 299 29.42 16.62 -5.78
N MET A 300 28.59 15.58 -5.99
CA MET A 300 28.29 15.10 -7.34
C MET A 300 27.13 15.89 -7.92
N THR A 301 27.36 16.50 -9.09
CA THR A 301 26.34 17.11 -9.96
C THR A 301 25.37 18.02 -9.23
N THR A 302 25.91 18.87 -8.36
CA THR A 302 25.19 20.06 -7.88
C THR A 302 26.05 21.25 -8.27
N PRO A 303 25.96 21.70 -9.53
CA PRO A 303 26.83 22.81 -9.98
C PRO A 303 26.66 24.07 -9.15
N ARG A 304 25.46 24.35 -8.66
CA ARG A 304 25.26 25.54 -7.84
C ARG A 304 25.95 25.46 -6.49
N PHE A 305 26.53 24.32 -6.13
CA PHE A 305 27.42 24.28 -4.96
C PHE A 305 28.61 25.20 -5.14
N PHE A 306 29.01 25.47 -6.39
CA PHE A 306 30.17 26.33 -6.64
C PHE A 306 29.93 27.72 -6.06
N GLU A 307 28.92 28.42 -6.58
CA GLU A 307 28.56 29.74 -6.06
C GLU A 307 27.93 29.64 -4.66
N GLY A 308 27.34 28.49 -4.34
CA GLY A 308 26.73 28.32 -3.02
C GLY A 308 27.75 28.27 -1.91
N ALA A 309 28.77 27.41 -2.06
CA ALA A 309 29.83 27.34 -1.06
C ALA A 309 30.59 28.66 -0.94
N LEU A 310 30.90 29.30 -2.08
CA LEU A 310 31.64 30.56 -2.04
C LEU A 310 30.88 31.64 -1.29
N GLU A 311 29.57 31.76 -1.54
CA GLU A 311 28.79 32.74 -0.80
C GLU A 311 28.68 32.35 0.67
N ALA A 312 28.61 31.03 0.95
CA ALA A 312 28.55 30.59 2.34
C ALA A 312 29.82 30.99 3.10
N VAL A 313 30.98 30.85 2.46
CA VAL A 313 32.22 31.31 3.07
C VAL A 313 32.20 32.82 3.22
N ASP A 314 31.69 33.53 2.21
CA ASP A 314 31.72 34.97 2.24
C ASP A 314 30.82 35.53 3.35
N ARG A 315 29.74 34.83 3.69
CA ARG A 315 28.80 35.27 4.73
C ARG A 315 29.14 34.68 6.09
N GLY A 316 30.26 33.97 6.21
CA GLY A 316 30.64 33.38 7.46
C GLY A 316 29.75 32.25 7.94
N LEU A 317 28.90 31.71 7.06
CA LEU A 317 28.13 30.53 7.43
C LEU A 317 29.04 29.36 7.76
N VAL A 318 30.13 29.21 7.01
CA VAL A 318 31.15 28.18 7.27
C VAL A 318 32.51 28.82 7.07
N GLU A 319 33.53 28.17 7.63
CA GLU A 319 34.90 28.63 7.55
C GLU A 319 35.58 28.11 6.30
N GLU A 320 36.42 28.96 5.67
CA GLU A 320 37.28 28.49 4.60
C GLU A 320 38.12 27.30 5.06
N ALA A 321 38.43 27.23 6.36
CA ALA A 321 39.13 26.07 6.89
C ALA A 321 38.35 24.78 6.68
N ALA A 322 37.02 24.86 6.65
CA ALA A 322 36.23 23.66 6.39
C ALA A 322 36.41 23.20 4.93
N ILE A 323 36.43 24.14 3.99
CA ILE A 323 36.75 23.79 2.60
C ILE A 323 38.14 23.18 2.52
N ASP A 324 39.11 23.81 3.20
CA ASP A 324 40.49 23.30 3.22
C ASP A 324 40.53 21.82 3.60
N ALA A 325 39.78 21.44 4.63
CA ALA A 325 39.83 20.06 5.12
C ALA A 325 39.35 19.07 4.06
N ALA A 326 38.28 19.41 3.33
CA ALA A 326 37.83 18.56 2.24
C ALA A 326 38.87 18.49 1.13
N VAL A 327 39.40 19.65 0.72
CA VAL A 327 40.38 19.68 -0.37
C VAL A 327 41.62 18.87 0.00
N ARG A 328 42.07 18.95 1.27
CA ARG A 328 43.22 18.16 1.68
C ARG A 328 43.00 16.67 1.45
N ARG A 329 41.83 16.16 1.87
CA ARG A 329 41.57 14.74 1.69
C ARG A 329 41.51 14.38 0.21
N ILE A 330 40.89 15.23 -0.61
CA ILE A 330 40.78 14.94 -2.05
C ILE A 330 42.16 14.98 -2.69
N LEU A 331 42.94 16.02 -2.40
CA LEU A 331 44.28 16.15 -2.98
C LEU A 331 45.18 15.01 -2.54
N THR A 332 45.06 14.59 -1.27
CA THR A 332 45.86 13.47 -0.79
C THR A 332 45.61 12.21 -1.63
N LEU A 333 44.33 11.93 -1.93
CA LEU A 333 44.01 10.79 -2.78
C LEU A 333 44.67 10.92 -4.14
N LYS A 334 44.60 12.11 -4.75
CA LYS A 334 45.18 12.32 -6.07
C LYS A 334 46.69 12.13 -6.04
N PHE A 335 47.36 12.64 -4.99
CA PHE A 335 48.81 12.48 -4.89
C PHE A 335 49.18 11.00 -4.71
N ARG A 336 48.49 10.29 -3.83
CA ARG A 336 48.83 8.89 -3.59
C ARG A 336 48.55 8.01 -4.82
N LEU A 337 47.64 8.43 -5.70
CA LEU A 337 47.41 7.73 -6.96
C LEU A 337 48.48 8.03 -8.00
N GLY A 338 49.44 8.91 -7.69
CA GLY A 338 50.46 9.28 -8.64
C GLY A 338 49.97 10.12 -9.79
N LEU A 339 48.81 10.74 -9.66
CA LEU A 339 48.20 11.44 -10.80
C LEU A 339 48.99 12.66 -11.24
N PHE A 340 49.82 13.25 -10.36
CA PHE A 340 50.61 14.41 -10.77
C PHE A 340 51.83 14.00 -11.61
N GLU A 341 52.37 12.81 -11.35
CA GLU A 341 53.39 12.13 -12.16
C GLU A 341 52.81 11.54 -13.45
N ASP A 342 51.75 10.75 -13.32
CA ASP A 342 51.16 10.02 -14.44
C ASP A 342 49.65 10.09 -14.27
N PRO A 343 48.97 10.93 -15.08
CA PRO A 343 47.53 11.12 -14.92
C PRO A 343 46.67 9.97 -15.42
N ARG A 344 47.30 8.88 -15.85
CA ARG A 344 46.62 7.67 -16.34
C ARG A 344 45.66 8.01 -17.48
N ARG A 345 46.23 8.52 -18.57
CA ARG A 345 45.50 8.73 -19.81
C ARG A 345 45.03 7.40 -20.40
N PRO A 346 43.97 7.42 -21.19
CA PRO A 346 43.60 6.21 -21.92
C PRO A 346 44.70 5.78 -22.87
N ASP A 347 44.71 4.48 -23.18
CA ASP A 347 45.76 3.88 -24.02
C ASP A 347 45.09 2.99 -25.06
N VAL A 348 45.12 3.42 -26.33
CA VAL A 348 44.41 2.69 -27.38
C VAL A 348 45.01 1.30 -27.56
N ALA A 349 46.33 1.19 -27.57
CA ALA A 349 46.95 -0.13 -27.73
C ALA A 349 46.55 -1.05 -26.61
N ARG A 350 46.53 -0.54 -25.39
CA ARG A 350 46.07 -1.32 -24.26
C ARG A 350 44.60 -1.72 -24.42
N GLN A 351 43.77 -0.78 -24.88
CA GLN A 351 42.36 -1.10 -25.15
C GLN A 351 42.23 -2.28 -26.11
N GLN A 352 42.99 -2.25 -27.21
CA GLN A 352 42.91 -3.32 -28.19
C GLN A 352 43.36 -4.66 -27.62
N ALA A 353 44.34 -4.64 -26.70
CA ALA A 353 44.89 -5.86 -26.14
C ALA A 353 44.00 -6.50 -25.07
N VAL A 354 43.33 -5.72 -24.22
CA VAL A 354 42.67 -6.29 -23.05
C VAL A 354 41.14 -6.23 -23.10
N ILE A 355 40.54 -5.32 -23.86
CA ILE A 355 39.08 -5.17 -23.78
C ILE A 355 38.42 -6.24 -24.64
N ALA A 356 37.48 -6.97 -24.03
CA ALA A 356 36.77 -8.08 -24.69
C ALA A 356 37.73 -9.18 -25.13
N SER A 357 38.84 -9.32 -24.40
CA SER A 357 39.78 -10.40 -24.64
C SER A 357 39.11 -11.76 -24.44
N ALA A 358 39.73 -12.80 -24.99
CA ALA A 358 39.18 -14.14 -24.83
C ALA A 358 39.10 -14.53 -23.36
N GLU A 359 40.11 -14.16 -22.56
CA GLU A 359 40.10 -14.48 -21.14
C GLU A 359 38.91 -13.84 -20.42
N HIS A 360 38.58 -12.59 -20.76
CA HIS A 360 37.44 -11.94 -20.15
C HIS A 360 36.13 -12.55 -20.61
N ALA A 361 36.05 -12.96 -21.88
CA ALA A 361 34.84 -13.61 -22.38
C ALA A 361 34.61 -14.94 -21.68
N ALA A 362 35.69 -15.60 -21.27
CA ALA A 362 35.58 -16.90 -20.62
C ALA A 362 35.10 -16.74 -19.16
N VAL A 363 35.55 -15.71 -18.47
CA VAL A 363 34.97 -15.41 -17.15
C VAL A 363 33.47 -15.19 -17.29
N ASN A 364 33.09 -14.38 -18.29
CA ASN A 364 31.69 -14.03 -18.50
C ASN A 364 30.84 -15.27 -18.74
N LEU A 365 31.32 -16.18 -19.59
CA LEU A 365 30.56 -17.40 -19.85
C LEU A 365 30.44 -18.23 -18.58
N GLU A 366 31.50 -18.29 -17.78
CA GLU A 366 31.41 -19.04 -16.52
C GLU A 366 30.36 -18.44 -15.59
N VAL A 367 30.30 -17.10 -15.47
CA VAL A 367 29.28 -16.51 -14.59
C VAL A 367 27.89 -16.78 -15.13
N ALA A 368 27.69 -16.65 -16.44
CA ALA A 368 26.38 -16.89 -17.03
C ALA A 368 25.91 -18.32 -16.77
N ARG A 369 26.81 -19.28 -16.98
CA ARG A 369 26.47 -20.69 -16.79
C ARG A 369 26.09 -20.98 -15.34
N ARG A 370 26.90 -20.52 -14.38
CA ARG A 370 26.66 -20.83 -12.97
C ARG A 370 25.54 -19.98 -12.36
N SER A 371 25.08 -18.94 -13.04
CA SER A 371 24.10 -18.04 -12.44
C SER A 371 22.66 -18.45 -12.73
N LEU A 372 22.42 -19.25 -13.76
CA LEU A 372 21.04 -19.63 -14.06
C LEU A 372 20.50 -20.51 -12.94
N VAL A 373 19.21 -20.36 -12.64
CA VAL A 373 18.59 -21.07 -11.53
C VAL A 373 17.40 -21.82 -12.07
N LEU A 374 17.44 -23.14 -12.01
CA LEU A 374 16.31 -23.97 -12.39
C LEU A 374 15.36 -24.04 -11.21
N LEU A 375 14.15 -23.55 -11.38
CA LEU A 375 13.22 -23.41 -10.27
C LEU A 375 12.14 -24.48 -10.27
N THR A 376 11.68 -24.93 -11.43
CA THR A 376 10.77 -26.06 -11.53
C THR A 376 11.19 -26.91 -12.72
N ASN A 377 10.92 -28.21 -12.63
CA ASN A 377 11.26 -29.14 -13.71
C ASN A 377 10.43 -30.40 -13.49
N ASP A 378 9.52 -30.72 -14.41
CA ASP A 378 8.69 -31.90 -14.28
C ASP A 378 9.34 -33.15 -14.87
N GLY A 379 10.63 -33.09 -15.21
CA GLY A 379 11.30 -34.15 -15.91
C GLY A 379 11.60 -33.83 -17.36
N THR A 380 10.94 -32.83 -17.93
CA THR A 380 11.17 -32.43 -19.35
C THR A 380 12.64 -32.06 -19.57
N LEU A 381 13.29 -31.44 -18.59
CA LEU A 381 14.73 -31.11 -18.71
C LEU A 381 15.59 -32.14 -17.96
N PRO A 382 16.82 -32.47 -18.42
CA PRO A 382 17.38 -31.99 -19.70
C PRO A 382 16.62 -32.49 -20.94
N PHE A 383 16.40 -31.61 -21.93
CA PHE A 383 15.56 -31.96 -23.11
C PHE A 383 16.01 -33.23 -23.81
N ALA A 384 15.05 -34.07 -24.15
CA ALA A 384 15.31 -35.36 -24.83
C ALA A 384 16.33 -36.21 -24.08
N GLY A 385 16.42 -36.02 -22.76
CA GLY A 385 17.32 -36.78 -21.94
C GLY A 385 18.72 -36.22 -21.83
N GLY A 386 19.00 -35.08 -22.48
CA GLY A 386 20.31 -34.48 -22.39
C GLY A 386 21.18 -34.85 -23.56
N LEU A 387 21.99 -33.91 -24.04
CA LEU A 387 22.77 -34.10 -25.25
C LEU A 387 24.25 -34.03 -24.90
N ASP A 388 25.08 -34.55 -25.80
CA ASP A 388 26.53 -34.42 -25.74
C ASP A 388 26.99 -33.62 -26.94
N ARG A 389 28.23 -33.14 -26.85
CA ARG A 389 28.90 -32.56 -28.01
C ARG A 389 29.74 -33.63 -28.69
N ALA A 390 30.17 -33.34 -29.91
CA ALA A 390 31.13 -34.21 -30.58
C ALA A 390 32.42 -34.26 -29.76
N ALA A 391 32.98 -35.47 -29.64
CA ALA A 391 34.12 -35.67 -28.78
C ALA A 391 35.30 -34.80 -29.22
N GLY A 392 36.02 -34.26 -28.23
CA GLY A 392 37.10 -33.34 -28.51
C GLY A 392 36.68 -31.97 -29.01
N THR A 393 35.39 -31.75 -29.23
CA THR A 393 34.86 -30.45 -29.67
C THR A 393 34.03 -29.86 -28.54
N PRO A 394 34.65 -29.18 -27.57
CA PRO A 394 33.88 -28.65 -26.43
C PRO A 394 33.12 -27.39 -26.76
N ASP A 395 33.09 -27.01 -28.05
CA ASP A 395 32.51 -25.75 -28.47
C ASP A 395 31.50 -25.85 -29.60
N GLY A 396 31.44 -26.97 -30.32
CA GLY A 396 30.56 -27.08 -31.48
C GLY A 396 29.13 -27.40 -31.11
N ARG A 397 28.34 -27.67 -32.15
CA ARG A 397 26.96 -28.11 -31.97
C ARG A 397 26.90 -29.37 -31.12
N ALA A 398 25.76 -29.53 -30.45
CA ALA A 398 25.42 -30.78 -29.80
C ALA A 398 25.08 -31.84 -30.84
N LEU A 399 25.17 -33.09 -30.42
CA LEU A 399 24.80 -34.23 -31.25
C LEU A 399 23.38 -34.68 -30.91
N ALA A 400 22.61 -35.01 -31.94
CA ALA A 400 21.29 -35.58 -31.71
C ALA A 400 21.43 -36.86 -30.89
N PRO A 401 20.57 -37.08 -29.92
CA PRO A 401 20.73 -38.21 -29.01
C PRO A 401 20.01 -39.45 -29.52
N ALA A 402 20.27 -40.56 -28.82
CA ALA A 402 19.66 -41.83 -29.19
C ALA A 402 18.14 -41.71 -29.13
N GLY A 403 17.49 -42.10 -30.23
CA GLY A 403 16.05 -42.08 -30.26
C GLY A 403 15.39 -40.74 -30.50
N ALA A 404 16.15 -39.69 -30.84
CA ALA A 404 15.58 -38.37 -31.12
C ALA A 404 16.32 -37.71 -32.28
N PRO A 405 16.16 -38.23 -33.51
CA PRO A 405 16.95 -37.67 -34.62
C PRO A 405 16.50 -36.30 -35.06
N ALA A 406 15.21 -35.99 -35.01
CA ALA A 406 14.69 -34.70 -35.46
C ALA A 406 13.77 -34.12 -34.38
N ARG A 407 14.16 -32.99 -33.80
CA ARG A 407 13.31 -32.27 -32.85
C ARG A 407 13.32 -30.80 -33.22
N THR A 408 12.17 -30.14 -33.02
CA THR A 408 12.06 -28.71 -33.26
C THR A 408 11.83 -27.99 -31.93
N ILE A 409 12.59 -26.93 -31.70
CA ILE A 409 12.46 -26.09 -30.50
C ILE A 409 11.96 -24.73 -30.96
N ALA A 410 10.78 -24.34 -30.49
CA ALA A 410 10.21 -23.03 -30.81
C ALA A 410 10.60 -22.04 -29.72
N VAL A 411 11.38 -21.03 -30.08
CA VAL A 411 11.81 -19.99 -29.14
C VAL A 411 10.92 -18.78 -29.33
N VAL A 412 10.19 -18.40 -28.27
CA VAL A 412 9.13 -17.42 -28.37
C VAL A 412 9.21 -16.46 -27.17
N GLY A 413 8.55 -15.31 -27.30
CA GLY A 413 8.46 -14.36 -26.21
C GLY A 413 9.25 -13.09 -26.47
N PRO A 414 8.83 -11.98 -25.85
CA PRO A 414 9.45 -10.68 -26.17
C PRO A 414 10.93 -10.63 -25.83
N ASN A 415 11.40 -11.42 -24.87
CA ASN A 415 12.80 -11.32 -24.49
C ASN A 415 13.65 -12.40 -25.13
N ALA A 416 13.08 -13.20 -26.05
CA ALA A 416 13.80 -14.34 -26.64
C ALA A 416 14.97 -13.92 -27.52
N ASP A 417 14.91 -12.71 -28.12
CA ASP A 417 15.94 -12.28 -29.05
C ASP A 417 16.27 -10.79 -28.85
N ASP A 418 16.10 -10.29 -27.62
CA ASP A 418 16.30 -8.88 -27.30
C ASP A 418 17.67 -8.76 -26.62
N ASP A 419 18.70 -8.44 -27.40
CA ASP A 419 20.04 -8.35 -26.82
C ASP A 419 20.20 -7.14 -25.88
N HIS A 420 19.35 -6.12 -25.95
CA HIS A 420 19.49 -5.00 -25.02
C HIS A 420 18.93 -5.33 -23.64
N THR A 421 17.68 -5.77 -23.59
CA THR A 421 17.06 -6.22 -22.36
C THR A 421 17.89 -7.31 -21.66
N GLN A 422 18.59 -8.14 -22.43
CA GLN A 422 19.39 -9.21 -21.83
C GLN A 422 20.53 -8.65 -20.99
N LEU A 423 21.11 -7.53 -21.42
CA LEU A 423 22.21 -6.91 -20.67
C LEU A 423 21.72 -6.15 -19.44
N GLY A 424 20.47 -5.71 -19.44
CA GLY A 424 19.91 -5.06 -18.27
C GLY A 424 20.26 -3.58 -18.15
N ASP A 425 19.82 -3.00 -17.04
CA ASP A 425 20.11 -1.62 -16.71
C ASP A 425 21.60 -1.46 -16.48
N TRP A 426 22.07 -0.20 -16.62
CA TRP A 426 23.47 0.17 -16.43
C TRP A 426 24.38 -0.57 -17.41
N ALA A 427 24.01 -0.50 -18.69
CA ALA A 427 24.78 -1.14 -19.75
C ALA A 427 24.33 -0.58 -21.09
N GLY A 428 25.29 -0.29 -21.96
CA GLY A 428 24.93 0.03 -23.33
C GLY A 428 24.08 1.27 -23.42
N ALA A 429 22.94 1.16 -24.08
CA ALA A 429 22.00 2.26 -24.24
C ALA A 429 20.95 2.33 -23.13
N SER A 430 21.26 1.82 -21.94
CA SER A 430 20.27 1.87 -20.86
C SER A 430 19.83 3.30 -20.56
N GLY A 431 20.67 4.29 -20.85
CA GLY A 431 20.21 5.66 -20.80
C GLY A 431 21.06 6.64 -20.02
N GLN A 432 21.94 6.16 -19.15
CA GLN A 432 22.69 7.09 -18.31
C GLN A 432 23.86 7.75 -19.06
N ALA A 433 24.30 7.17 -20.17
CA ALA A 433 25.33 7.74 -21.03
C ALA A 433 24.72 8.05 -22.39
N ASP A 434 25.23 9.10 -23.04
CA ASP A 434 24.61 9.60 -24.26
C ASP A 434 25.48 9.41 -25.50
N TRP A 435 26.60 8.69 -25.37
CA TRP A 435 27.55 8.53 -26.50
C TRP A 435 27.49 7.14 -27.14
N LEU A 436 26.53 6.31 -26.76
CA LEU A 436 26.37 4.98 -27.38
C LEU A 436 24.89 4.72 -27.73
N PRO A 437 24.33 5.50 -28.67
CA PRO A 437 22.91 5.37 -29.01
C PRO A 437 22.54 3.99 -29.56
N ASP A 438 23.48 3.30 -30.19
CA ASP A 438 23.18 2.00 -30.79
C ASP A 438 23.69 0.84 -29.95
N GLY A 439 24.09 1.08 -28.69
CA GLY A 439 24.37 0.00 -27.77
C GLY A 439 25.72 -0.67 -28.00
N HIS A 440 25.88 -1.84 -27.39
CA HIS A 440 27.08 -2.62 -27.62
C HIS A 440 26.93 -3.38 -28.94
N PRO A 441 28.05 -3.81 -29.52
CA PRO A 441 27.97 -4.49 -30.84
C PRO A 441 27.17 -5.78 -30.77
N ARG A 442 26.24 -5.93 -31.71
CA ARG A 442 25.31 -7.05 -31.70
C ARG A 442 26.01 -8.39 -31.60
N GLU A 443 27.17 -8.53 -32.24
CA GLU A 443 27.82 -9.84 -32.32
C GLU A 443 28.29 -10.33 -30.96
N MET A 444 28.40 -9.46 -29.97
CA MET A 444 28.94 -9.84 -28.66
C MET A 444 27.93 -10.48 -27.73
N THR A 445 26.64 -10.34 -28.02
CA THR A 445 25.59 -10.89 -27.18
C THR A 445 24.96 -12.07 -27.87
N THR A 446 24.91 -13.20 -27.18
CA THR A 446 24.16 -14.37 -27.63
C THR A 446 22.82 -14.35 -26.92
N THR A 447 21.75 -14.08 -27.68
CA THR A 447 20.41 -14.14 -27.11
C THR A 447 19.98 -15.61 -26.95
N VAL A 448 18.83 -15.82 -26.31
CA VAL A 448 18.34 -17.20 -26.15
C VAL A 448 18.12 -17.82 -27.52
N LEU A 449 17.53 -17.07 -28.45
CA LEU A 449 17.35 -17.57 -29.82
C LEU A 449 18.70 -17.90 -30.45
N ASP A 450 19.67 -16.98 -30.36
CA ASP A 450 21.01 -17.26 -30.89
C ASP A 450 21.58 -18.56 -30.31
N GLY A 451 21.40 -18.77 -29.01
CA GLY A 451 22.07 -19.89 -28.36
C GLY A 451 21.52 -21.22 -28.84
N PHE A 452 20.20 -21.32 -28.99
CA PHE A 452 19.62 -22.56 -29.49
C PHE A 452 19.97 -22.77 -30.96
N ARG A 453 19.96 -21.70 -31.78
CA ARG A 453 20.33 -21.84 -33.19
C ARG A 453 21.76 -22.35 -33.34
N ALA A 454 22.66 -21.89 -32.49
CA ALA A 454 24.05 -22.29 -32.62
C ALA A 454 24.30 -23.70 -32.08
N LEU A 455 23.48 -24.15 -31.13
CA LEU A 455 23.78 -25.41 -30.44
C LEU A 455 22.92 -26.58 -30.85
N ALA A 456 21.74 -26.34 -31.42
CA ALA A 456 20.85 -27.44 -31.77
C ALA A 456 21.56 -28.38 -32.75
N PRO A 457 21.36 -29.69 -32.62
CA PRO A 457 21.99 -30.62 -33.57
C PRO A 457 21.62 -30.32 -35.01
N GLU A 458 22.51 -30.75 -35.92
CA GLU A 458 22.30 -30.57 -37.35
C GLU A 458 20.90 -30.95 -37.80
N GLY A 459 20.40 -32.10 -37.36
CA GLY A 459 19.11 -32.52 -37.81
C GLY A 459 17.90 -31.95 -37.09
N TRP A 460 18.13 -31.07 -36.11
CA TRP A 460 17.07 -30.40 -35.38
C TRP A 460 16.79 -29.04 -36.00
N ALA A 461 15.68 -28.41 -35.59
CA ALA A 461 15.29 -27.09 -36.09
C ALA A 461 14.92 -26.18 -34.93
N VAL A 462 15.18 -24.88 -35.11
CA VAL A 462 14.82 -23.86 -34.13
C VAL A 462 13.94 -22.84 -34.83
N THR A 463 12.71 -22.68 -34.36
CA THR A 463 11.82 -21.66 -34.91
C THR A 463 11.64 -20.54 -33.90
N HIS A 464 11.11 -19.41 -34.38
CA HIS A 464 10.97 -18.20 -33.58
C HIS A 464 9.63 -17.54 -33.86
N ALA A 465 9.00 -17.04 -32.80
CA ALA A 465 7.81 -16.20 -32.90
C ALA A 465 7.78 -15.27 -31.69
N ARG A 466 7.54 -13.98 -31.92
CA ARG A 466 7.61 -13.02 -30.83
C ARG A 466 6.55 -13.29 -29.76
N GLY A 467 5.30 -13.50 -30.18
CA GLY A 467 4.26 -13.95 -29.29
C GLY A 467 3.58 -12.86 -28.48
N ALA A 468 4.36 -11.92 -27.96
CA ALA A 468 3.79 -10.86 -27.14
C ALA A 468 4.73 -9.67 -27.14
N ASP A 469 4.13 -8.48 -27.05
CA ASP A 469 4.87 -7.28 -26.73
C ASP A 469 4.62 -6.92 -25.27
N ILE A 470 5.50 -6.06 -24.75
CA ILE A 470 5.41 -5.66 -23.35
C ILE A 470 4.73 -4.30 -23.23
N LEU A 471 5.26 -3.27 -23.91
CA LEU A 471 4.76 -1.93 -23.67
C LEU A 471 5.05 -1.00 -24.84
N THR A 472 4.36 0.13 -24.80
CA THR A 472 4.73 1.33 -25.55
C THR A 472 4.71 2.50 -24.58
N LEU A 473 5.31 3.61 -25.00
CA LEU A 473 5.37 4.83 -24.21
C LEU A 473 4.43 5.88 -24.79
N ALA A 474 3.77 6.63 -23.91
CA ALA A 474 2.85 7.69 -24.30
C ALA A 474 3.20 8.96 -23.55
N PRO A 475 2.95 10.13 -24.16
CA PRO A 475 3.20 11.39 -23.46
C PRO A 475 2.44 11.48 -22.15
N ASP A 476 3.03 12.19 -21.19
CA ASP A 476 2.47 12.35 -19.85
C ASP A 476 1.00 12.78 -19.85
N PRO A 489 8.63 12.67 -17.71
CA PRO A 489 8.87 11.64 -18.73
C PRO A 489 7.58 11.10 -19.35
N GLN A 490 7.70 10.28 -20.39
CA GLN A 490 6.55 9.55 -20.91
C GLN A 490 6.13 8.45 -19.92
N VAL A 491 4.86 7.99 -20.06
CA VAL A 491 4.27 6.95 -19.23
C VAL A 491 4.23 5.62 -19.98
N VAL A 492 4.34 4.52 -19.23
CA VAL A 492 4.24 3.17 -19.78
C VAL A 492 2.78 2.85 -20.06
N VAL A 493 2.51 2.36 -21.27
CA VAL A 493 1.21 1.83 -21.66
C VAL A 493 1.40 0.34 -21.94
N PRO A 494 0.80 -0.56 -21.15
CA PRO A 494 0.96 -2.00 -21.42
C PRO A 494 0.43 -2.37 -22.81
N ALA A 495 1.15 -3.25 -23.49
CA ALA A 495 0.73 -3.70 -24.81
C ALA A 495 -0.64 -4.38 -24.74
N ALA A 496 -1.52 -3.99 -25.64
CA ALA A 496 -2.89 -4.48 -25.67
C ALA A 496 -2.94 -5.94 -26.15
N PRO A 497 -4.09 -6.61 -25.98
CA PRO A 497 -4.22 -7.97 -26.52
C PRO A 497 -3.96 -8.02 -28.01
N ASP A 498 -3.21 -9.05 -28.44
CA ASP A 498 -2.84 -9.22 -29.85
C ASP A 498 -3.06 -10.69 -30.23
N ASP A 499 -4.30 -11.01 -30.60
CA ASP A 499 -4.66 -12.37 -30.94
C ASP A 499 -3.80 -12.93 -32.07
N ALA A 500 -3.47 -12.10 -33.06
CA ALA A 500 -2.73 -12.62 -34.21
C ALA A 500 -1.30 -12.99 -33.82
N LEU A 501 -0.67 -12.20 -32.97
CA LEU A 501 0.68 -12.52 -32.52
C LEU A 501 0.70 -13.78 -31.67
N ILE A 502 -0.31 -13.98 -30.83
CA ILE A 502 -0.35 -15.19 -30.02
C ILE A 502 -0.60 -16.41 -30.90
N ALA A 503 -1.49 -16.28 -31.89
CA ALA A 503 -1.77 -17.39 -32.79
C ALA A 503 -0.51 -17.83 -33.53
N GLU A 504 0.32 -16.87 -33.96
CA GLU A 504 1.58 -17.21 -34.61
C GLU A 504 2.45 -18.07 -33.69
N ALA A 505 2.59 -17.65 -32.44
CA ALA A 505 3.41 -18.39 -31.49
C ALA A 505 2.79 -19.72 -31.13
N VAL A 506 1.45 -19.77 -31.05
CA VAL A 506 0.77 -21.03 -30.77
C VAL A 506 0.98 -22.01 -31.92
N ALA A 507 0.91 -21.52 -33.17
CA ALA A 507 1.17 -22.38 -34.32
C ALA A 507 2.60 -22.89 -34.31
N ALA A 508 3.56 -22.03 -33.99
CA ALA A 508 4.94 -22.49 -33.86
C ALA A 508 5.07 -23.58 -32.80
N ALA A 509 4.41 -23.41 -31.65
CA ALA A 509 4.52 -24.38 -30.56
C ALA A 509 3.84 -25.71 -30.92
N ARG A 510 2.67 -25.66 -31.57
CA ARG A 510 2.00 -26.87 -32.00
C ARG A 510 2.82 -27.63 -33.02
N ASP A 511 3.67 -26.92 -33.77
CA ASP A 511 4.57 -27.53 -34.73
C ASP A 511 5.96 -27.75 -34.16
N ALA A 512 6.08 -27.91 -32.84
CA ALA A 512 7.39 -28.13 -32.23
C ALA A 512 7.29 -29.22 -31.17
N ASP A 513 8.45 -29.66 -30.71
CA ASP A 513 8.57 -30.61 -29.61
C ASP A 513 8.74 -29.93 -28.27
N LEU A 514 9.14 -28.65 -28.28
CA LEU A 514 9.45 -27.91 -27.07
C LEU A 514 9.22 -26.43 -27.39
N ALA A 515 8.62 -25.70 -26.47
CA ALA A 515 8.48 -24.26 -26.60
C ALA A 515 9.24 -23.62 -25.45
N VAL A 516 10.20 -22.77 -25.79
CA VAL A 516 10.97 -22.02 -24.80
C VAL A 516 10.46 -20.58 -24.84
N ALA A 517 9.70 -20.19 -23.81
CA ALA A 517 9.09 -18.86 -23.76
C ALA A 517 9.90 -17.95 -22.84
N VAL A 518 10.48 -16.90 -23.43
CA VAL A 518 11.40 -16.01 -22.75
C VAL A 518 10.66 -14.72 -22.43
N VAL A 519 10.36 -14.53 -21.16
CA VAL A 519 9.54 -13.44 -20.68
C VAL A 519 10.30 -12.69 -19.59
N GLY A 520 9.77 -11.53 -19.22
CA GLY A 520 10.29 -10.76 -18.10
C GLY A 520 9.92 -9.29 -18.18
N ASP A 521 10.87 -8.40 -17.90
CA ASP A 521 10.59 -6.98 -17.98
C ASP A 521 11.60 -6.31 -18.90
N ARG A 522 11.60 -4.97 -18.96
CA ARG A 522 12.51 -4.25 -19.83
C ARG A 522 12.73 -2.86 -19.24
N ILE A 523 13.57 -2.05 -19.92
CA ILE A 523 14.22 -0.93 -19.26
C ILE A 523 13.23 0.09 -18.69
N GLU A 524 12.06 0.26 -19.34
CA GLU A 524 11.12 1.26 -18.85
C GLU A 524 10.43 0.84 -17.56
N LEU A 525 10.59 -0.42 -17.14
CA LEU A 525 10.00 -0.95 -15.92
C LEU A 525 11.07 -1.25 -14.87
N VAL A 526 12.25 -0.67 -15.02
CA VAL A 526 13.43 -1.01 -14.23
C VAL A 526 14.14 0.26 -13.84
N GLY A 527 14.59 0.36 -12.58
CA GLY A 527 15.66 1.30 -12.24
C GLY A 527 15.20 2.57 -11.54
N GLU A 528 16.05 3.59 -11.63
CA GLU A 528 15.77 4.88 -10.99
C GLU A 528 14.45 5.46 -11.48
N GLY A 529 13.62 5.91 -10.53
CA GLY A 529 12.33 6.49 -10.85
C GLY A 529 11.31 5.53 -11.40
N ARG A 530 11.58 4.22 -11.33
CA ARG A 530 10.80 3.23 -12.05
C ARG A 530 10.58 1.99 -11.18
N SER A 531 10.19 2.21 -9.92
CA SER A 531 9.68 1.14 -9.08
C SER A 531 8.40 0.60 -9.69
N THR A 532 8.02 -0.62 -9.31
CA THR A 532 6.75 -1.16 -9.78
C THR A 532 5.87 -1.50 -8.59
N ALA A 533 4.56 -1.39 -8.80
CA ALA A 533 3.62 -1.74 -7.74
C ALA A 533 3.17 -3.20 -7.77
N THR A 534 3.00 -3.80 -8.96
CA THR A 534 2.33 -5.09 -9.05
C THR A 534 3.29 -6.26 -9.22
N LEU A 535 4.51 -6.03 -9.65
CA LEU A 535 5.50 -7.08 -9.90
C LEU A 535 5.07 -8.07 -10.99
N GLU A 536 4.01 -7.79 -11.73
CA GLU A 536 3.51 -8.73 -12.72
C GLU A 536 4.20 -8.53 -14.07
N LEU A 537 4.11 -9.58 -14.91
CA LEU A 537 4.51 -9.46 -16.30
C LEU A 537 3.58 -8.48 -17.00
N VAL A 538 4.16 -7.51 -17.66
CA VAL A 538 3.39 -6.46 -18.33
C VAL A 538 3.13 -6.84 -19.78
N GLY A 539 1.94 -6.49 -20.27
CA GLY A 539 1.62 -6.63 -21.68
C GLY A 539 0.93 -7.95 -22.02
N GLY A 540 1.24 -8.49 -23.18
CA GLY A 540 0.63 -9.74 -23.62
C GLY A 540 1.29 -11.00 -23.11
N GLN A 541 2.25 -10.91 -22.18
CA GLN A 541 3.04 -12.07 -21.79
C GLN A 541 2.21 -13.12 -21.06
N VAL A 542 1.31 -12.71 -20.16
CA VAL A 542 0.46 -13.68 -19.47
C VAL A 542 -0.41 -14.43 -20.47
N ALA A 543 -1.04 -13.69 -21.38
CA ALA A 543 -1.88 -14.31 -22.41
C ALA A 543 -1.08 -15.30 -23.26
N LEU A 544 0.16 -14.94 -23.61
CA LEU A 544 1.03 -15.85 -24.36
C LEU A 544 1.30 -17.13 -23.59
N LEU A 545 1.70 -17.00 -22.32
CA LEU A 545 2.01 -18.18 -21.51
C LEU A 545 0.79 -19.08 -21.37
N ASP A 546 -0.39 -18.49 -21.11
CA ASP A 546 -1.62 -19.29 -21.06
C ASP A 546 -1.80 -20.09 -22.34
N ALA A 547 -1.73 -19.40 -23.49
CA ALA A 547 -1.98 -20.05 -24.77
C ALA A 547 -0.92 -21.10 -25.11
N LEU A 548 0.34 -20.88 -24.71
CA LEU A 548 1.38 -21.84 -25.00
C LEU A 548 1.20 -23.13 -24.22
N VAL A 549 0.93 -23.01 -22.91
CA VAL A 549 0.79 -24.20 -22.10
C VAL A 549 -0.40 -25.03 -22.56
N ALA A 550 -1.45 -24.37 -23.06
CA ALA A 550 -2.63 -25.10 -23.50
C ALA A 550 -2.44 -25.87 -24.81
N THR A 551 -1.33 -25.67 -25.54
CA THR A 551 -1.13 -26.42 -26.79
C THR A 551 -0.87 -27.91 -26.53
N GLY A 552 -0.36 -28.25 -25.36
CA GLY A 552 0.13 -29.59 -25.13
C GLY A 552 1.60 -29.78 -25.44
N THR A 553 2.25 -28.80 -26.08
CA THR A 553 3.69 -28.89 -26.24
C THR A 553 4.36 -28.45 -24.95
N PRO A 554 5.33 -29.20 -24.42
CA PRO A 554 5.97 -28.79 -23.17
C PRO A 554 6.62 -27.42 -23.29
N VAL A 555 6.45 -26.61 -22.25
CA VAL A 555 6.85 -25.21 -22.24
C VAL A 555 7.89 -25.01 -21.14
N VAL A 556 9.04 -24.46 -21.52
CA VAL A 556 10.06 -24.00 -20.58
C VAL A 556 9.96 -22.48 -20.51
N VAL A 557 9.65 -21.95 -19.33
CA VAL A 557 9.60 -20.51 -19.12
C VAL A 557 10.98 -20.05 -18.69
N VAL A 558 11.58 -19.14 -19.45
CA VAL A 558 12.87 -18.55 -19.10
C VAL A 558 12.59 -17.09 -18.74
N VAL A 559 12.91 -16.71 -17.52
CA VAL A 559 12.62 -15.36 -17.03
C VAL A 559 13.90 -14.55 -17.17
N VAL A 560 13.91 -13.63 -18.12
CA VAL A 560 14.98 -12.65 -18.28
C VAL A 560 14.37 -11.35 -17.76
N ALA A 561 14.72 -10.97 -16.53
CA ALA A 561 14.11 -9.81 -15.89
C ALA A 561 15.08 -9.23 -14.88
N SER A 562 14.85 -7.95 -14.55
CA SER A 562 15.71 -7.27 -13.60
C SER A 562 15.57 -7.84 -12.20
N LYS A 563 14.38 -8.32 -11.84
CA LYS A 563 14.10 -8.64 -10.45
C LYS A 563 13.02 -9.71 -10.41
N PRO A 564 12.82 -10.35 -9.25
CA PRO A 564 11.80 -11.41 -9.16
C PRO A 564 10.40 -10.87 -9.41
N LEU A 565 9.70 -11.50 -10.36
CA LEU A 565 8.36 -11.08 -10.75
C LEU A 565 7.34 -12.09 -10.28
N VAL A 566 6.09 -11.64 -10.13
CA VAL A 566 4.99 -12.57 -9.96
C VAL A 566 4.69 -13.25 -11.29
N LEU A 567 4.70 -14.59 -11.30
CA LEU A 567 4.44 -15.33 -12.52
C LEU A 567 3.02 -15.89 -12.52
N PRO A 568 2.33 -15.91 -13.64
CA PRO A 568 0.93 -16.34 -13.65
C PRO A 568 0.83 -17.83 -13.40
N PRO A 569 -0.38 -18.33 -13.08
CA PRO A 569 -0.55 -19.78 -12.88
C PRO A 569 -0.05 -20.63 -14.04
N SER A 570 -0.19 -20.16 -15.29
CA SER A 570 0.29 -20.95 -16.42
C SER A 570 1.80 -21.19 -16.34
N ALA A 571 2.57 -20.23 -15.82
CA ALA A 571 4.00 -20.46 -15.65
C ALA A 571 4.26 -21.54 -14.61
N HIS A 572 3.41 -21.63 -13.59
CA HIS A 572 3.56 -22.67 -12.59
C HIS A 572 3.02 -24.01 -13.06
N ALA A 573 2.21 -24.04 -14.13
CA ALA A 573 1.82 -25.29 -14.76
C ALA A 573 2.75 -25.71 -15.89
N ALA A 574 3.64 -24.83 -16.34
CA ALA A 574 4.59 -25.17 -17.39
C ALA A 574 5.54 -26.29 -16.94
N ALA A 575 6.22 -26.88 -17.93
CA ALA A 575 7.10 -28.02 -17.66
C ALA A 575 8.31 -27.64 -16.82
N ALA A 576 8.83 -26.42 -17.01
CA ALA A 576 10.02 -25.98 -16.29
C ALA A 576 10.10 -24.46 -16.30
N VAL A 577 10.72 -23.91 -15.26
CA VAL A 577 10.91 -22.47 -15.09
C VAL A 577 12.38 -22.22 -14.81
N VAL A 578 13.02 -21.37 -15.61
CA VAL A 578 14.41 -20.99 -15.42
C VAL A 578 14.46 -19.49 -15.13
N TRP A 579 15.13 -19.12 -14.04
CA TRP A 579 15.38 -17.72 -13.68
C TRP A 579 16.77 -17.35 -14.18
N ALA A 580 16.85 -16.32 -15.02
CA ALA A 580 18.12 -15.89 -15.59
C ALA A 580 18.54 -14.48 -15.19
N ALA A 581 17.72 -13.77 -14.43
CA ALA A 581 17.97 -12.36 -14.12
C ALA A 581 18.27 -11.62 -15.42
N ASN A 582 19.29 -10.75 -15.45
CA ASN A 582 19.81 -10.25 -16.74
C ASN A 582 21.16 -10.93 -16.91
N PRO A 583 21.29 -11.91 -17.79
CA PRO A 583 22.45 -12.80 -17.75
C PRO A 583 23.67 -12.35 -18.55
N GLY A 584 23.73 -11.09 -19.01
CA GLY A 584 24.90 -10.60 -19.69
C GLY A 584 25.02 -11.13 -21.11
N MET A 585 26.20 -10.91 -21.69
CA MET A 585 26.42 -11.15 -23.13
C MET A 585 26.40 -12.63 -23.48
N ARG A 586 26.84 -13.51 -22.58
CA ARG A 586 26.86 -14.95 -22.84
C ARG A 586 25.59 -15.65 -22.37
N GLY A 587 24.60 -14.89 -21.88
CA GLY A 587 23.46 -15.52 -21.23
C GLY A 587 22.70 -16.50 -22.12
N GLY A 588 22.55 -16.17 -23.41
CA GLY A 588 21.76 -17.03 -24.27
C GLY A 588 22.42 -18.36 -24.55
N GLN A 589 23.74 -18.40 -24.56
CA GLN A 589 24.44 -19.68 -24.67
C GLN A 589 24.23 -20.54 -23.44
N ALA A 590 24.31 -19.92 -22.26
CA ALA A 590 24.09 -20.67 -21.02
C ALA A 590 22.67 -21.22 -20.98
N VAL A 591 21.69 -20.44 -21.41
CA VAL A 591 20.31 -20.93 -21.36
C VAL A 591 20.15 -22.15 -22.26
N ALA A 592 20.66 -22.07 -23.49
CA ALA A 592 20.57 -23.22 -24.39
C ALA A 592 21.35 -24.41 -23.86
N GLU A 593 22.57 -24.19 -23.37
CA GLU A 593 23.35 -25.30 -22.83
C GLU A 593 22.62 -25.97 -21.67
N LEU A 594 22.01 -25.18 -20.79
CA LEU A 594 21.29 -25.75 -19.66
C LEU A 594 20.10 -26.58 -20.12
N VAL A 595 19.29 -26.01 -21.01
CA VAL A 595 18.09 -26.71 -21.46
C VAL A 595 18.45 -28.02 -22.18
N LEU A 596 19.54 -28.01 -22.95
CA LEU A 596 19.93 -29.20 -23.69
C LEU A 596 20.78 -30.16 -22.86
N GLY A 597 21.02 -29.86 -21.58
CA GLY A 597 21.84 -30.72 -20.75
C GLY A 597 23.31 -30.70 -21.07
N LEU A 598 23.81 -29.66 -21.74
CA LEU A 598 25.24 -29.52 -21.98
C LEU A 598 25.98 -29.04 -20.75
N ILE A 599 25.28 -28.46 -19.78
CA ILE A 599 25.81 -28.11 -18.49
C ILE A 599 24.81 -28.57 -17.45
N GLU A 600 25.28 -28.70 -16.16
CA GLU A 600 24.32 -28.92 -15.09
C GLU A 600 23.93 -27.61 -14.43
N PRO A 601 22.69 -27.46 -13.96
CA PRO A 601 22.33 -26.23 -13.22
C PRO A 601 23.06 -26.14 -11.90
N GLU A 602 23.57 -24.95 -11.59
CA GLU A 602 24.22 -24.69 -10.30
C GLU A 602 23.62 -23.51 -9.53
N GLY A 603 22.97 -22.56 -10.19
CA GLY A 603 22.53 -21.35 -9.52
C GLY A 603 21.58 -21.64 -8.37
N ARG A 604 21.66 -20.78 -7.35
CA ARG A 604 20.76 -20.81 -6.21
C ARG A 604 20.29 -19.39 -5.93
N LEU A 605 18.99 -19.23 -5.68
CA LEU A 605 18.40 -17.91 -5.56
C LEU A 605 19.11 -17.09 -4.48
N PRO A 606 19.54 -15.87 -4.79
CA PRO A 606 20.01 -14.96 -3.75
C PRO A 606 18.91 -14.07 -3.20
N ILE A 607 17.66 -14.36 -3.52
CA ILE A 607 16.54 -13.47 -3.23
C ILE A 607 15.29 -14.31 -3.38
N SER A 608 14.26 -13.97 -2.60
CA SER A 608 13.00 -14.70 -2.64
C SER A 608 12.00 -14.05 -3.58
N PHE A 609 11.06 -14.87 -4.07
CA PHE A 609 10.05 -14.46 -5.04
C PHE A 609 8.71 -14.40 -4.33
N ALA A 610 8.00 -13.29 -4.48
CA ALA A 610 6.69 -13.16 -3.85
C ALA A 610 5.60 -13.65 -4.80
N ARG A 611 4.48 -14.06 -4.22
CA ARG A 611 3.29 -14.44 -4.97
C ARG A 611 2.38 -13.25 -5.27
N HIS A 612 2.64 -12.12 -4.63
CA HIS A 612 1.84 -10.90 -4.73
C HIS A 612 2.62 -9.81 -4.02
N ALA A 613 2.55 -8.58 -4.54
CA ALA A 613 3.25 -7.49 -3.87
C ALA A 613 2.79 -7.33 -2.42
N GLY A 614 1.49 -7.52 -2.19
CA GLY A 614 0.96 -7.37 -0.83
C GLY A 614 1.37 -8.48 0.13
N GLN A 615 2.04 -9.51 -0.37
CA GLN A 615 2.51 -10.62 0.46
C GLN A 615 3.77 -10.26 1.26
N GLN A 616 4.47 -9.19 0.85
CA GLN A 616 5.76 -8.89 1.43
C GLN A 616 5.63 -8.43 2.88
N PRO A 617 6.67 -8.64 3.71
CA PRO A 617 8.00 -9.18 3.42
C PRO A 617 8.07 -10.66 3.03
N THR A 618 8.86 -10.95 2.00
CA THR A 618 9.10 -12.31 1.56
C THR A 618 10.56 -12.72 1.67
N TYR A 619 11.44 -11.83 2.12
CA TYR A 619 12.81 -12.26 2.42
C TYR A 619 12.78 -13.31 3.53
N TYR A 620 13.82 -14.13 3.58
CA TYR A 620 13.78 -15.31 4.46
C TYR A 620 14.00 -14.95 5.93
N ASN A 621 14.73 -13.88 6.21
CA ASN A 621 15.15 -13.59 7.59
C ASN A 621 14.14 -12.69 8.30
N VAL A 622 12.93 -13.21 8.45
CA VAL A 622 11.80 -12.46 9.01
C VAL A 622 11.89 -12.44 10.53
N VAL A 623 11.67 -11.25 11.10
CA VAL A 623 11.70 -11.07 12.55
C VAL A 623 10.48 -11.73 13.20
N ARG A 624 10.70 -12.43 14.31
CA ARG A 624 9.61 -13.16 14.94
C ARG A 624 8.59 -12.23 15.59
N GLY A 625 7.38 -12.74 15.79
CA GLY A 625 6.42 -12.07 16.66
C GLY A 625 4.98 -12.09 16.19
N GLN A 626 4.77 -12.42 14.92
CA GLN A 626 3.47 -12.27 14.28
C GLN A 626 2.42 -13.18 14.93
N HIS A 627 1.20 -12.65 15.09
CA HIS A 627 0.03 -13.43 15.49
C HIS A 627 -0.58 -14.01 14.22
N GLY A 628 -0.30 -15.28 13.95
CA GLY A 628 -0.76 -15.95 12.75
C GLY A 628 0.38 -16.26 11.80
N VAL A 629 0.05 -17.09 10.79
CA VAL A 629 1.08 -17.59 9.84
C VAL A 629 0.73 -17.21 8.40
N ARG A 630 -0.50 -16.80 8.16
CA ARG A 630 -0.95 -16.47 6.79
C ARG A 630 -1.87 -15.26 6.73
N TYR A 631 -1.97 -14.70 5.53
CA TYR A 631 -2.99 -13.66 5.31
C TYR A 631 -4.29 -14.42 5.07
N ALA A 632 -5.41 -13.79 5.35
CA ALA A 632 -6.69 -14.45 5.20
C ALA A 632 -6.96 -14.81 3.75
N ASP A 633 -6.40 -14.07 2.80
CA ASP A 633 -6.62 -14.36 1.40
C ASP A 633 -5.38 -14.91 0.70
N LEU A 634 -4.32 -15.22 1.44
CA LEU A 634 -3.09 -15.58 0.74
C LEU A 634 -2.06 -16.15 1.70
N THR A 635 -1.43 -17.26 1.31
CA THR A 635 -0.33 -17.80 2.08
C THR A 635 0.81 -16.79 2.21
N GLN A 636 1.63 -16.96 3.23
CA GLN A 636 2.85 -16.17 3.37
C GLN A 636 4.07 -16.89 2.82
N SER A 637 3.91 -18.12 2.34
CA SER A 637 5.01 -18.82 1.73
C SER A 637 5.39 -18.15 0.41
N PRO A 638 6.64 -17.79 0.20
CA PRO A 638 7.02 -17.19 -1.07
C PRO A 638 6.85 -18.18 -2.22
N ALA A 639 6.67 -17.63 -3.42
CA ALA A 639 6.63 -18.47 -4.61
C ALA A 639 7.88 -19.32 -4.71
N PHE A 640 9.04 -18.72 -4.44
CA PHE A 640 10.33 -19.40 -4.45
C PHE A 640 11.17 -18.72 -3.38
N ALA A 641 11.92 -19.50 -2.62
CA ALA A 641 12.59 -18.98 -1.43
C ALA A 641 14.09 -18.84 -1.65
N PHE A 642 14.69 -17.87 -0.96
CA PHE A 642 16.14 -17.72 -0.89
C PHE A 642 16.84 -19.08 -0.80
N GLY A 643 17.85 -19.26 -1.65
CA GLY A 643 18.66 -20.45 -1.65
C GLY A 643 18.13 -21.62 -2.46
N GLU A 644 16.90 -21.54 -2.97
CA GLU A 644 16.34 -22.65 -3.74
C GLU A 644 16.99 -22.71 -5.12
N GLY A 645 16.94 -23.90 -5.71
CA GLY A 645 17.46 -24.11 -7.04
C GLY A 645 17.66 -25.59 -7.22
N LEU A 646 17.34 -26.11 -8.39
CA LEU A 646 17.47 -27.53 -8.68
C LEU A 646 18.75 -27.81 -9.44
N SER A 647 19.15 -29.08 -9.43
CA SER A 647 20.10 -29.59 -10.40
C SER A 647 19.38 -30.53 -11.36
N TYR A 648 20.14 -31.42 -12.00
CA TYR A 648 19.55 -32.52 -12.74
C TYR A 648 19.77 -33.86 -12.02
N THR A 649 19.89 -33.82 -10.70
CA THR A 649 20.03 -35.03 -9.90
C THR A 649 19.46 -34.78 -8.51
N THR A 650 19.35 -35.86 -7.72
CA THR A 650 18.84 -35.79 -6.36
C THR A 650 19.99 -35.88 -5.37
N VAL A 651 19.89 -35.10 -4.28
CA VAL A 651 20.93 -35.03 -3.27
C VAL A 651 20.26 -35.18 -1.91
N GLU A 652 20.65 -36.20 -1.16
CA GLU A 652 20.11 -36.44 0.18
C GLU A 652 21.06 -35.84 1.21
N TYR A 653 20.50 -35.10 2.16
CA TYR A 653 21.24 -34.57 3.28
C TYR A 653 20.92 -35.42 4.52
N ALA A 654 21.93 -35.73 5.32
CA ALA A 654 21.70 -36.58 6.48
C ALA A 654 22.78 -36.35 7.54
N ASP A 655 22.39 -36.60 8.80
CA ASP A 655 23.34 -36.78 9.90
C ASP A 655 24.11 -35.49 10.21
N LEU A 656 23.37 -34.40 10.41
CA LEU A 656 23.99 -33.16 10.85
C LEU A 656 24.41 -33.30 12.32
N ARG A 657 25.67 -32.98 12.62
CA ARG A 657 26.21 -33.12 13.97
C ARG A 657 27.09 -31.92 14.29
N VAL A 658 26.86 -31.30 15.44
CA VAL A 658 27.79 -30.31 15.96
C VAL A 658 28.90 -31.04 16.70
N LEU A 659 30.15 -30.63 16.45
CA LEU A 659 31.30 -31.23 17.12
C LEU A 659 31.66 -30.45 18.38
N GLY A 660 31.76 -31.15 19.49
CA GLY A 660 32.15 -30.54 20.74
C GLY A 660 30.97 -30.01 21.54
N THR A 661 31.22 -29.75 22.82
CA THR A 661 30.23 -29.23 23.76
C THR A 661 30.44 -27.78 24.13
N GLU A 662 31.70 -27.33 24.24
CA GLU A 662 32.02 -26.00 24.74
C GLU A 662 32.32 -25.07 23.58
N HIS A 663 31.62 -23.93 23.55
CA HIS A 663 31.81 -22.91 22.52
C HIS A 663 31.84 -21.56 23.19
N GLY A 664 33.02 -20.96 23.27
CA GLY A 664 33.20 -19.69 23.90
C GLY A 664 33.34 -18.56 22.90
N PRO A 665 33.51 -17.34 23.40
CA PRO A 665 33.52 -16.16 22.51
C PRO A 665 34.55 -16.21 21.40
N ASP A 666 35.68 -16.88 21.60
CA ASP A 666 36.74 -16.92 20.60
C ASP A 666 36.79 -18.24 19.85
N ASP A 667 35.80 -19.10 20.05
CA ASP A 667 35.79 -20.41 19.43
C ASP A 667 35.09 -20.39 18.07
N VAL A 668 35.13 -21.54 17.42
CA VAL A 668 34.44 -21.79 16.16
C VAL A 668 33.49 -22.96 16.39
N VAL A 669 32.22 -22.77 16.04
CA VAL A 669 31.25 -23.89 16.09
C VAL A 669 31.53 -24.75 14.87
N ARG A 670 31.92 -26.00 15.11
CA ARG A 670 32.27 -26.91 14.01
C ARG A 670 31.17 -27.96 13.88
N ALA A 671 30.90 -28.37 12.65
CA ALA A 671 29.85 -29.36 12.39
C ALA A 671 30.18 -30.19 11.16
N GLU A 672 29.38 -31.23 10.94
CA GLU A 672 29.55 -32.10 9.79
C GLU A 672 28.17 -32.50 9.28
N VAL A 673 28.07 -32.66 7.97
CA VAL A 673 26.85 -33.16 7.35
C VAL A 673 27.25 -34.10 6.23
N THR A 674 26.39 -35.07 5.94
CA THR A 674 26.65 -36.07 4.92
C THR A 674 25.71 -35.84 3.75
N LEU A 675 26.28 -35.72 2.56
CA LEU A 675 25.51 -35.59 1.32
C LEU A 675 25.70 -36.81 0.45
N THR A 676 24.62 -37.24 -0.20
CA THR A 676 24.69 -38.32 -1.17
C THR A 676 23.98 -37.93 -2.46
N ASN A 677 24.70 -38.01 -3.57
CA ASN A 677 24.11 -37.89 -4.90
C ASN A 677 23.43 -39.21 -5.25
N THR A 678 22.11 -39.28 -5.06
CA THR A 678 21.35 -40.49 -5.34
C THR A 678 20.83 -40.57 -6.76
N GLY A 679 21.18 -39.63 -7.65
CA GLY A 679 20.68 -39.70 -9.00
C GLY A 679 21.78 -40.07 -9.98
N SER A 680 21.65 -39.65 -11.24
CA SER A 680 22.47 -40.17 -12.33
C SER A 680 23.39 -39.14 -12.97
N ARG A 681 23.38 -37.90 -12.51
CA ARG A 681 24.24 -36.88 -13.10
C ARG A 681 25.05 -36.18 -12.02
N PRO A 682 26.25 -35.71 -12.34
CA PRO A 682 27.05 -34.99 -11.34
C PRO A 682 26.41 -33.65 -10.96
N VAL A 683 26.86 -33.09 -9.85
CA VAL A 683 26.30 -31.84 -9.33
C VAL A 683 27.36 -31.09 -8.54
N ARG A 684 27.35 -29.77 -8.64
CA ARG A 684 27.99 -28.89 -7.66
C ARG A 684 26.88 -28.35 -6.77
N GLU A 685 26.82 -28.85 -5.54
CA GLU A 685 25.76 -28.50 -4.58
C GLU A 685 26.24 -27.38 -3.67
N THR A 686 25.34 -26.46 -3.33
CA THR A 686 25.68 -25.33 -2.46
C THR A 686 25.01 -25.60 -1.11
N VAL A 687 25.82 -25.99 -0.15
CA VAL A 687 25.30 -26.29 1.18
C VAL A 687 25.19 -24.99 1.95
N GLN A 688 24.02 -24.72 2.52
CA GLN A 688 23.77 -23.46 3.21
C GLN A 688 23.64 -23.70 4.71
N VAL A 689 24.25 -22.81 5.50
CA VAL A 689 24.38 -22.94 6.94
C VAL A 689 23.74 -21.72 7.58
N TYR A 690 22.59 -21.92 8.22
CA TYR A 690 21.85 -20.88 8.91
C TYR A 690 22.00 -21.04 10.41
N VAL A 691 22.01 -19.92 11.13
CA VAL A 691 22.03 -19.92 12.58
C VAL A 691 20.72 -19.31 13.07
N SER A 692 20.12 -19.92 14.07
CA SER A 692 18.93 -19.41 14.73
C SER A 692 19.22 -19.23 16.21
N ASP A 693 18.96 -18.03 16.71
CA ASP A 693 19.16 -17.67 18.12
C ASP A 693 17.84 -17.90 18.84
N THR A 694 17.81 -18.89 19.74
CA THR A 694 16.53 -19.41 20.24
C THR A 694 15.82 -18.41 21.16
N VAL A 695 16.56 -17.77 22.06
CA VAL A 695 15.99 -16.75 22.94
C VAL A 695 16.85 -15.52 22.82
N THR A 696 16.23 -14.38 22.56
CA THR A 696 16.97 -13.15 22.29
C THR A 696 16.46 -12.03 23.19
N SER A 697 17.36 -11.11 23.55
CA SER A 697 16.95 -10.04 24.47
C SER A 697 15.97 -9.07 23.82
N VAL A 698 16.03 -8.95 22.49
CA VAL A 698 15.09 -8.18 21.69
C VAL A 698 14.69 -9.05 20.51
N THR A 699 13.52 -8.76 19.93
CA THR A 699 13.01 -9.60 18.85
C THR A 699 14.02 -9.61 17.69
N TRP A 700 14.15 -10.78 17.05
CA TRP A 700 15.18 -10.97 16.05
C TRP A 700 14.64 -11.88 14.95
N ALA A 701 15.42 -11.97 13.86
CA ALA A 701 15.12 -12.86 12.76
C ALA A 701 15.02 -14.32 13.22
N GLU A 702 14.11 -15.06 12.58
CA GLU A 702 13.98 -16.50 12.84
C GLU A 702 15.30 -17.24 12.62
N LYS A 703 16.06 -16.85 11.61
CA LYS A 703 17.35 -17.46 11.29
C LYS A 703 18.10 -16.54 10.34
N GLU A 704 19.42 -16.68 10.30
CA GLU A 704 20.27 -15.93 9.38
C GLU A 704 21.32 -16.84 8.77
N LEU A 705 21.54 -16.67 7.46
CA LEU A 705 22.65 -17.34 6.78
C LEU A 705 23.98 -16.88 7.37
N LYS A 706 24.84 -17.83 7.69
CA LYS A 706 26.16 -17.48 8.21
C LYS A 706 27.31 -18.15 7.48
N ALA A 707 27.06 -19.19 6.69
CA ALA A 707 28.12 -19.91 6.01
C ALA A 707 27.50 -20.69 4.87
N TYR A 708 28.36 -21.08 3.92
CA TYR A 708 27.94 -22.01 2.89
C TYR A 708 29.18 -22.70 2.35
N ARG A 709 28.96 -23.78 1.62
CA ARG A 709 30.05 -24.56 1.07
C ARG A 709 29.58 -25.25 -0.21
N LYS A 710 30.39 -25.15 -1.27
CA LYS A 710 30.08 -25.86 -2.51
C LYS A 710 30.71 -27.26 -2.47
N VAL A 711 29.92 -28.27 -2.83
CA VAL A 711 30.36 -29.66 -2.79
C VAL A 711 30.08 -30.31 -4.15
N ASP A 712 31.12 -30.85 -4.78
CA ASP A 712 30.98 -31.64 -6.00
C ASP A 712 30.70 -33.09 -5.65
N LEU A 713 29.66 -33.67 -6.26
CA LEU A 713 29.30 -35.07 -6.05
C LEU A 713 29.11 -35.76 -7.39
N ALA A 714 29.93 -36.76 -7.66
CA ALA A 714 29.67 -37.66 -8.78
C ALA A 714 28.41 -38.48 -8.51
N PRO A 715 27.81 -39.05 -9.54
CA PRO A 715 26.64 -39.92 -9.32
C PRO A 715 26.98 -41.04 -8.34
N GLY A 716 26.08 -41.25 -7.37
CA GLY A 716 26.29 -42.24 -6.33
C GLY A 716 27.28 -41.86 -5.25
N GLU A 717 28.01 -40.76 -5.37
CA GLU A 717 29.03 -40.41 -4.39
C GLU A 717 28.40 -39.84 -3.11
N SER A 718 28.96 -40.25 -1.97
CA SER A 718 28.66 -39.69 -0.66
C SER A 718 29.88 -38.91 -0.16
N ALA A 719 29.62 -37.82 0.56
CA ALA A 719 30.70 -37.05 1.17
C ALA A 719 30.24 -36.55 2.52
N THR A 720 31.10 -36.68 3.53
CA THR A 720 30.90 -36.03 4.81
C THR A 720 31.71 -34.75 4.81
N VAL A 721 31.02 -33.64 4.98
CA VAL A 721 31.57 -32.33 4.70
C VAL A 721 31.60 -31.53 6.00
N GLY A 722 32.73 -30.90 6.28
CA GLY A 722 32.85 -30.08 7.47
C GLY A 722 32.32 -28.66 7.22
N LEU A 723 31.71 -28.11 8.26
CA LEU A 723 31.12 -26.78 8.24
C LEU A 723 31.56 -26.05 9.49
N GLU A 724 31.69 -24.73 9.39
CA GLU A 724 32.05 -23.99 10.59
C GLU A 724 31.45 -22.60 10.57
N VAL A 725 31.09 -22.12 11.77
CA VAL A 725 30.63 -20.76 11.99
C VAL A 725 31.36 -20.22 13.21
N PRO A 726 32.13 -19.14 13.10
CA PRO A 726 32.71 -18.55 14.30
C PRO A 726 31.62 -18.09 15.27
N VAL A 727 31.83 -18.38 16.55
CA VAL A 727 30.91 -17.89 17.57
C VAL A 727 30.72 -16.38 17.46
N ALA A 728 31.80 -15.65 17.14
CA ALA A 728 31.72 -14.19 16.99
C ALA A 728 30.81 -13.74 15.85
N ASP A 729 30.42 -14.63 14.93
CA ASP A 729 29.43 -14.31 13.90
C ASP A 729 28.00 -14.52 14.37
N CYS A 730 27.78 -15.14 15.53
CA CYS A 730 26.43 -15.44 16.01
C CYS A 730 25.87 -14.27 16.83
N THR A 731 25.75 -13.12 16.16
CA THR A 731 25.42 -11.87 16.82
C THR A 731 23.97 -11.45 16.57
N LEU A 732 23.52 -10.53 17.40
CA LEU A 732 22.34 -9.73 17.12
C LEU A 732 22.68 -8.31 17.51
N VAL A 733 21.80 -7.37 17.16
CA VAL A 733 21.91 -6.00 17.61
C VAL A 733 20.94 -5.82 18.78
N ASP A 734 21.49 -5.52 19.96
CA ASP A 734 20.66 -5.48 21.16
C ASP A 734 19.98 -4.12 21.30
N ALA A 735 19.29 -3.92 22.44
CA ALA A 735 18.52 -2.71 22.66
C ALA A 735 19.39 -1.49 22.79
N HIS A 736 20.69 -1.65 23.04
CA HIS A 736 21.61 -0.54 23.14
C HIS A 736 22.33 -0.25 21.82
N GLY A 737 21.85 -0.82 20.72
CA GLY A 737 22.51 -0.62 19.44
C GLY A 737 23.88 -1.25 19.33
N ARG A 738 24.15 -2.31 20.08
CA ARG A 738 25.42 -2.99 20.05
C ARG A 738 25.25 -4.36 19.40
N ARG A 739 26.16 -4.70 18.50
CA ARG A 739 26.15 -6.00 17.84
C ARG A 739 26.99 -6.95 18.68
N VAL A 740 26.32 -7.91 19.34
CA VAL A 740 26.95 -8.74 20.35
C VAL A 740 26.49 -10.18 20.17
N VAL A 741 27.31 -11.10 20.68
CA VAL A 741 26.90 -12.49 20.88
C VAL A 741 26.32 -12.62 22.28
N GLU A 742 25.05 -12.99 22.38
CA GLU A 742 24.44 -13.22 23.68
C GLU A 742 24.56 -14.69 24.04
N PRO A 743 25.04 -15.03 25.24
CA PRO A 743 25.08 -16.43 25.66
C PRO A 743 23.69 -17.06 25.60
N GLY A 744 23.64 -18.36 25.36
CA GLY A 744 22.39 -19.08 25.35
C GLY A 744 22.36 -20.10 24.23
N GLU A 745 21.15 -20.59 23.93
CA GLU A 745 20.98 -21.67 22.99
C GLU A 745 20.84 -21.14 21.56
N PHE A 746 21.34 -21.93 20.63
CA PHE A 746 21.29 -21.65 19.20
C PHE A 746 20.90 -22.93 18.47
N GLU A 747 20.42 -22.76 17.26
CA GLU A 747 20.16 -23.89 16.40
C GLU A 747 20.92 -23.67 15.10
N LEU A 748 21.64 -24.70 14.68
CA LEU A 748 22.30 -24.70 13.40
C LEU A 748 21.38 -25.42 12.42
N ARG A 749 21.12 -24.79 11.27
CA ARG A 749 20.17 -25.34 10.31
C ARG A 749 20.85 -25.41 8.95
N VAL A 750 20.99 -26.62 8.41
CA VAL A 750 21.83 -26.87 7.24
C VAL A 750 20.99 -27.62 6.20
N GLY A 751 21.08 -27.18 4.95
CA GLY A 751 20.31 -27.78 3.88
C GLY A 751 20.52 -27.11 2.54
N PRO A 752 19.73 -27.52 1.54
CA PRO A 752 19.88 -26.98 0.18
C PRO A 752 19.15 -25.67 -0.08
N SER A 753 18.40 -25.14 0.88
CA SER A 753 17.66 -23.89 0.71
C SER A 753 17.31 -23.36 2.10
N SER A 754 16.68 -22.18 2.11
CA SER A 754 16.21 -21.59 3.35
C SER A 754 14.83 -22.10 3.76
N ARG A 755 14.25 -23.05 3.03
CA ARG A 755 12.95 -23.61 3.42
C ARG A 755 13.12 -24.46 4.67
N GLU A 756 12.26 -24.23 5.67
CA GLU A 756 12.41 -24.95 6.93
C GLU A 756 12.23 -26.46 6.73
N ASP A 757 11.32 -26.86 5.84
CA ASP A 757 11.13 -28.28 5.57
C ASP A 757 12.29 -28.90 4.80
N ALA A 758 13.32 -28.14 4.45
CA ALA A 758 14.51 -28.67 3.79
C ALA A 758 15.74 -28.67 4.68
N LEU A 759 15.66 -28.14 5.89
CA LEU A 759 16.83 -27.93 6.72
C LEU A 759 16.94 -29.02 7.79
N LEU A 760 18.12 -29.61 7.91
CA LEU A 760 18.46 -30.38 9.09
C LEU A 760 18.83 -29.40 10.20
N ARG A 761 18.78 -29.86 11.45
CA ARG A 761 18.96 -28.90 12.54
C ARG A 761 19.62 -29.58 13.73
N ALA A 762 20.48 -28.82 14.41
CA ALA A 762 21.22 -29.31 15.56
C ALA A 762 21.44 -28.16 16.52
N SER A 763 21.29 -28.45 17.82
CA SER A 763 21.42 -27.40 18.83
C SER A 763 22.88 -27.18 19.21
N PHE A 764 23.19 -25.95 19.62
CA PHE A 764 24.45 -25.69 20.29
C PHE A 764 24.27 -24.53 21.26
N THR A 765 25.21 -24.41 22.19
CA THR A 765 25.14 -23.43 23.26
C THR A 765 26.42 -22.60 23.25
N VAL A 766 26.28 -21.29 23.33
CA VAL A 766 27.41 -20.40 23.50
C VAL A 766 27.52 -20.08 24.99
N ALA A 767 28.70 -20.30 25.55
CA ALA A 767 28.89 -20.24 26.99
C ALA A 767 29.05 -18.80 27.47
N GLY A 768 28.60 -18.56 28.69
CA GLY A 768 28.71 -17.24 29.31
C GLY A 768 27.51 -16.93 30.16
CA THR B 6 -15.38 -0.58 61.32
C THR B 6 -13.91 -0.70 60.89
N LEU B 7 -13.55 -1.68 60.07
CA LEU B 7 -12.18 -1.69 59.54
C LEU B 7 -11.96 -0.43 58.73
N PRO B 8 -10.79 0.21 58.82
CA PRO B 8 -10.63 1.53 58.17
C PRO B 8 -10.80 1.49 56.66
N TYR B 9 -10.34 0.42 55.98
CA TYR B 9 -10.50 0.40 54.54
C TYR B 9 -11.96 0.30 54.13
N LEU B 10 -12.85 -0.09 55.03
CA LEU B 10 -14.26 -0.12 54.72
C LEU B 10 -15.00 1.14 55.14
N ASP B 11 -14.29 2.14 55.64
CA ASP B 11 -14.91 3.36 56.15
C ASP B 11 -14.86 4.45 55.09
N PRO B 12 -15.99 4.84 54.49
CA PRO B 12 -15.95 5.86 53.43
C PRO B 12 -15.58 7.25 53.92
N ALA B 13 -15.59 7.51 55.23
CA ALA B 13 -15.11 8.79 55.72
C ALA B 13 -13.59 8.86 55.78
N VAL B 14 -12.90 7.73 55.67
CA VAL B 14 -11.44 7.70 55.71
C VAL B 14 -10.89 8.08 54.33
N PRO B 15 -9.84 8.91 54.25
CA PRO B 15 -9.31 9.31 52.93
C PRO B 15 -8.84 8.11 52.11
N VAL B 16 -9.06 8.19 50.80
CA VAL B 16 -8.78 7.06 49.91
C VAL B 16 -7.39 6.52 50.16
N ALA B 17 -6.39 7.40 50.27
CA ALA B 17 -5.02 6.91 50.45
C ALA B 17 -4.86 6.11 51.74
N ASP B 18 -5.60 6.48 52.80
CA ASP B 18 -5.51 5.72 54.04
C ASP B 18 -6.26 4.39 53.94
N ARG B 19 -7.42 4.39 53.28
CA ARG B 19 -8.12 3.14 53.00
C ARG B 19 -7.23 2.17 52.23
N VAL B 20 -6.54 2.67 51.20
CA VAL B 20 -5.64 1.84 50.42
C VAL B 20 -4.53 1.27 51.29
N GLU B 21 -3.93 2.11 52.14
CA GLU B 21 -2.85 1.62 53.00
C GLU B 21 -3.38 0.61 54.01
N ASP B 22 -4.60 0.80 54.51
CA ASP B 22 -5.12 -0.13 55.51
C ASP B 22 -5.40 -1.49 54.89
N LEU B 23 -5.97 -1.51 53.69
CA LEU B 23 -6.21 -2.80 53.02
C LEU B 23 -4.92 -3.46 52.58
N LEU B 24 -4.00 -2.68 51.98
CA LEU B 24 -2.77 -3.27 51.45
C LEU B 24 -1.97 -3.97 52.55
N ALA B 25 -1.92 -3.38 53.75
CA ALA B 25 -1.18 -3.98 54.84
C ALA B 25 -1.77 -5.31 55.30
N ARG B 26 -3.02 -5.61 54.96
CA ARG B 26 -3.69 -6.85 55.38
C ARG B 26 -3.59 -7.97 54.34
N MET B 27 -3.11 -7.67 53.14
CA MET B 27 -3.13 -8.62 52.03
C MET B 27 -1.90 -9.53 52.08
N THR B 28 -2.11 -10.81 51.74
CA THR B 28 -0.96 -11.66 51.48
C THR B 28 -0.40 -11.34 50.09
N LEU B 29 0.84 -11.75 49.86
CA LEU B 29 1.43 -11.57 48.54
C LEU B 29 0.62 -12.23 47.42
N PRO B 30 0.13 -13.48 47.55
CA PRO B 30 -0.75 -14.00 46.50
C PRO B 30 -2.00 -13.15 46.26
N GLU B 31 -2.57 -12.58 47.32
CA GLU B 31 -3.70 -11.68 47.13
C GLU B 31 -3.30 -10.41 46.39
N LYS B 32 -2.06 -9.93 46.61
CA LYS B 32 -1.58 -8.74 45.92
C LYS B 32 -1.33 -9.02 44.45
N VAL B 33 -0.61 -10.11 44.15
CA VAL B 33 -0.42 -10.50 42.76
C VAL B 33 -1.77 -10.72 42.09
N GLY B 34 -2.71 -11.35 42.80
CA GLY B 34 -4.03 -11.58 42.25
C GLY B 34 -4.70 -10.31 41.74
N GLN B 35 -4.57 -9.19 42.49
CA GLN B 35 -5.20 -7.94 42.08
C GLN B 35 -4.70 -7.46 40.71
N MET B 36 -3.43 -7.72 40.37
CA MET B 36 -2.89 -7.40 39.05
C MET B 36 -3.44 -8.27 37.92
N LEU B 37 -4.15 -9.36 38.22
CA LEU B 37 -4.61 -10.28 37.19
C LEU B 37 -5.96 -9.87 36.63
N GLN B 38 -6.07 -9.85 35.31
CA GLN B 38 -7.35 -9.72 34.63
C GLN B 38 -7.55 -10.98 33.81
N LEU B 39 -8.49 -11.82 34.21
CA LEU B 39 -8.58 -13.17 33.68
C LEU B 39 -9.81 -13.34 32.82
N ASP B 40 -9.71 -14.29 31.88
CA ASP B 40 -10.78 -14.63 30.96
C ASP B 40 -11.86 -15.42 31.68
N ALA B 41 -13.00 -14.77 31.91
CA ALA B 41 -14.09 -15.40 32.65
C ALA B 41 -14.67 -16.61 31.93
N ARG B 42 -14.46 -16.72 30.62
CA ARG B 42 -14.98 -17.85 29.86
C ARG B 42 -14.36 -19.17 30.32
N ASP B 43 -13.16 -19.13 30.91
CA ASP B 43 -12.48 -20.31 31.39
C ASP B 43 -12.94 -20.74 32.79
N GLY B 44 -13.84 -19.99 33.42
CA GLY B 44 -14.39 -20.36 34.71
C GLY B 44 -14.12 -19.33 35.79
N VAL B 45 -15.18 -18.68 36.27
CA VAL B 45 -14.97 -17.57 37.20
C VAL B 45 -14.58 -18.08 38.59
N GLY B 46 -15.00 -19.30 38.94
CA GLY B 46 -14.71 -19.88 40.22
C GLY B 46 -13.23 -19.86 40.60
N PRO B 47 -12.41 -20.60 39.87
CA PRO B 47 -10.96 -20.57 40.16
C PRO B 47 -10.33 -19.20 39.99
N ALA B 48 -10.83 -18.39 39.06
CA ALA B 48 -10.24 -17.06 38.85
C ALA B 48 -10.41 -16.19 40.08
N VAL B 49 -11.61 -16.19 40.66
CA VAL B 49 -11.89 -15.30 41.80
C VAL B 49 -11.32 -15.88 43.10
N LEU B 50 -11.53 -17.17 43.35
CA LEU B 50 -11.18 -17.82 44.61
C LEU B 50 -9.72 -18.26 44.69
N GLU B 51 -9.23 -18.99 43.69
CA GLU B 51 -7.87 -19.51 43.79
C GLU B 51 -6.83 -18.47 43.36
N LYS B 52 -7.12 -17.71 42.31
CA LYS B 52 -6.15 -16.73 41.82
C LYS B 52 -6.36 -15.34 42.41
N HIS B 53 -7.43 -15.13 43.18
CA HIS B 53 -7.68 -13.85 43.85
C HIS B 53 -7.69 -12.70 42.84
N ALA B 54 -8.31 -12.91 41.68
CA ALA B 54 -8.18 -11.96 40.57
C ALA B 54 -8.77 -10.60 40.93
N GLY B 55 -8.13 -9.54 40.43
CA GLY B 55 -8.68 -8.21 40.57
C GLY B 55 -9.72 -7.84 39.53
N SER B 56 -9.73 -8.52 38.38
CA SER B 56 -10.61 -8.15 37.29
C SER B 56 -10.89 -9.36 36.41
N LEU B 57 -12.04 -9.34 35.74
CA LEU B 57 -12.40 -10.32 34.71
C LEU B 57 -12.78 -9.59 33.43
N LEU B 58 -12.55 -10.24 32.28
CA LEU B 58 -13.14 -9.80 31.02
C LEU B 58 -13.84 -10.97 30.33
N HIS B 59 -14.62 -10.64 29.30
CA HIS B 59 -15.48 -11.60 28.60
C HIS B 59 -16.36 -12.36 29.60
N THR B 60 -16.99 -11.60 30.49
CA THR B 60 -17.86 -12.15 31.53
C THR B 60 -19.30 -12.18 31.02
N SER B 61 -19.83 -13.38 30.80
CA SER B 61 -21.20 -13.58 30.34
C SER B 61 -22.18 -13.09 31.40
N PRO B 62 -23.43 -12.84 31.01
CA PRO B 62 -24.42 -12.38 32.01
C PRO B 62 -24.56 -13.30 33.22
N GLU B 63 -24.54 -14.62 33.00
CA GLU B 63 -24.60 -15.52 34.15
C GLU B 63 -23.32 -15.48 34.96
N ASN B 64 -22.18 -15.26 34.32
CA ASN B 64 -20.94 -15.20 35.07
C ASN B 64 -20.75 -13.89 35.81
N VAL B 65 -21.42 -12.81 35.39
CA VAL B 65 -21.39 -11.56 36.16
C VAL B 65 -22.08 -11.76 37.50
N LEU B 66 -23.25 -12.39 37.48
CA LEU B 66 -23.95 -12.72 38.72
C LEU B 66 -23.14 -13.68 39.57
N ALA B 67 -22.51 -14.68 38.94
CA ALA B 67 -21.71 -15.64 39.70
C ALA B 67 -20.48 -14.98 40.29
N ALA B 68 -19.88 -14.02 39.57
CA ALA B 68 -18.66 -13.37 40.06
C ALA B 68 -18.91 -12.60 41.35
N HIS B 69 -20.05 -11.91 41.46
CA HIS B 69 -20.34 -11.19 42.69
C HIS B 69 -20.57 -12.15 43.86
N GLU B 70 -21.20 -13.29 43.60
CA GLU B 70 -21.38 -14.27 44.68
C GLU B 70 -20.02 -14.80 45.14
N LEU B 71 -19.12 -15.08 44.20
CA LEU B 71 -17.81 -15.62 44.55
C LEU B 71 -16.99 -14.61 45.35
N THR B 72 -17.03 -13.33 44.97
CA THR B 72 -16.32 -12.31 45.74
C THR B 72 -16.73 -12.34 47.21
N GLY B 73 -18.03 -12.54 47.48
CA GLY B 73 -18.50 -12.60 48.85
C GLY B 73 -17.90 -13.74 49.68
N ARG B 74 -17.36 -14.77 49.02
CA ARG B 74 -16.74 -15.90 49.69
C ARG B 74 -15.22 -15.77 49.78
N THR B 75 -14.66 -14.68 49.26
CA THR B 75 -13.22 -14.50 49.39
C THR B 75 -12.89 -13.88 50.75
N ARG B 76 -11.61 -13.97 51.12
CA ARG B 76 -11.19 -13.52 52.44
C ARG B 76 -11.34 -12.00 52.60
N LEU B 77 -10.95 -11.22 51.60
CA LEU B 77 -10.98 -9.77 51.75
C LEU B 77 -12.14 -9.11 51.01
N ARG B 78 -12.92 -9.87 50.23
CA ARG B 78 -14.12 -9.34 49.57
C ARG B 78 -13.82 -8.08 48.75
N ILE B 79 -12.69 -8.07 48.05
CA ILE B 79 -12.33 -6.95 47.20
C ILE B 79 -13.17 -7.00 45.93
N PRO B 80 -14.03 -6.01 45.68
CA PRO B 80 -14.87 -6.04 44.47
C PRO B 80 -14.05 -6.09 43.19
N LEU B 81 -14.60 -6.78 42.21
CA LEU B 81 -13.95 -6.96 40.92
C LEU B 81 -14.21 -5.77 40.01
N LEU B 82 -13.24 -5.48 39.16
CA LEU B 82 -13.50 -4.65 37.99
C LEU B 82 -13.90 -5.59 36.86
N LEU B 83 -15.11 -5.41 36.33
CA LEU B 83 -15.57 -6.22 35.21
C LEU B 83 -15.39 -5.40 33.95
N ALA B 84 -14.57 -5.90 33.02
CA ALA B 84 -14.18 -5.17 31.82
C ALA B 84 -14.64 -5.93 30.58
N GLU B 85 -14.87 -5.20 29.49
CA GLU B 85 -15.37 -5.85 28.28
C GLU B 85 -15.01 -5.02 27.06
N ASP B 86 -14.93 -5.70 25.91
CA ASP B 86 -14.83 -5.01 24.63
C ASP B 86 -16.21 -4.53 24.25
N CYS B 87 -16.46 -3.23 24.47
CA CYS B 87 -17.71 -2.58 24.07
C CYS B 87 -17.29 -1.56 23.03
N ILE B 88 -17.26 -2.00 21.77
CA ILE B 88 -16.38 -1.42 20.75
C ILE B 88 -17.10 -0.43 19.85
N HIS B 89 -18.37 -0.70 19.53
CA HIS B 89 -19.19 0.24 18.76
C HIS B 89 -20.63 -0.05 19.15
N GLY B 90 -20.95 0.31 20.38
CA GLY B 90 -22.08 -0.25 21.08
C GLY B 90 -21.62 -1.38 21.99
N HIS B 91 -22.57 -1.87 22.79
CA HIS B 91 -22.31 -2.93 23.77
C HIS B 91 -22.27 -4.25 22.98
N SER B 92 -21.09 -4.49 22.39
CA SER B 92 -20.90 -5.52 21.37
C SER B 92 -21.52 -6.87 21.74
N PHE B 93 -21.34 -7.31 22.98
CA PHE B 93 -21.65 -8.69 23.34
C PHE B 93 -22.78 -8.78 24.36
N TRP B 94 -23.69 -7.81 24.37
CA TRP B 94 -24.96 -7.95 25.08
C TRP B 94 -26.05 -8.13 24.03
N VAL B 95 -26.70 -9.30 24.04
CA VAL B 95 -27.71 -9.61 23.03
C VAL B 95 -28.82 -8.57 23.12
N GLY B 96 -29.14 -7.95 22.00
CA GLY B 96 -30.16 -6.93 21.96
C GLY B 96 -29.68 -5.52 22.27
N ALA B 97 -28.39 -5.29 22.48
CA ALA B 97 -27.89 -3.94 22.65
C ALA B 97 -27.99 -3.18 21.33
N THR B 98 -27.78 -1.87 21.42
CA THR B 98 -27.70 -1.02 20.22
C THR B 98 -26.31 -1.14 19.59
N ILE B 99 -26.23 -1.69 18.38
CA ILE B 99 -24.94 -1.85 17.72
C ILE B 99 -24.82 -0.77 16.63
N PHE B 100 -23.87 0.12 16.81
CA PHE B 100 -23.63 1.25 15.93
C PHE B 100 -22.71 0.82 14.79
N PRO B 101 -22.46 1.69 13.79
CA PRO B 101 -21.40 1.40 12.83
C PRO B 101 -20.08 1.25 13.57
N THR B 102 -19.12 0.59 12.92
CA THR B 102 -17.75 0.52 13.43
C THR B 102 -17.17 1.92 13.55
N GLN B 103 -16.02 2.04 14.25
CA GLN B 103 -15.36 3.34 14.32
C GLN B 103 -15.03 3.89 12.94
N LEU B 104 -14.56 3.04 12.01
CA LEU B 104 -14.26 3.53 10.68
C LEU B 104 -15.51 4.11 10.03
N GLY B 105 -16.65 3.42 10.18
CA GLY B 105 -17.90 3.97 9.70
C GLY B 105 -18.25 5.27 10.38
N MET B 106 -18.12 5.31 11.71
CA MET B 106 -18.44 6.54 12.45
C MET B 106 -17.56 7.70 11.99
N ALA B 107 -16.31 7.42 11.63
CA ALA B 107 -15.41 8.53 11.30
C ALA B 107 -15.86 9.26 10.04
N ALA B 108 -16.61 8.59 9.15
CA ALA B 108 -17.09 9.27 7.95
C ALA B 108 -18.08 10.39 8.27
N THR B 109 -18.66 10.41 9.48
CA THR B 109 -19.54 11.53 9.82
C THR B 109 -18.78 12.82 10.08
N TRP B 110 -17.48 12.73 10.36
CA TRP B 110 -16.67 13.88 10.76
C TRP B 110 -17.37 14.69 11.87
N ASP B 111 -18.03 14.00 12.81
CA ASP B 111 -18.93 14.64 13.76
C ASP B 111 -18.63 14.20 15.18
N PRO B 112 -17.72 14.88 15.88
CA PRO B 112 -17.39 14.48 17.27
C PRO B 112 -18.57 14.56 18.22
N ALA B 113 -19.44 15.59 18.08
CA ALA B 113 -20.60 15.67 18.96
C ALA B 113 -21.48 14.42 18.83
N LEU B 114 -21.60 13.89 17.61
CA LEU B 114 -22.41 12.71 17.39
C LEU B 114 -21.73 11.48 17.94
N VAL B 115 -20.41 11.39 17.75
CA VAL B 115 -19.67 10.25 18.28
C VAL B 115 -19.70 10.24 19.82
N GLU B 116 -19.74 11.42 20.45
CA GLU B 116 -19.89 11.46 21.90
C GLU B 116 -21.26 10.91 22.32
N GLN B 117 -22.32 11.23 21.57
CA GLN B 117 -23.63 10.64 21.84
C GLN B 117 -23.60 9.12 21.72
N VAL B 118 -22.87 8.59 20.73
CA VAL B 118 -22.75 7.15 20.59
C VAL B 118 -22.08 6.55 21.82
N ALA B 119 -20.97 7.15 22.25
CA ALA B 119 -20.24 6.61 23.39
C ALA B 119 -21.05 6.74 24.67
N HIS B 120 -21.78 7.85 24.85
CA HIS B 120 -22.60 7.98 26.05
C HIS B 120 -23.73 6.95 26.06
N ALA B 121 -24.39 6.75 24.91
CA ALA B 121 -25.43 5.75 24.80
C ALA B 121 -24.90 4.36 25.10
N THR B 122 -23.71 4.05 24.59
CA THR B 122 -23.08 2.77 24.88
C THR B 122 -22.85 2.60 26.37
N ALA B 123 -22.29 3.61 27.03
CA ALA B 123 -21.99 3.50 28.46
C ALA B 123 -23.26 3.30 29.27
N VAL B 124 -24.34 3.97 28.91
CA VAL B 124 -25.62 3.76 29.59
C VAL B 124 -26.03 2.29 29.50
N GLU B 125 -25.95 1.70 28.30
CA GLU B 125 -26.29 0.28 28.16
C GLU B 125 -25.30 -0.59 28.90
N VAL B 126 -24.01 -0.29 28.78
CA VAL B 126 -22.98 -1.10 29.43
C VAL B 126 -23.17 -1.10 30.95
N ALA B 127 -23.37 0.08 31.54
CA ALA B 127 -23.49 0.18 32.99
C ALA B 127 -24.66 -0.63 33.52
N ALA B 128 -25.78 -0.65 32.79
CA ALA B 128 -26.94 -1.42 33.22
C ALA B 128 -26.67 -2.92 33.27
N THR B 129 -25.67 -3.41 32.54
CA THR B 129 -25.30 -4.83 32.54
C THR B 129 -24.20 -5.13 33.55
N GLY B 130 -23.76 -4.16 34.33
CA GLY B 130 -22.78 -4.38 35.38
C GLY B 130 -21.34 -4.42 34.93
N VAL B 131 -21.02 -3.92 33.73
CA VAL B 131 -19.64 -3.80 33.29
C VAL B 131 -19.15 -2.40 33.64
N HIS B 132 -17.91 -2.30 34.12
CA HIS B 132 -17.39 -1.06 34.65
C HIS B 132 -16.42 -0.35 33.71
N TRP B 133 -16.01 -0.98 32.62
CA TRP B 133 -14.76 -0.64 31.96
C TRP B 133 -14.82 -1.17 30.54
N THR B 134 -14.71 -0.30 29.53
CA THR B 134 -14.66 -0.78 28.15
C THR B 134 -13.28 -0.59 27.56
N PHE B 135 -12.85 -1.56 26.75
CA PHE B 135 -11.58 -1.47 26.02
C PHE B 135 -11.84 -0.72 24.72
N SER B 136 -12.00 0.58 24.85
CA SER B 136 -12.44 1.48 23.79
C SER B 136 -12.21 2.88 24.30
N PRO B 137 -11.86 3.87 23.44
CA PRO B 137 -11.77 3.78 21.98
C PRO B 137 -10.43 3.29 21.45
N VAL B 138 -10.41 2.98 20.15
CA VAL B 138 -9.20 2.63 19.43
C VAL B 138 -8.62 3.89 18.79
N LEU B 139 -7.33 4.14 19.02
CA LEU B 139 -6.63 5.31 18.50
C LEU B 139 -5.57 4.94 17.46
N CYS B 140 -5.49 3.68 17.08
CA CYS B 140 -4.59 3.27 16.00
C CYS B 140 -4.93 4.00 14.72
N ILE B 141 -3.90 4.20 13.89
CA ILE B 141 -4.03 4.98 12.67
C ILE B 141 -3.84 4.03 11.49
N ALA B 142 -4.82 3.99 10.60
CA ALA B 142 -4.87 2.99 9.52
C ALA B 142 -3.93 3.39 8.39
N ARG B 143 -2.65 3.01 8.49
CA ARG B 143 -1.68 3.40 7.48
C ARG B 143 -1.28 2.28 6.52
N ASP B 144 -1.67 1.04 6.79
CA ASP B 144 -1.50 -0.09 5.87
C ASP B 144 -2.86 -0.78 5.77
N LEU B 145 -3.49 -0.70 4.60
CA LEU B 145 -4.82 -1.25 4.41
C LEU B 145 -4.83 -2.77 4.49
N ARG B 146 -3.67 -3.41 4.44
CA ARG B 146 -3.63 -4.86 4.60
C ARG B 146 -4.00 -5.30 6.01
N TRP B 147 -3.84 -4.39 6.98
CA TRP B 147 -4.07 -4.75 8.39
C TRP B 147 -5.51 -5.19 8.61
N GLY B 148 -5.69 -6.24 9.41
CA GLY B 148 -7.02 -6.79 9.60
C GLY B 148 -7.96 -5.92 10.42
N ARG B 149 -7.42 -4.97 11.18
CA ARG B 149 -8.21 -4.23 12.16
C ARG B 149 -8.41 -2.78 11.77
N VAL B 150 -8.36 -2.49 10.47
CA VAL B 150 -8.63 -1.13 10.00
C VAL B 150 -10.04 -0.70 10.38
N ASP B 151 -11.00 -1.63 10.37
CA ASP B 151 -12.38 -1.32 10.74
C ASP B 151 -12.50 -0.73 12.13
N GLU B 152 -11.55 -1.01 13.01
CA GLU B 152 -11.60 -0.52 14.39
C GLU B 152 -11.03 0.89 14.54
N THR B 153 -10.36 1.42 13.52
CA THR B 153 -9.78 2.74 13.61
C THR B 153 -10.76 3.80 13.13
N PHE B 154 -10.46 5.05 13.48
CA PHE B 154 -11.12 6.22 12.92
C PHE B 154 -10.51 6.70 11.60
N GLY B 155 -9.76 5.83 10.90
CA GLY B 155 -9.17 6.21 9.61
C GLY B 155 -7.68 6.53 9.68
N GLU B 156 -7.16 7.36 8.76
CA GLU B 156 -5.72 7.51 8.58
C GLU B 156 -5.16 8.86 9.06
N ASP B 157 -5.98 9.70 9.70
CA ASP B 157 -5.49 11.06 10.02
C ASP B 157 -5.36 11.29 11.51
N PRO B 158 -4.17 11.66 11.99
CA PRO B 158 -3.99 11.87 13.45
C PRO B 158 -4.90 12.93 14.04
N PHE B 159 -5.20 14.00 13.30
CA PHE B 159 -6.04 15.04 13.90
C PHE B 159 -7.48 14.54 14.07
N LEU B 160 -8.05 13.97 13.02
CA LEU B 160 -9.42 13.47 13.09
C LEU B 160 -9.55 12.30 14.08
N ILE B 161 -8.54 11.42 14.14
CA ILE B 161 -8.57 10.36 15.13
C ILE B 161 -8.66 10.96 16.54
N GLY B 162 -7.84 11.98 16.81
CA GLY B 162 -7.86 12.61 18.12
C GLY B 162 -9.19 13.26 18.43
N GLU B 163 -9.78 13.92 17.44
CA GLU B 163 -11.10 14.53 17.61
C GLU B 163 -12.14 13.51 18.04
N LEU B 164 -12.17 12.37 17.36
CA LEU B 164 -13.23 11.40 17.59
C LEU B 164 -12.93 10.50 18.77
N ALA B 165 -11.65 10.18 19.00
CA ALA B 165 -11.32 9.45 20.21
C ALA B 165 -11.58 10.29 21.45
N SER B 166 -11.30 11.60 21.36
CA SER B 166 -11.62 12.51 22.45
C SER B 166 -13.10 12.47 22.77
N ALA B 167 -13.94 12.47 21.74
CA ALA B 167 -15.39 12.41 21.92
C ALA B 167 -15.81 11.10 22.59
N MET B 168 -15.20 9.98 22.17
CA MET B 168 -15.59 8.69 22.76
C MET B 168 -15.26 8.65 24.25
N VAL B 169 -14.06 9.09 24.62
CA VAL B 169 -13.67 9.10 26.02
C VAL B 169 -14.61 9.98 26.84
N ARG B 170 -14.97 11.17 26.34
CA ARG B 170 -15.91 12.03 27.07
C ARG B 170 -17.24 11.35 27.24
N GLY B 171 -17.75 10.76 26.16
CA GLY B 171 -19.04 10.09 26.22
C GLY B 171 -19.04 8.91 27.17
N TYR B 172 -17.99 8.09 27.14
CA TYR B 172 -17.95 6.91 28.01
C TYR B 172 -17.89 7.32 29.49
N GLN B 173 -16.99 8.24 29.83
CA GLN B 173 -16.66 8.46 31.24
C GLN B 173 -17.63 9.40 31.94
N GLY B 174 -18.43 10.16 31.19
CA GLY B 174 -19.50 10.94 31.78
C GLY B 174 -18.97 11.97 32.76
N ASP B 175 -19.64 12.08 33.91
CA ASP B 175 -19.23 13.05 34.92
C ASP B 175 -18.09 12.56 35.80
N GLY B 176 -17.55 11.37 35.55
CA GLY B 176 -16.41 10.93 36.32
C GLY B 176 -16.68 9.66 37.11
N LEU B 177 -15.80 9.36 38.05
CA LEU B 177 -15.80 8.07 38.75
C LEU B 177 -17.00 7.88 39.67
N SER B 178 -17.79 8.90 39.93
CA SER B 178 -19.02 8.75 40.71
C SER B 178 -20.27 8.78 39.84
N ASP B 179 -20.13 8.90 38.53
CA ASP B 179 -21.27 8.90 37.63
C ASP B 179 -21.79 7.47 37.43
N PRO B 180 -23.05 7.19 37.78
CA PRO B 180 -23.57 5.82 37.64
C PRO B 180 -23.66 5.33 36.21
N THR B 181 -23.74 6.22 35.22
CA THR B 181 -23.75 5.80 33.83
C THR B 181 -22.43 6.07 33.12
N GLY B 182 -21.39 6.44 33.85
CA GLY B 182 -20.04 6.48 33.31
C GLY B 182 -19.34 5.13 33.45
N ILE B 183 -18.49 4.81 32.47
CA ILE B 183 -17.60 3.65 32.55
C ILE B 183 -16.19 4.11 32.24
N LEU B 184 -15.22 3.31 32.68
CA LEU B 184 -13.83 3.61 32.33
C LEU B 184 -13.62 3.40 30.84
N ALA B 185 -12.95 4.36 30.21
CA ALA B 185 -12.49 4.24 28.84
C ALA B 185 -11.07 3.71 28.84
N THR B 186 -10.65 3.21 27.68
CA THR B 186 -9.30 2.69 27.49
C THR B 186 -8.72 3.28 26.21
N ALA B 187 -7.52 3.84 26.29
CA ALA B 187 -6.81 4.26 25.08
C ALA B 187 -6.01 3.06 24.59
N LYS B 188 -6.46 2.45 23.51
CA LYS B 188 -5.74 1.32 22.93
C LYS B 188 -5.53 1.59 21.44
N HIS B 189 -4.48 1.02 20.86
CA HIS B 189 -3.49 0.12 21.47
C HIS B 189 -2.17 0.87 21.46
N PHE B 190 -1.76 1.35 22.64
CA PHE B 190 -0.63 2.26 22.79
C PHE B 190 0.69 1.50 22.61
N ALA B 191 1.51 1.89 21.63
CA ALA B 191 1.14 2.65 20.42
C ALA B 191 1.96 2.09 19.27
N GLY B 192 1.52 2.33 18.02
CA GLY B 192 2.21 1.85 16.84
C GLY B 192 1.73 0.50 16.32
N TYR B 193 0.72 -0.08 16.97
CA TYR B 193 0.24 -1.41 16.61
C TYR B 193 -0.24 -1.48 15.16
N SER B 194 -0.76 -0.39 14.63
CA SER B 194 -1.44 -0.45 13.32
C SER B 194 -0.49 -0.46 12.13
N GLU B 195 0.81 -0.27 12.30
CA GLU B 195 1.73 -0.24 11.16
C GLU B 195 2.92 -1.12 11.47
N THR B 196 2.80 -2.39 11.12
CA THR B 196 3.82 -3.38 11.36
C THR B 196 4.13 -4.07 10.04
N GLN B 197 5.27 -4.78 9.99
CA GLN B 197 5.72 -5.44 8.78
C GLN B 197 4.62 -6.25 8.13
N GLY B 198 4.39 -5.98 6.85
CA GLY B 198 3.45 -6.69 6.01
C GLY B 198 2.01 -6.35 6.25
N GLY B 199 1.74 -5.36 7.10
CA GLY B 199 0.38 -5.20 7.59
C GLY B 199 -0.10 -6.40 8.38
N ARG B 200 0.82 -7.21 8.89
CA ARG B 200 0.39 -8.38 9.64
C ARG B 200 0.02 -7.98 11.08
N ASP B 201 -0.61 -8.91 11.79
CA ASP B 201 -1.09 -8.66 13.15
C ASP B 201 0.06 -8.85 14.13
N ALA B 202 0.54 -7.75 14.70
CA ALA B 202 1.58 -7.74 15.72
C ALA B 202 2.89 -8.35 15.23
N SER B 203 3.14 -8.29 13.92
CA SER B 203 4.50 -8.44 13.44
C SER B 203 5.33 -7.25 13.95
N GLU B 204 6.60 -7.21 13.55
CA GLU B 204 7.50 -6.19 14.06
C GLU B 204 7.08 -4.78 13.62
N ALA B 205 7.07 -3.83 14.56
CA ALA B 205 6.86 -2.41 14.24
C ALA B 205 8.23 -1.78 14.02
N ASP B 206 8.58 -1.52 12.76
CA ASP B 206 9.81 -0.83 12.40
C ASP B 206 9.63 0.69 12.52
N ILE B 207 9.24 1.14 13.71
CA ILE B 207 8.88 2.52 13.95
C ILE B 207 9.88 3.12 14.94
N SER B 208 10.59 4.15 14.49
CA SER B 208 11.55 4.89 15.31
C SER B 208 10.81 5.77 16.30
N GLN B 209 11.57 6.33 17.24
CA GLN B 209 10.97 7.26 18.20
C GLN B 209 10.31 8.44 17.48
N ARG B 210 11.00 9.02 16.49
CA ARG B 210 10.47 10.21 15.80
C ARG B 210 9.25 9.87 14.96
N LYS B 211 9.26 8.73 14.26
CA LYS B 211 8.09 8.36 13.48
C LYS B 211 6.88 8.12 14.37
N LEU B 212 7.07 7.47 15.52
CA LEU B 212 5.95 7.28 16.44
C LEU B 212 5.42 8.62 16.93
N ARG B 213 6.33 9.51 17.34
CA ARG B 213 5.91 10.85 17.76
C ARG B 213 5.18 11.60 16.64
N SER B 214 5.54 11.34 15.37
CA SER B 214 5.00 12.15 14.29
C SER B 214 3.57 11.77 13.93
N TRP B 215 3.28 10.46 13.78
CA TRP B 215 2.02 10.02 13.21
C TRP B 215 1.16 9.18 14.16
N PHE B 216 1.70 8.70 15.28
CA PHE B 216 0.95 7.77 16.11
C PHE B 216 0.58 8.33 17.48
N LEU B 217 1.50 9.03 18.14
CA LEU B 217 1.24 9.53 19.50
C LEU B 217 0.19 10.62 19.65
N PRO B 218 0.01 11.55 18.69
CA PRO B 218 -0.81 12.76 18.97
C PRO B 218 -2.20 12.45 19.52
N PRO B 219 -2.95 11.49 18.97
CA PRO B 219 -4.26 11.20 19.60
C PRO B 219 -4.12 10.64 21.01
N PHE B 220 -3.08 9.86 21.27
CA PHE B 220 -2.86 9.33 22.62
C PHE B 220 -2.51 10.46 23.58
N GLU B 221 -1.67 11.41 23.19
CA GLU B 221 -1.34 12.51 24.08
C GLU B 221 -2.59 13.31 24.41
N ARG B 222 -3.49 13.48 23.42
CA ARG B 222 -4.70 14.24 23.67
C ARG B 222 -5.57 13.57 24.74
N VAL B 223 -5.88 12.28 24.58
CA VAL B 223 -6.82 11.68 25.54
C VAL B 223 -6.17 11.47 26.89
N ALA B 224 -4.85 11.28 26.93
CA ALA B 224 -4.13 11.24 28.20
C ALA B 224 -4.32 12.55 28.96
N ARG B 225 -4.13 13.68 28.28
CA ARG B 225 -4.28 14.97 28.93
C ARG B 225 -5.74 15.24 29.30
N GLU B 226 -6.69 14.68 28.54
CA GLU B 226 -8.11 14.84 28.88
C GLU B 226 -8.61 13.80 29.88
N GLY B 227 -7.72 13.04 30.51
CA GLY B 227 -8.15 12.20 31.62
C GLY B 227 -8.70 10.82 31.27
N CYS B 228 -8.22 10.19 30.20
CA CYS B 228 -8.64 8.83 29.88
C CYS B 228 -8.20 7.87 31.00
N ALA B 229 -9.16 7.12 31.56
CA ALA B 229 -8.91 6.43 32.83
C ALA B 229 -7.80 5.39 32.73
N THR B 230 -7.73 4.68 31.61
CA THR B 230 -6.74 3.61 31.44
C THR B 230 -6.15 3.65 30.04
N PHE B 231 -4.93 3.10 29.92
CA PHE B 231 -4.24 2.85 28.65
C PHE B 231 -3.98 1.35 28.52
N MET B 232 -4.10 0.82 27.31
CA MET B 232 -3.76 -0.57 27.01
C MET B 232 -2.47 -0.63 26.21
N LEU B 233 -1.53 -1.47 26.65
CA LEU B 233 -0.23 -1.55 26.00
C LEU B 233 -0.28 -2.51 24.82
N GLY B 234 0.37 -2.13 23.74
CA GLY B 234 0.31 -2.93 22.50
C GLY B 234 0.94 -4.30 22.56
N TYR B 235 0.46 -5.18 21.70
CA TYR B 235 1.01 -6.54 21.61
C TYR B 235 2.39 -6.52 20.96
N GLN B 236 2.63 -5.55 20.10
CA GLN B 236 3.80 -5.64 19.20
C GLN B 236 5.14 -5.18 19.75
N SER B 237 6.16 -5.85 19.29
CA SER B 237 7.53 -5.39 19.49
C SER B 237 7.81 -4.21 18.54
N MET B 238 8.38 -3.15 19.08
CA MET B 238 8.68 -1.93 18.34
C MET B 238 10.18 -1.65 18.47
N ASP B 239 10.90 -1.64 17.35
CA ASP B 239 12.36 -1.54 17.37
C ASP B 239 12.96 -2.60 18.28
N GLY B 240 12.35 -3.80 18.26
CA GLY B 240 12.84 -4.93 19.03
C GLY B 240 12.30 -5.03 20.46
N VAL B 241 11.58 -4.03 20.97
CA VAL B 241 11.11 -4.07 22.36
C VAL B 241 9.58 -4.07 22.41
N PRO B 242 8.97 -5.14 22.92
CA PRO B 242 7.51 -5.13 23.13
C PRO B 242 7.10 -3.95 24.01
N VAL B 243 5.93 -3.37 23.70
CA VAL B 243 5.44 -2.20 24.43
C VAL B 243 5.36 -2.50 25.92
N THR B 244 5.05 -3.75 26.27
CA THR B 244 4.86 -4.17 27.65
C THR B 244 6.09 -3.88 28.51
N VAL B 245 7.29 -3.91 27.92
CA VAL B 245 8.50 -3.60 28.66
C VAL B 245 9.25 -2.42 28.05
N ASN B 246 8.56 -1.55 27.30
CA ASN B 246 9.21 -0.44 26.59
C ASN B 246 9.35 0.75 27.53
N GLY B 247 10.55 0.93 28.10
CA GLY B 247 10.74 1.97 29.10
C GLY B 247 10.69 3.37 28.52
N TRP B 248 11.22 3.56 27.31
CA TRP B 248 11.10 4.87 26.69
C TRP B 248 9.64 5.25 26.57
N LEU B 249 8.81 4.36 26.04
CA LEU B 249 7.42 4.71 25.79
C LEU B 249 6.63 4.87 27.08
N LEU B 250 6.82 3.96 28.04
CA LEU B 250 6.01 3.97 29.26
C LEU B 250 6.46 5.04 30.24
N ASP B 251 7.77 5.13 30.48
CA ASP B 251 8.29 6.05 31.48
C ASP B 251 8.62 7.43 30.90
N ASP B 252 9.44 7.49 29.83
CA ASP B 252 9.84 8.79 29.30
C ASP B 252 8.64 9.55 28.75
N VAL B 253 7.79 8.87 27.97
CA VAL B 253 6.72 9.56 27.26
C VAL B 253 5.46 9.60 28.11
N LEU B 254 4.87 8.44 28.38
CA LEU B 254 3.54 8.41 28.99
C LEU B 254 3.55 9.02 30.40
N ARG B 255 4.39 8.50 31.29
CA ARG B 255 4.42 9.02 32.65
C ARG B 255 5.18 10.33 32.75
N GLY B 256 6.26 10.49 31.99
CA GLY B 256 7.13 11.64 32.15
C GLY B 256 6.68 12.86 31.38
N GLU B 257 6.81 12.82 30.04
CA GLU B 257 6.47 13.98 29.23
C GLU B 257 5.00 14.34 29.37
N TRP B 258 4.13 13.33 29.44
CA TRP B 258 2.69 13.62 29.48
C TRP B 258 2.13 13.68 30.89
N GLY B 259 2.91 13.31 31.89
CA GLY B 259 2.45 13.28 33.27
C GLY B 259 1.19 12.45 33.47
N TYR B 260 1.02 11.38 32.69
CA TYR B 260 -0.20 10.59 32.79
C TYR B 260 -0.27 9.87 34.15
N THR B 261 -1.45 9.92 34.79
CA THR B 261 -1.64 9.32 36.10
C THR B 261 -2.67 8.21 36.08
N GLY B 262 -3.02 7.69 34.89
CA GLY B 262 -4.02 6.65 34.79
C GLY B 262 -3.44 5.27 35.03
N THR B 263 -4.27 4.27 34.79
CA THR B 263 -3.92 2.88 35.08
C THR B 263 -3.64 2.13 33.78
N LEU B 264 -2.61 1.28 33.79
CA LEU B 264 -2.24 0.50 32.63
C LEU B 264 -2.85 -0.90 32.67
N VAL B 265 -3.16 -1.41 31.48
CA VAL B 265 -3.52 -2.81 31.30
C VAL B 265 -2.77 -3.31 30.08
N THR B 266 -2.31 -4.57 30.12
CA THR B 266 -1.76 -5.14 28.90
C THR B 266 -2.88 -5.57 27.97
N ASP B 267 -2.52 -5.79 26.69
CA ASP B 267 -3.37 -6.53 25.79
C ASP B 267 -3.25 -8.02 26.12
N TRP B 268 -4.03 -8.84 25.41
CA TRP B 268 -4.26 -10.25 25.70
C TRP B 268 -2.97 -11.09 25.67
N ASP B 269 -2.55 -11.58 26.84
CA ASP B 269 -1.38 -12.47 26.99
C ASP B 269 -0.08 -11.81 26.54
N ASN B 270 -0.02 -10.47 26.64
CA ASN B 270 1.22 -9.73 26.33
C ASN B 270 2.43 -10.34 27.03
N VAL B 271 2.31 -10.57 28.33
CA VAL B 271 3.44 -11.08 29.11
C VAL B 271 3.83 -12.46 28.63
N GLY B 272 2.86 -13.36 28.50
CA GLY B 272 3.15 -14.70 28.02
C GLY B 272 3.73 -14.73 26.61
N ARG B 273 3.27 -13.84 25.73
CA ARG B 273 3.78 -13.84 24.36
C ARG B 273 5.28 -13.51 24.31
N MET B 274 5.79 -12.78 25.31
CA MET B 274 7.22 -12.52 25.34
C MET B 274 8.01 -13.82 25.47
N VAL B 275 7.40 -14.87 26.02
CA VAL B 275 8.05 -16.17 26.06
C VAL B 275 7.81 -16.93 24.76
N TRP B 276 6.54 -17.23 24.45
CA TRP B 276 6.27 -18.25 23.45
C TRP B 276 6.08 -17.72 22.03
N GLU B 277 5.92 -16.41 21.84
CA GLU B 277 5.70 -15.87 20.49
C GLU B 277 6.77 -14.90 20.04
N GLN B 278 7.25 -14.02 20.91
CA GLN B 278 8.36 -13.14 20.54
C GLN B 278 9.72 -13.71 20.90
N HIS B 279 9.76 -14.72 21.78
CA HIS B 279 10.99 -15.47 22.09
C HIS B 279 12.06 -14.55 22.68
N ILE B 280 11.65 -13.63 23.55
CA ILE B 280 12.60 -12.75 24.21
C ILE B 280 12.75 -13.05 25.70
N GLN B 281 11.92 -13.90 26.27
CA GLN B 281 12.12 -14.31 27.66
C GLN B 281 12.25 -15.83 27.73
N PRO B 282 13.20 -16.35 28.52
CA PRO B 282 13.38 -17.82 28.58
C PRO B 282 12.26 -18.55 29.31
N ASP B 283 11.59 -17.92 30.26
CA ASP B 283 10.53 -18.60 31.01
C ASP B 283 9.57 -17.58 31.57
N TYR B 284 8.49 -18.09 32.18
CA TYR B 284 7.42 -17.21 32.64
C TYR B 284 7.82 -16.43 33.89
N VAL B 285 8.74 -16.97 34.69
CA VAL B 285 9.21 -16.21 35.84
C VAL B 285 9.93 -14.94 35.39
N HIS B 286 10.77 -15.05 34.37
CA HIS B 286 11.54 -13.87 33.93
C HIS B 286 10.65 -12.90 33.16
N ALA B 287 9.70 -13.41 32.38
CA ALA B 287 8.75 -12.53 31.72
C ALA B 287 7.91 -11.77 32.75
N SER B 288 7.47 -12.47 33.80
CA SER B 288 6.69 -11.82 34.85
C SER B 288 7.50 -10.74 35.53
N ALA B 289 8.74 -11.06 35.89
CA ALA B 289 9.62 -10.07 36.52
C ALA B 289 9.81 -8.87 35.61
N ALA B 290 10.02 -9.11 34.31
CA ALA B 290 10.19 -8.01 33.36
C ALA B 290 8.97 -7.11 33.35
N ALA B 291 7.78 -7.70 33.29
CA ALA B 291 6.55 -6.91 33.27
C ALA B 291 6.38 -6.09 34.55
N VAL B 292 6.75 -6.65 35.71
CA VAL B 292 6.64 -5.89 36.96
C VAL B 292 7.61 -4.72 36.95
N ARG B 293 8.86 -5.00 36.61
CA ARG B 293 9.92 -4.00 36.58
C ARG B 293 9.57 -2.84 35.65
N ALA B 294 8.90 -3.14 34.52
CA ALA B 294 8.50 -2.11 33.58
C ALA B 294 7.39 -1.21 34.10
N GLY B 295 6.72 -1.56 35.19
CA GLY B 295 5.66 -0.70 35.71
C GLY B 295 4.26 -1.07 35.26
N ASN B 296 4.03 -2.31 34.85
CA ASN B 296 2.69 -2.72 34.51
C ASN B 296 1.78 -2.71 35.75
N ASP B 297 0.48 -2.53 35.52
CA ASP B 297 -0.52 -2.60 36.58
C ASP B 297 -1.39 -3.83 36.42
N MET B 298 -2.32 -3.84 35.46
CA MET B 298 -3.16 -5.00 35.20
C MET B 298 -2.52 -5.85 34.11
N VAL B 299 -2.47 -7.15 34.33
CA VAL B 299 -1.91 -8.11 33.39
C VAL B 299 -3.08 -8.91 32.82
N MET B 300 -3.38 -8.70 31.54
CA MET B 300 -4.52 -9.35 30.92
C MET B 300 -4.17 -10.76 30.43
N THR B 301 -4.95 -11.75 30.89
CA THR B 301 -4.96 -13.16 30.42
C THR B 301 -3.57 -13.75 30.20
N THR B 302 -2.65 -13.51 31.15
CA THR B 302 -1.52 -14.43 31.31
C THR B 302 -1.67 -15.13 32.67
N PRO B 303 -2.47 -16.20 32.74
CA PRO B 303 -2.68 -16.88 34.03
C PRO B 303 -1.41 -17.19 34.78
N ARG B 304 -0.32 -17.47 34.07
CA ARG B 304 0.92 -17.90 34.69
C ARG B 304 1.73 -16.76 35.28
N PHE B 305 1.29 -15.51 35.08
CA PHE B 305 1.85 -14.38 35.84
C PHE B 305 1.67 -14.59 37.34
N PHE B 306 0.62 -15.29 37.76
CA PHE B 306 0.35 -15.52 39.18
C PHE B 306 1.52 -16.20 39.85
N GLU B 307 1.80 -17.44 39.46
CA GLU B 307 2.95 -18.18 40.00
C GLU B 307 4.27 -17.56 39.59
N GLY B 308 4.34 -17.00 38.37
CA GLY B 308 5.57 -16.39 37.90
C GLY B 308 5.98 -15.18 38.70
N ALA B 309 5.04 -14.29 39.01
CA ALA B 309 5.40 -13.13 39.84
C ALA B 309 5.70 -13.54 41.29
N LEU B 310 4.99 -14.54 41.82
CA LEU B 310 5.28 -14.99 43.19
C LEU B 310 6.69 -15.57 43.28
N GLU B 311 7.08 -16.37 42.29
CA GLU B 311 8.44 -16.91 42.26
C GLU B 311 9.48 -15.82 42.06
N ALA B 312 9.19 -14.86 41.15
CA ALA B 312 10.10 -13.74 40.94
C ALA B 312 10.37 -12.98 42.23
N VAL B 313 9.32 -12.73 43.03
CA VAL B 313 9.52 -12.07 44.32
C VAL B 313 10.31 -12.99 45.26
N ASP B 314 9.95 -14.28 45.30
CA ASP B 314 10.63 -15.20 46.21
C ASP B 314 12.12 -15.30 45.87
N ARG B 315 12.46 -15.26 44.58
CA ARG B 315 13.84 -15.38 44.16
C ARG B 315 14.60 -14.06 44.19
N GLY B 316 13.93 -12.96 44.57
CA GLY B 316 14.60 -11.68 44.60
C GLY B 316 14.77 -11.02 43.25
N LEU B 317 14.07 -11.49 42.22
CA LEU B 317 14.18 -10.86 40.91
C LEU B 317 13.56 -9.47 40.93
N VAL B 318 12.42 -9.31 41.58
CA VAL B 318 11.81 -8.00 41.83
C VAL B 318 11.42 -7.93 43.30
N GLU B 319 11.21 -6.70 43.77
CA GLU B 319 10.84 -6.45 45.16
C GLU B 319 9.33 -6.50 45.34
N GLU B 320 8.89 -7.01 46.49
CA GLU B 320 7.47 -6.94 46.84
C GLU B 320 6.97 -5.50 46.80
N ALA B 321 7.85 -4.54 47.08
CA ALA B 321 7.48 -3.12 46.98
C ALA B 321 6.98 -2.76 45.60
N ALA B 322 7.51 -3.39 44.55
CA ALA B 322 7.01 -3.12 43.20
C ALA B 322 5.58 -3.63 43.02
N ILE B 323 5.29 -4.83 43.52
CA ILE B 323 3.91 -5.33 43.52
C ILE B 323 2.99 -4.36 44.26
N ASP B 324 3.42 -3.93 45.46
CA ASP B 324 2.66 -2.96 46.24
C ASP B 324 2.30 -1.73 45.42
N ALA B 325 3.27 -1.18 44.67
CA ALA B 325 3.02 0.04 43.90
C ALA B 325 1.91 -0.16 42.88
N ALA B 326 1.89 -1.32 42.19
CA ALA B 326 0.83 -1.56 41.22
C ALA B 326 -0.52 -1.74 41.92
N VAL B 327 -0.55 -2.54 43.00
CA VAL B 327 -1.80 -2.78 43.72
C VAL B 327 -2.33 -1.47 44.32
N ARG B 328 -1.45 -0.63 44.84
CA ARG B 328 -1.90 0.68 45.32
C ARG B 328 -2.69 1.43 44.25
N ARG B 329 -2.19 1.42 43.02
CA ARG B 329 -2.88 2.12 41.94
C ARG B 329 -4.21 1.46 41.62
N ILE B 330 -4.22 0.12 41.56
CA ILE B 330 -5.46 -0.60 41.27
C ILE B 330 -6.49 -0.35 42.36
N LEU B 331 -6.09 -0.52 43.63
CA LEU B 331 -7.03 -0.29 44.74
C LEU B 331 -7.53 1.15 44.76
N THR B 332 -6.64 2.11 44.49
CA THR B 332 -7.07 3.51 44.48
C THR B 332 -8.22 3.70 43.50
N LEU B 333 -8.09 3.12 42.30
CA LEU B 333 -9.15 3.21 41.29
C LEU B 333 -10.45 2.60 41.81
N LYS B 334 -10.38 1.39 42.37
CA LYS B 334 -11.58 0.73 42.88
C LYS B 334 -12.23 1.55 44.00
N PHE B 335 -11.42 2.08 44.91
CA PHE B 335 -12.00 2.91 45.97
C PHE B 335 -12.67 4.16 45.38
N ARG B 336 -11.99 4.84 44.44
CA ARG B 336 -12.54 6.09 43.90
C ARG B 336 -13.83 5.85 43.13
N LEU B 337 -13.98 4.68 42.49
CA LEU B 337 -15.25 4.29 41.90
C LEU B 337 -16.31 3.95 42.93
N GLY B 338 -15.99 4.01 44.23
CA GLY B 338 -16.95 3.63 45.25
C GLY B 338 -17.30 2.17 45.30
N LEU B 339 -16.53 1.29 44.65
CA LEU B 339 -16.94 -0.12 44.53
C LEU B 339 -17.01 -0.83 45.88
N PHE B 340 -16.30 -0.36 46.90
CA PHE B 340 -16.43 -1.02 48.21
C PHE B 340 -17.74 -0.66 48.90
N GLU B 341 -18.43 0.38 48.43
CA GLU B 341 -19.73 0.78 48.93
C GLU B 341 -20.86 0.33 48.02
N ASP B 342 -20.64 0.34 46.71
CA ASP B 342 -21.62 -0.10 45.73
C ASP B 342 -20.83 -0.74 44.58
N PRO B 343 -20.86 -2.06 44.47
CA PRO B 343 -20.04 -2.74 43.46
C PRO B 343 -20.61 -2.66 42.05
N ARG B 344 -21.72 -1.94 41.85
CA ARG B 344 -22.33 -1.71 40.55
C ARG B 344 -22.73 -3.02 39.87
N ARG B 345 -23.65 -3.72 40.53
CA ARG B 345 -24.19 -4.96 40.00
C ARG B 345 -25.12 -4.66 38.81
N PRO B 346 -25.37 -5.64 37.96
CA PRO B 346 -26.36 -5.42 36.88
C PRO B 346 -27.74 -5.17 37.46
N ASP B 347 -28.54 -4.42 36.72
CA ASP B 347 -29.85 -3.95 37.17
C ASP B 347 -30.85 -4.26 36.05
N VAL B 348 -31.67 -5.28 36.26
CA VAL B 348 -32.56 -5.75 35.19
C VAL B 348 -33.57 -4.67 34.80
N ALA B 349 -34.13 -3.97 35.79
CA ALA B 349 -35.11 -2.94 35.49
C ALA B 349 -34.50 -1.84 34.64
N ARG B 350 -33.24 -1.49 34.90
CA ARG B 350 -32.59 -0.47 34.11
C ARG B 350 -32.22 -0.99 32.73
N GLN B 351 -31.85 -2.26 32.62
CA GLN B 351 -31.64 -2.86 31.30
C GLN B 351 -32.90 -2.72 30.45
N GLN B 352 -34.07 -3.01 31.04
CA GLN B 352 -35.31 -2.93 30.29
C GLN B 352 -35.65 -1.48 29.94
N ALA B 353 -35.21 -0.52 30.76
CA ALA B 353 -35.54 0.87 30.49
C ALA B 353 -34.63 1.51 29.44
N VAL B 354 -33.35 1.14 29.39
CA VAL B 354 -32.38 1.91 28.62
C VAL B 354 -31.73 1.13 27.49
N ILE B 355 -31.65 -0.19 27.56
CA ILE B 355 -30.96 -0.94 26.51
C ILE B 355 -31.84 -0.98 25.26
N ALA B 356 -31.29 -0.56 24.13
CA ALA B 356 -32.01 -0.46 22.86
C ALA B 356 -33.26 0.42 22.98
N SER B 357 -33.19 1.44 23.83
CA SER B 357 -34.25 2.43 23.92
C SER B 357 -34.48 3.11 22.56
N ALA B 358 -35.64 3.77 22.44
CA ALA B 358 -35.91 4.53 21.22
C ALA B 358 -34.89 5.66 21.03
N GLU B 359 -34.57 6.35 22.12
CA GLU B 359 -33.44 7.27 22.24
C GLU B 359 -32.23 6.78 21.47
N HIS B 360 -31.77 5.60 21.89
CA HIS B 360 -30.51 5.06 21.38
C HIS B 360 -30.63 4.65 19.93
N ALA B 361 -31.78 4.11 19.54
CA ALA B 361 -31.98 3.75 18.13
C ALA B 361 -31.99 4.98 17.23
N ALA B 362 -32.41 6.13 17.76
CA ALA B 362 -32.42 7.36 16.97
C ALA B 362 -31.01 7.89 16.75
N VAL B 363 -30.16 7.85 17.79
CA VAL B 363 -28.74 8.15 17.60
C VAL B 363 -28.15 7.24 16.54
N ASN B 364 -28.43 5.94 16.63
CA ASN B 364 -27.86 4.96 15.71
C ASN B 364 -28.26 5.26 14.27
N LEU B 365 -29.53 5.56 14.04
CA LEU B 365 -29.98 5.95 12.71
C LEU B 365 -29.26 7.21 12.23
N GLU B 366 -29.06 8.21 13.11
CA GLU B 366 -28.35 9.40 12.68
C GLU B 366 -26.94 9.08 12.23
N VAL B 367 -26.21 8.25 12.99
CA VAL B 367 -24.85 7.91 12.59
C VAL B 367 -24.85 7.14 11.27
N ALA B 368 -25.77 6.19 11.11
CA ALA B 368 -25.83 5.43 9.87
C ALA B 368 -26.08 6.33 8.67
N ARG B 369 -27.06 7.23 8.81
CA ARG B 369 -27.41 8.15 7.72
C ARG B 369 -26.25 9.04 7.32
N ARG B 370 -25.50 9.54 8.30
CA ARG B 370 -24.45 10.51 8.02
C ARG B 370 -23.11 9.86 7.70
N SER B 371 -22.97 8.55 7.92
CA SER B 371 -21.73 7.85 7.64
C SER B 371 -21.60 7.38 6.18
N LEU B 372 -22.69 7.22 5.45
CA LEU B 372 -22.59 6.70 4.10
C LEU B 372 -21.86 7.68 3.19
N VAL B 373 -20.92 7.17 2.40
CA VAL B 373 -20.13 8.01 1.50
C VAL B 373 -20.52 7.68 0.06
N LEU B 374 -21.07 8.67 -0.65
CA LEU B 374 -21.32 8.53 -2.08
C LEU B 374 -20.03 8.87 -2.80
N LEU B 375 -19.43 7.88 -3.45
CA LEU B 375 -18.11 8.02 -4.06
C LEU B 375 -18.18 8.32 -5.55
N THR B 376 -19.08 7.68 -6.28
CA THR B 376 -19.31 7.99 -7.69
C THR B 376 -20.82 8.04 -7.92
N ASN B 377 -21.22 8.81 -8.94
CA ASN B 377 -22.62 8.94 -9.31
C ASN B 377 -22.67 9.58 -10.69
N ASP B 378 -23.21 8.84 -11.67
CA ASP B 378 -23.35 9.39 -13.02
C ASP B 378 -24.64 10.17 -13.21
N GLY B 379 -25.39 10.41 -12.14
CA GLY B 379 -26.69 11.04 -12.21
C GLY B 379 -27.85 10.09 -11.98
N THR B 380 -27.59 8.79 -11.99
CA THR B 380 -28.63 7.82 -11.64
C THR B 380 -29.18 8.07 -10.25
N LEU B 381 -28.33 8.51 -9.32
CA LEU B 381 -28.85 8.77 -7.99
C LEU B 381 -29.07 10.27 -7.79
N PRO B 382 -30.11 10.68 -7.03
CA PRO B 382 -31.09 9.81 -6.34
C PRO B 382 -32.06 9.17 -7.33
N PHE B 383 -32.43 7.92 -7.08
CA PHE B 383 -33.12 7.15 -8.11
C PHE B 383 -34.43 7.80 -8.51
N ALA B 384 -34.70 7.81 -9.83
CA ALA B 384 -35.92 8.39 -10.40
C ALA B 384 -36.08 9.86 -10.06
N GLY B 385 -34.96 10.55 -9.83
CA GLY B 385 -35.00 11.96 -9.46
C GLY B 385 -35.18 12.22 -7.98
N GLY B 386 -35.40 11.20 -7.16
CA GLY B 386 -35.60 11.42 -5.74
C GLY B 386 -37.05 11.34 -5.32
N LEU B 387 -37.31 10.81 -4.14
CA LEU B 387 -38.67 10.52 -3.67
C LEU B 387 -38.96 11.31 -2.40
N ASP B 388 -40.24 11.39 -2.07
CA ASP B 388 -40.72 12.03 -0.84
C ASP B 388 -41.57 11.04 -0.06
N ARG B 389 -41.74 11.32 1.22
CA ARG B 389 -42.63 10.48 2.03
C ARG B 389 -44.00 11.15 2.13
N ALA B 390 -44.98 10.43 2.65
CA ALA B 390 -46.30 11.07 2.87
C ALA B 390 -46.07 12.33 3.69
N ASP B 395 -40.80 9.18 8.71
CA ASP B 395 -40.61 7.73 8.72
C ASP B 395 -41.86 7.07 8.16
N GLY B 396 -41.69 6.04 7.35
CA GLY B 396 -42.76 5.44 6.59
C GLY B 396 -42.42 5.33 5.12
N ARG B 397 -43.29 4.61 4.41
CA ARG B 397 -43.01 4.28 3.02
C ARG B 397 -42.98 5.52 2.15
N ALA B 398 -42.12 5.49 1.13
CA ALA B 398 -42.00 6.61 0.21
C ALA B 398 -43.13 6.58 -0.82
N LEU B 399 -43.46 7.74 -1.35
CA LEU B 399 -44.45 7.84 -2.42
C LEU B 399 -43.78 7.69 -3.77
N ALA B 400 -44.50 7.10 -4.72
CA ALA B 400 -44.02 7.06 -6.09
C ALA B 400 -43.88 8.49 -6.59
N PRO B 401 -42.74 8.84 -7.20
CA PRO B 401 -42.53 10.23 -7.63
C PRO B 401 -43.15 10.48 -9.00
N ALA B 402 -43.30 11.78 -9.30
CA ALA B 402 -43.82 12.19 -10.60
C ALA B 402 -43.00 11.58 -11.73
N GLY B 403 -43.67 10.85 -12.62
CA GLY B 403 -43.04 10.27 -13.77
C GLY B 403 -42.44 8.89 -13.59
N ALA B 404 -42.71 8.21 -12.47
CA ALA B 404 -42.20 6.86 -12.23
C ALA B 404 -43.21 6.06 -11.41
N PRO B 405 -44.33 5.67 -12.03
CA PRO B 405 -45.37 4.94 -11.25
C PRO B 405 -44.95 3.54 -10.83
N ALA B 406 -44.25 2.81 -11.69
CA ALA B 406 -43.87 1.42 -11.41
C ALA B 406 -42.40 1.23 -11.74
N ARG B 407 -41.61 0.91 -10.72
CA ARG B 407 -40.21 0.57 -10.89
C ARG B 407 -39.90 -0.69 -10.10
N THR B 408 -38.91 -1.44 -10.56
CA THR B 408 -38.46 -2.65 -9.87
C THR B 408 -37.00 -2.47 -9.51
N ILE B 409 -36.67 -2.71 -8.24
CA ILE B 409 -35.30 -2.60 -7.74
C ILE B 409 -34.83 -4.00 -7.38
N ALA B 410 -33.82 -4.50 -8.11
CA ALA B 410 -33.21 -5.79 -7.82
C ALA B 410 -32.06 -5.60 -6.84
N VAL B 411 -32.16 -6.22 -5.67
CA VAL B 411 -31.15 -6.11 -4.62
C VAL B 411 -30.40 -7.44 -4.58
N VAL B 412 -29.09 -7.38 -4.84
CA VAL B 412 -28.29 -8.58 -5.10
C VAL B 412 -26.97 -8.49 -4.35
N GLY B 413 -26.29 -9.64 -4.25
CA GLY B 413 -24.96 -9.68 -3.68
C GLY B 413 -24.95 -10.33 -2.30
N PRO B 414 -23.80 -10.87 -1.90
CA PRO B 414 -23.76 -11.65 -0.66
C PRO B 414 -24.01 -10.84 0.59
N ASN B 415 -23.77 -9.53 0.57
CA ASN B 415 -23.92 -8.73 1.78
C ASN B 415 -25.22 -7.96 1.82
N ALA B 416 -26.13 -8.23 0.88
CA ALA B 416 -27.38 -7.49 0.76
C ALA B 416 -28.39 -7.82 1.86
N ASP B 417 -28.29 -9.00 2.47
CA ASP B 417 -29.28 -9.46 3.44
C ASP B 417 -28.60 -10.20 4.59
N ASP B 418 -27.33 -9.90 4.84
CA ASP B 418 -26.50 -10.58 5.84
C ASP B 418 -26.37 -9.67 7.06
N ASP B 419 -27.19 -9.91 8.09
CA ASP B 419 -27.22 -9.00 9.23
C ASP B 419 -25.94 -9.10 10.07
N HIS B 420 -25.32 -10.27 10.16
CA HIS B 420 -24.10 -10.40 10.95
C HIS B 420 -22.96 -9.61 10.31
N THR B 421 -22.75 -9.80 9.01
CA THR B 421 -21.68 -9.09 8.30
C THR B 421 -21.91 -7.58 8.32
N GLN B 422 -23.17 -7.14 8.27
CA GLN B 422 -23.45 -5.72 8.33
C GLN B 422 -22.97 -5.10 9.64
N LEU B 423 -23.05 -5.84 10.75
CA LEU B 423 -22.62 -5.28 12.02
C LEU B 423 -21.11 -5.33 12.19
N GLY B 424 -20.42 -6.22 11.47
CA GLY B 424 -18.98 -6.28 11.48
C GLY B 424 -18.37 -6.98 12.68
N ASP B 425 -17.04 -6.87 12.75
CA ASP B 425 -16.26 -7.43 13.83
C ASP B 425 -16.58 -6.73 15.15
N TRP B 426 -16.27 -7.41 16.27
CA TRP B 426 -16.50 -6.91 17.63
C TRP B 426 -17.96 -6.55 17.85
N ALA B 427 -18.84 -7.51 17.56
CA ALA B 427 -20.28 -7.41 17.74
C ALA B 427 -20.88 -8.80 17.61
N GLY B 428 -21.82 -9.12 18.49
CA GLY B 428 -22.64 -10.30 18.29
C GLY B 428 -21.83 -11.58 18.28
N ALA B 429 -21.94 -12.33 17.19
CA ALA B 429 -21.26 -13.60 17.02
C ALA B 429 -19.90 -13.47 16.34
N SER B 430 -19.29 -12.29 16.36
CA SER B 430 -18.00 -12.11 15.70
C SER B 430 -16.94 -13.05 16.24
N GLY B 431 -17.12 -13.59 17.45
CA GLY B 431 -16.30 -14.71 17.90
C GLY B 431 -15.64 -14.57 19.26
N GLN B 432 -15.52 -13.34 19.76
CA GLN B 432 -14.76 -13.13 20.99
C GLN B 432 -15.57 -13.45 22.25
N ALA B 433 -16.88 -13.54 22.16
CA ALA B 433 -17.73 -13.90 23.29
C ALA B 433 -18.51 -15.14 22.94
N ASP B 434 -18.66 -16.05 23.90
CA ASP B 434 -19.19 -17.38 23.58
C ASP B 434 -20.62 -17.58 24.05
N TRP B 435 -21.32 -16.52 24.47
CA TRP B 435 -22.69 -16.65 24.95
C TRP B 435 -23.70 -16.01 24.00
N LEU B 436 -23.30 -15.74 22.75
CA LEU B 436 -24.18 -15.15 21.74
C LEU B 436 -24.20 -16.04 20.50
N PRO B 437 -24.70 -17.28 20.62
CA PRO B 437 -24.59 -18.20 19.47
C PRO B 437 -25.28 -17.69 18.22
N ASP B 438 -26.44 -17.06 18.36
CA ASP B 438 -27.18 -16.52 17.22
C ASP B 438 -26.87 -15.04 16.98
N GLY B 439 -25.86 -14.49 17.66
CA GLY B 439 -25.63 -13.06 17.61
C GLY B 439 -26.81 -12.27 18.19
N HIS B 440 -26.99 -11.05 17.67
CA HIS B 440 -28.07 -10.17 18.06
C HIS B 440 -29.36 -10.56 17.33
N PRO B 441 -30.51 -10.21 17.90
CA PRO B 441 -31.79 -10.60 17.27
C PRO B 441 -31.92 -10.07 15.85
N ARG B 442 -32.28 -10.97 14.93
CA ARG B 442 -32.41 -10.61 13.51
C ARG B 442 -33.33 -9.41 13.33
N GLU B 443 -34.46 -9.42 14.04
CA GLU B 443 -35.32 -8.29 14.42
C GLU B 443 -34.69 -6.92 14.25
N MET B 444 -33.57 -6.74 14.95
CA MET B 444 -33.04 -5.43 15.26
C MET B 444 -32.21 -4.83 14.14
N THR B 445 -31.84 -5.61 13.13
CA THR B 445 -31.02 -5.13 12.03
C THR B 445 -31.87 -5.00 10.78
N THR B 446 -31.81 -3.82 10.16
CA THR B 446 -32.38 -3.60 8.84
C THR B 446 -31.26 -3.80 7.82
N THR B 447 -31.31 -4.92 7.09
CA THR B 447 -30.36 -5.11 6.02
C THR B 447 -30.70 -4.19 4.85
N VAL B 448 -29.83 -4.17 3.85
CA VAL B 448 -30.12 -3.37 2.66
C VAL B 448 -31.42 -3.85 2.01
N LEU B 449 -31.59 -5.16 1.90
CA LEU B 449 -32.84 -5.70 1.36
C LEU B 449 -34.03 -5.28 2.21
N ASP B 450 -33.93 -5.44 3.54
CA ASP B 450 -34.97 -4.94 4.44
C ASP B 450 -35.30 -3.47 4.17
N GLY B 451 -34.26 -2.64 3.97
CA GLY B 451 -34.49 -1.21 3.85
C GLY B 451 -35.30 -0.86 2.61
N PHE B 452 -34.97 -1.47 1.47
CA PHE B 452 -35.72 -1.21 0.26
C PHE B 452 -37.13 -1.78 0.33
N ARG B 453 -37.29 -2.98 0.90
CA ARG B 453 -38.63 -3.57 1.03
C ARG B 453 -39.53 -2.66 1.85
N ALA B 454 -38.99 -2.01 2.88
CA ALA B 454 -39.81 -1.15 3.74
C ALA B 454 -40.10 0.21 3.13
N LEU B 455 -39.23 0.74 2.27
CA LEU B 455 -39.39 2.12 1.82
C LEU B 455 -39.83 2.28 0.38
N ALA B 456 -39.69 1.24 -0.45
CA ALA B 456 -40.10 1.37 -1.85
C ALA B 456 -41.60 1.68 -1.93
N PRO B 457 -42.01 2.54 -2.85
CA PRO B 457 -43.44 2.90 -2.92
C PRO B 457 -44.36 1.71 -3.12
N GLU B 458 -45.57 1.84 -2.57
CA GLU B 458 -46.67 1.00 -2.98
C GLU B 458 -46.88 1.19 -4.48
N GLY B 459 -46.64 0.15 -5.26
CA GLY B 459 -46.62 0.25 -6.71
C GLY B 459 -45.29 -0.12 -7.33
N TRP B 460 -44.21 -0.07 -6.56
CA TRP B 460 -42.90 -0.55 -7.00
C TRP B 460 -42.69 -1.95 -6.45
N ALA B 461 -41.75 -2.67 -7.06
CA ALA B 461 -41.40 -4.02 -6.63
C ALA B 461 -39.93 -4.06 -6.23
N VAL B 462 -39.62 -4.90 -5.25
CA VAL B 462 -38.26 -5.15 -4.79
C VAL B 462 -38.00 -6.65 -4.91
N THR B 463 -36.97 -7.01 -5.67
CA THR B 463 -36.59 -8.40 -5.85
C THR B 463 -35.20 -8.65 -5.27
N HIS B 464 -34.85 -9.91 -5.11
CA HIS B 464 -33.63 -10.31 -4.42
C HIS B 464 -33.01 -11.53 -5.11
N ALA B 465 -31.69 -11.51 -5.24
CA ALA B 465 -30.93 -12.66 -5.75
C ALA B 465 -29.55 -12.60 -5.14
N ARG B 466 -29.06 -13.72 -4.62
CA ARG B 466 -27.78 -13.67 -3.89
C ARG B 466 -26.62 -13.34 -4.82
N GLY B 467 -26.58 -13.94 -6.00
CA GLY B 467 -25.63 -13.54 -7.02
C GLY B 467 -24.24 -14.14 -6.88
N ALA B 468 -23.70 -14.16 -5.66
CA ALA B 468 -22.35 -14.65 -5.46
C ALA B 468 -22.17 -15.05 -4.01
N ASP B 469 -21.29 -16.03 -3.79
CA ASP B 469 -20.78 -16.33 -2.47
C ASP B 469 -19.36 -15.79 -2.36
N ILE B 470 -18.88 -15.70 -1.12
CA ILE B 470 -17.55 -15.19 -0.84
C ILE B 470 -16.55 -16.32 -0.56
N LEU B 471 -16.86 -17.21 0.38
CA LEU B 471 -15.85 -18.17 0.82
C LEU B 471 -16.49 -19.36 1.51
N THR B 472 -15.68 -20.42 1.63
CA THR B 472 -15.87 -21.48 2.60
C THR B 472 -14.57 -21.65 3.37
N LEU B 473 -14.65 -22.42 4.46
CA LEU B 473 -13.50 -22.76 5.29
C LEU B 473 -13.15 -24.23 5.07
N ALA B 474 -11.87 -24.53 5.11
CA ALA B 474 -11.35 -25.88 4.97
C ALA B 474 -10.24 -26.08 6.00
N PRO B 475 -9.93 -27.33 6.35
CA PRO B 475 -8.82 -27.58 7.28
C PRO B 475 -7.48 -27.14 6.70
N ASP B 476 -6.53 -26.86 7.59
CA ASP B 476 -5.23 -26.29 7.22
C ASP B 476 -4.48 -27.12 6.18
N PRO B 489 -6.05 -23.27 13.09
CA PRO B 489 -7.27 -22.72 12.50
C PRO B 489 -7.52 -23.19 11.09
N GLN B 490 -8.78 -23.15 10.65
CA GLN B 490 -9.11 -23.45 9.26
C GLN B 490 -8.66 -22.30 8.35
N VAL B 491 -8.56 -22.59 7.05
CA VAL B 491 -8.13 -21.60 6.08
C VAL B 491 -9.29 -21.25 5.16
N VAL B 492 -9.26 -20.03 4.62
CA VAL B 492 -10.28 -19.53 3.71
C VAL B 492 -10.10 -20.18 2.34
N VAL B 493 -11.20 -20.63 1.75
CA VAL B 493 -11.21 -21.05 0.34
C VAL B 493 -12.17 -20.14 -0.41
N PRO B 494 -11.68 -19.29 -1.33
CA PRO B 494 -12.60 -18.43 -2.08
C PRO B 494 -13.66 -19.24 -2.79
N ALA B 495 -14.89 -18.73 -2.79
CA ALA B 495 -15.97 -19.38 -3.50
C ALA B 495 -15.64 -19.46 -4.98
N ALA B 496 -16.03 -20.57 -5.59
CA ALA B 496 -15.78 -20.91 -6.99
C ALA B 496 -16.66 -20.09 -7.92
N PRO B 497 -16.47 -20.21 -9.23
CA PRO B 497 -17.48 -19.69 -10.16
C PRO B 497 -18.82 -20.38 -9.94
N ASP B 498 -19.91 -19.61 -9.99
CA ASP B 498 -21.26 -20.15 -9.86
C ASP B 498 -22.11 -19.53 -10.95
N ASP B 499 -22.07 -20.14 -12.15
CA ASP B 499 -22.78 -19.60 -13.30
C ASP B 499 -24.29 -19.50 -13.04
N ALA B 500 -24.86 -20.50 -12.36
CA ALA B 500 -26.29 -20.47 -12.10
C ALA B 500 -26.66 -19.35 -11.14
N LEU B 501 -25.82 -19.11 -10.13
CA LEU B 501 -26.09 -18.03 -9.21
C LEU B 501 -25.94 -16.68 -9.89
N ILE B 502 -24.90 -16.51 -10.71
CA ILE B 502 -24.75 -15.30 -11.52
C ILE B 502 -25.98 -15.10 -12.41
N ALA B 503 -26.38 -16.14 -13.15
CA ALA B 503 -27.46 -15.98 -14.11
C ALA B 503 -28.78 -15.62 -13.43
N GLU B 504 -29.00 -16.10 -12.20
CA GLU B 504 -30.19 -15.71 -11.47
C GLU B 504 -30.20 -14.22 -11.14
N ALA B 505 -29.04 -13.68 -10.74
CA ALA B 505 -28.97 -12.25 -10.48
C ALA B 505 -29.05 -11.45 -11.78
N VAL B 506 -28.46 -11.95 -12.86
CA VAL B 506 -28.56 -11.27 -14.15
C VAL B 506 -30.01 -11.23 -14.61
N ALA B 507 -30.76 -12.31 -14.36
CA ALA B 507 -32.16 -12.34 -14.72
C ALA B 507 -32.96 -11.29 -13.94
N ALA B 508 -32.65 -11.15 -12.65
CA ALA B 508 -33.37 -10.15 -11.84
C ALA B 508 -33.07 -8.74 -12.32
N ALA B 509 -31.82 -8.47 -12.70
CA ALA B 509 -31.44 -7.13 -13.13
C ALA B 509 -32.05 -6.78 -14.46
N ARG B 510 -32.05 -7.73 -15.41
CA ARG B 510 -32.65 -7.50 -16.73
C ARG B 510 -34.14 -7.25 -16.64
N ASP B 511 -34.79 -7.70 -15.57
CA ASP B 511 -36.19 -7.40 -15.32
C ASP B 511 -36.35 -6.26 -14.33
N ALA B 512 -35.33 -5.43 -14.14
CA ALA B 512 -35.39 -4.37 -13.15
C ALA B 512 -35.05 -3.02 -13.77
N ASP B 513 -35.41 -1.95 -13.06
CA ASP B 513 -34.98 -0.61 -13.41
C ASP B 513 -33.68 -0.21 -12.73
N LEU B 514 -33.30 -0.91 -11.67
CA LEU B 514 -32.10 -0.61 -10.92
C LEU B 514 -31.60 -1.89 -10.25
N ALA B 515 -30.29 -2.10 -10.27
CA ALA B 515 -29.67 -3.21 -9.58
C ALA B 515 -28.78 -2.67 -8.46
N VAL B 516 -29.06 -3.05 -7.23
CA VAL B 516 -28.28 -2.62 -6.08
C VAL B 516 -27.45 -3.81 -5.63
N ALA B 517 -26.16 -3.76 -5.90
CA ALA B 517 -25.24 -4.86 -5.66
C ALA B 517 -24.47 -4.58 -4.38
N VAL B 518 -24.68 -5.43 -3.37
CA VAL B 518 -24.10 -5.23 -2.04
C VAL B 518 -23.00 -6.25 -1.86
N VAL B 519 -21.76 -5.77 -1.91
CA VAL B 519 -20.56 -6.57 -1.96
C VAL B 519 -19.63 -6.13 -0.83
N GLY B 520 -18.61 -6.94 -0.57
CA GLY B 520 -17.60 -6.56 0.40
C GLY B 520 -16.83 -7.73 0.98
N ASP B 521 -16.54 -7.68 2.28
CA ASP B 521 -15.86 -8.78 2.95
C ASP B 521 -16.74 -9.30 4.08
N ARG B 522 -16.15 -10.17 4.91
CA ARG B 522 -16.87 -10.77 6.02
C ARG B 522 -15.84 -11.29 7.02
N ILE B 523 -16.34 -11.90 8.10
CA ILE B 523 -15.56 -11.98 9.34
C ILE B 523 -14.29 -12.79 9.18
N GLU B 524 -14.31 -13.83 8.34
CA GLU B 524 -13.10 -14.63 8.16
C GLU B 524 -12.01 -13.88 7.40
N LEU B 525 -12.33 -12.71 6.85
CA LEU B 525 -11.37 -11.88 6.13
C LEU B 525 -11.05 -10.59 6.88
N VAL B 526 -11.38 -10.53 8.17
CA VAL B 526 -11.34 -9.32 8.98
C VAL B 526 -10.74 -9.64 10.35
N GLY B 527 -9.92 -8.74 10.88
CA GLY B 527 -9.66 -8.72 12.31
C GLY B 527 -8.33 -9.32 12.73
N GLU B 528 -8.28 -9.73 14.00
CA GLU B 528 -7.04 -10.30 14.54
C GLU B 528 -6.64 -11.56 13.81
N GLY B 529 -5.34 -11.68 13.54
CA GLY B 529 -4.78 -12.79 12.80
C GLY B 529 -5.33 -12.94 11.39
N ARG B 530 -5.99 -11.91 10.86
CA ARG B 530 -6.68 -11.99 9.58
C ARG B 530 -6.42 -10.73 8.76
N SER B 531 -5.16 -10.31 8.66
CA SER B 531 -4.76 -9.35 7.65
C SER B 531 -4.99 -9.95 6.26
N THR B 532 -5.09 -9.09 5.25
CA THR B 532 -5.20 -9.56 3.87
C THR B 532 -4.09 -8.96 3.02
N ALA B 533 -3.63 -9.71 2.02
CA ALA B 533 -2.56 -9.29 1.14
C ALA B 533 -3.05 -8.54 -0.09
N THR B 534 -4.23 -8.89 -0.62
CA THR B 534 -4.59 -8.40 -1.94
C THR B 534 -5.62 -7.28 -1.92
N LEU B 535 -6.40 -7.13 -0.85
CA LEU B 535 -7.46 -6.13 -0.70
C LEU B 535 -8.60 -6.33 -1.69
N GLU B 536 -8.67 -7.46 -2.37
CA GLU B 536 -9.67 -7.62 -3.41
C GLU B 536 -10.94 -8.28 -2.87
N LEU B 537 -12.04 -8.06 -3.57
CA LEU B 537 -13.27 -8.79 -3.28
C LEU B 537 -13.04 -10.27 -3.50
N VAL B 538 -13.42 -11.09 -2.53
CA VAL B 538 -13.12 -12.52 -2.57
C VAL B 538 -14.34 -13.27 -3.10
N GLY B 539 -14.10 -14.37 -3.81
CA GLY B 539 -15.17 -15.26 -4.22
C GLY B 539 -15.75 -14.91 -5.57
N GLY B 540 -17.07 -15.04 -5.72
CA GLY B 540 -17.70 -14.76 -6.99
C GLY B 540 -18.13 -13.33 -7.22
N GLN B 541 -17.70 -12.40 -6.36
CA GLN B 541 -18.23 -11.03 -6.36
C GLN B 541 -17.82 -10.24 -7.60
N VAL B 542 -16.54 -10.34 -8.00
CA VAL B 542 -16.11 -9.62 -9.20
C VAL B 542 -16.88 -10.13 -10.42
N ALA B 543 -17.03 -11.45 -10.54
CA ALA B 543 -17.77 -12.00 -11.67
C ALA B 543 -19.21 -11.51 -11.66
N LEU B 544 -19.82 -11.39 -10.46
CA LEU B 544 -21.18 -10.88 -10.34
C LEU B 544 -21.27 -9.43 -10.81
N LEU B 545 -20.33 -8.59 -10.37
CA LEU B 545 -20.38 -7.19 -10.76
C LEU B 545 -20.19 -7.02 -12.26
N ASP B 546 -19.26 -7.79 -12.86
CA ASP B 546 -19.08 -7.76 -14.32
C ASP B 546 -20.39 -8.08 -15.04
N ALA B 547 -21.06 -9.14 -14.63
CA ALA B 547 -22.27 -9.58 -15.32
C ALA B 547 -23.40 -8.58 -15.14
N LEU B 548 -23.52 -7.99 -13.95
CA LEU B 548 -24.58 -7.03 -13.68
C LEU B 548 -24.44 -5.78 -14.54
N VAL B 549 -23.25 -5.19 -14.56
CA VAL B 549 -23.05 -3.96 -15.33
C VAL B 549 -23.29 -4.22 -16.81
N ALA B 550 -22.93 -5.42 -17.29
CA ALA B 550 -23.10 -5.76 -18.70
C ALA B 550 -24.57 -5.89 -19.12
N THR B 551 -25.50 -5.97 -18.17
CA THR B 551 -26.93 -6.04 -18.53
C THR B 551 -27.47 -4.72 -19.07
N GLY B 552 -26.76 -3.60 -18.89
CA GLY B 552 -27.32 -2.31 -19.22
C GLY B 552 -28.29 -1.73 -18.21
N THR B 553 -28.72 -2.51 -17.23
CA THR B 553 -29.49 -1.92 -16.13
C THR B 553 -28.55 -1.14 -15.22
N PRO B 554 -28.90 0.08 -14.81
CA PRO B 554 -28.00 0.84 -13.92
C PRO B 554 -27.71 0.07 -12.64
N VAL B 555 -26.42 -0.02 -12.31
CA VAL B 555 -25.97 -0.73 -11.10
C VAL B 555 -25.45 0.28 -10.09
N VAL B 556 -25.92 0.16 -8.85
CA VAL B 556 -25.37 0.87 -7.69
C VAL B 556 -24.61 -0.15 -6.87
N VAL B 557 -23.29 0.03 -6.76
CA VAL B 557 -22.45 -0.84 -5.95
C VAL B 557 -22.46 -0.27 -4.53
N VAL B 558 -22.91 -1.06 -3.56
CA VAL B 558 -22.86 -0.69 -2.15
C VAL B 558 -21.82 -1.57 -1.48
N VAL B 559 -20.77 -0.96 -0.97
CA VAL B 559 -19.68 -1.72 -0.34
C VAL B 559 -19.95 -1.78 1.17
N VAL B 560 -20.36 -2.95 1.63
CA VAL B 560 -20.43 -3.26 3.06
C VAL B 560 -19.20 -4.10 3.36
N ALA B 561 -18.23 -3.48 4.02
CA ALA B 561 -16.94 -4.13 4.23
C ALA B 561 -16.22 -3.49 5.41
N SER B 562 -15.27 -4.24 5.96
CA SER B 562 -14.55 -3.77 7.13
C SER B 562 -13.63 -2.60 6.81
N LYS B 563 -13.09 -2.55 5.60
CA LYS B 563 -11.98 -1.66 5.29
C LYS B 563 -12.00 -1.36 3.79
N PRO B 564 -11.26 -0.36 3.34
CA PRO B 564 -11.26 -0.02 1.90
C PRO B 564 -10.69 -1.13 1.04
N LEU B 565 -11.50 -1.61 0.10
CA LEU B 565 -11.11 -2.71 -0.77
C LEU B 565 -10.77 -2.19 -2.16
N VAL B 566 -9.93 -2.95 -2.87
CA VAL B 566 -9.74 -2.74 -4.31
C VAL B 566 -11.01 -3.19 -5.03
N LEU B 567 -11.59 -2.29 -5.83
CA LEU B 567 -12.78 -2.67 -6.57
C LEU B 567 -12.46 -2.90 -8.04
N PRO B 568 -13.12 -3.85 -8.70
CA PRO B 568 -12.75 -4.21 -10.07
C PRO B 568 -13.18 -3.13 -11.06
N PRO B 569 -12.62 -3.15 -12.28
CA PRO B 569 -13.04 -2.17 -13.30
C PRO B 569 -14.55 -2.04 -13.44
N SER B 570 -15.31 -3.13 -13.30
CA SER B 570 -16.76 -3.03 -13.49
C SER B 570 -17.43 -2.18 -12.43
N ALA B 571 -16.87 -2.14 -11.20
CA ALA B 571 -17.43 -1.27 -10.18
C ALA B 571 -17.21 0.20 -10.53
N HIS B 572 -16.08 0.51 -11.14
CA HIS B 572 -15.80 1.87 -11.58
C HIS B 572 -16.56 2.24 -12.85
N ALA B 573 -17.13 1.26 -13.56
CA ALA B 573 -18.00 1.54 -14.70
C ALA B 573 -19.48 1.56 -14.31
N ALA B 574 -19.81 1.11 -13.11
CA ALA B 574 -21.18 1.12 -12.61
C ALA B 574 -21.70 2.55 -12.48
N ALA B 575 -23.02 2.66 -12.30
CA ALA B 575 -23.67 3.96 -12.25
C ALA B 575 -23.28 4.74 -11.00
N ALA B 576 -23.19 4.05 -9.85
CA ALA B 576 -22.85 4.73 -8.60
C ALA B 576 -22.19 3.73 -7.65
N VAL B 577 -21.38 4.27 -6.75
CA VAL B 577 -20.67 3.47 -5.74
C VAL B 577 -20.89 4.16 -4.40
N VAL B 578 -21.41 3.41 -3.43
CA VAL B 578 -21.64 3.87 -2.06
C VAL B 578 -20.73 3.07 -1.13
N TRP B 579 -20.00 3.77 -0.27
CA TRP B 579 -19.18 3.14 0.76
C TRP B 579 -19.94 3.21 2.08
N ALA B 580 -20.16 2.05 2.70
CA ALA B 580 -20.92 1.97 3.94
C ALA B 580 -20.15 1.41 5.12
N ALA B 581 -18.89 1.03 4.94
CA ALA B 581 -18.09 0.40 6.02
C ALA B 581 -18.91 -0.76 6.57
N ASN B 582 -18.98 -0.94 7.89
CA ASN B 582 -20.01 -1.78 8.50
C ASN B 582 -20.99 -0.82 9.17
N PRO B 583 -22.19 -0.62 8.63
CA PRO B 583 -23.01 0.52 9.02
C PRO B 583 -23.94 0.28 10.21
N GLY B 584 -23.80 -0.84 10.91
CA GLY B 584 -24.59 -1.10 12.09
C GLY B 584 -26.03 -1.50 11.78
N MET B 585 -26.82 -1.51 12.85
CA MET B 585 -28.16 -2.09 12.85
C MET B 585 -29.13 -1.33 11.95
N ARG B 586 -29.00 -0.01 11.86
CA ARG B 586 -29.86 0.79 10.99
C ARG B 586 -29.28 1.01 9.60
N GLY B 587 -28.13 0.41 9.30
CA GLY B 587 -27.42 0.75 8.06
C GLY B 587 -28.26 0.51 6.81
N GLY B 588 -29.07 -0.55 6.81
CA GLY B 588 -29.84 -0.86 5.61
C GLY B 588 -30.90 0.17 5.31
N GLN B 589 -31.51 0.75 6.34
CA GLN B 589 -32.46 1.84 6.13
C GLN B 589 -31.77 3.08 5.58
N ALA B 590 -30.60 3.43 6.11
CA ALA B 590 -29.86 4.56 5.59
C ALA B 590 -29.49 4.36 4.11
N VAL B 591 -29.12 3.13 3.73
CA VAL B 591 -28.73 2.89 2.34
C VAL B 591 -29.92 3.11 1.41
N ALA B 592 -31.07 2.53 1.75
CA ALA B 592 -32.23 2.68 0.90
C ALA B 592 -32.69 4.13 0.84
N GLU B 593 -32.59 4.83 1.97
CA GLU B 593 -32.94 6.25 2.02
C GLU B 593 -32.03 7.09 1.13
N LEU B 594 -30.72 6.81 1.17
CA LEU B 594 -29.78 7.54 0.31
C LEU B 594 -30.10 7.29 -1.16
N VAL B 595 -30.29 6.02 -1.54
CA VAL B 595 -30.51 5.68 -2.94
C VAL B 595 -31.80 6.30 -3.44
N LEU B 596 -32.83 6.34 -2.59
CA LEU B 596 -34.12 6.88 -2.97
C LEU B 596 -34.21 8.39 -2.79
N GLY B 597 -33.19 9.04 -2.24
CA GLY B 597 -33.21 10.48 -2.08
C GLY B 597 -34.04 10.98 -0.91
N LEU B 598 -34.38 10.13 0.05
CA LEU B 598 -35.07 10.58 1.25
C LEU B 598 -34.12 11.25 2.24
N ILE B 599 -32.81 11.09 2.03
CA ILE B 599 -31.79 11.85 2.74
C ILE B 599 -30.78 12.29 1.71
N GLU B 600 -30.02 13.33 2.05
CA GLU B 600 -28.87 13.74 1.27
C GLU B 600 -27.61 13.05 1.80
N PRO B 601 -26.66 12.71 0.93
CA PRO B 601 -25.38 12.18 1.42
C PRO B 601 -24.58 13.26 2.14
N GLU B 602 -23.91 12.84 3.21
CA GLU B 602 -23.01 13.72 3.96
C GLU B 602 -21.64 13.12 4.25
N GLY B 603 -21.51 11.80 4.24
CA GLY B 603 -20.26 11.20 4.67
C GLY B 603 -19.09 11.63 3.81
N ARG B 604 -17.93 11.70 4.44
CA ARG B 604 -16.67 12.01 3.78
C ARG B 604 -15.63 10.99 4.23
N LEU B 605 -14.80 10.53 3.31
CA LEU B 605 -13.91 9.43 3.63
C LEU B 605 -12.97 9.81 4.77
N PRO B 606 -12.79 8.97 5.79
CA PRO B 606 -11.73 9.18 6.77
C PRO B 606 -10.43 8.47 6.44
N ILE B 607 -10.32 7.92 5.24
CA ILE B 607 -9.26 6.98 4.88
C ILE B 607 -9.25 6.92 3.35
N SER B 608 -8.06 6.71 2.78
CA SER B 608 -7.96 6.61 1.33
C SER B 608 -8.02 5.15 0.86
N PHE B 609 -8.49 4.97 -0.38
CA PHE B 609 -8.64 3.65 -1.02
C PHE B 609 -7.50 3.43 -2.01
N ALA B 610 -6.83 2.29 -1.91
CA ALA B 610 -5.75 1.96 -2.82
C ALA B 610 -6.30 1.30 -4.09
N ARG B 611 -5.57 1.47 -5.19
CA ARG B 611 -5.88 0.74 -6.42
C ARG B 611 -5.26 -0.65 -6.46
N HIS B 612 -4.29 -0.90 -5.59
CA HIS B 612 -3.55 -2.15 -5.52
C HIS B 612 -2.80 -2.11 -4.20
N ALA B 613 -2.65 -3.28 -3.56
CA ALA B 613 -1.93 -3.34 -2.30
C ALA B 613 -0.50 -2.83 -2.47
N GLY B 614 0.13 -3.14 -3.60
CA GLY B 614 1.46 -2.65 -3.90
C GLY B 614 1.57 -1.15 -4.15
N GLN B 615 0.43 -0.45 -4.27
CA GLN B 615 0.47 1.00 -4.49
C GLN B 615 0.82 1.77 -3.22
N GLN B 616 0.70 1.15 -2.06
CA GLN B 616 0.79 1.85 -0.79
C GLN B 616 2.21 2.37 -0.54
N PRO B 617 2.35 3.48 0.23
CA PRO B 617 1.29 4.21 0.96
C PRO B 617 0.31 5.02 0.10
N THR B 618 -0.97 4.90 0.46
CA THR B 618 -2.00 5.70 -0.18
C THR B 618 -2.68 6.68 0.78
N TYR B 619 -2.23 6.79 2.03
CA TYR B 619 -2.75 7.84 2.90
C TYR B 619 -2.33 9.23 2.38
N TYR B 620 -3.09 10.26 2.76
CA TYR B 620 -2.92 11.55 2.07
C TYR B 620 -1.68 12.30 2.54
N ASN B 621 -1.22 12.06 3.77
CA ASN B 621 -0.15 12.86 4.38
C ASN B 621 1.23 12.23 4.14
N VAL B 622 1.56 12.09 2.87
CA VAL B 622 2.80 11.41 2.47
C VAL B 622 4.00 12.34 2.65
N VAL B 623 5.07 11.78 3.22
CA VAL B 623 6.32 12.53 3.40
C VAL B 623 6.99 12.75 2.06
N ARG B 624 7.52 13.96 1.86
CA ARG B 624 8.13 14.40 0.62
C ARG B 624 9.50 13.76 0.42
N GLY B 625 9.93 13.74 -0.84
CA GLY B 625 11.29 13.32 -1.15
C GLY B 625 11.44 12.37 -2.33
N GLN B 626 10.35 11.75 -2.77
CA GLN B 626 10.44 10.69 -3.78
C GLN B 626 11.03 11.21 -5.10
N HIS B 627 11.87 10.38 -5.72
CA HIS B 627 12.35 10.61 -7.10
C HIS B 627 11.30 10.01 -8.02
N GLY B 628 10.40 10.82 -8.53
CA GLY B 628 9.33 10.37 -9.41
C GLY B 628 7.97 10.56 -8.77
N VAL B 629 6.93 10.40 -9.59
CA VAL B 629 5.54 10.63 -9.13
C VAL B 629 4.69 9.36 -9.31
N ARG B 630 5.24 8.32 -9.93
CA ARG B 630 4.42 7.12 -10.22
C ARG B 630 5.24 5.84 -10.30
N TYR B 631 4.55 4.72 -10.10
CA TYR B 631 5.21 3.42 -10.36
C TYR B 631 5.19 3.23 -11.88
N ALA B 632 6.14 2.50 -12.40
CA ALA B 632 6.22 2.32 -13.86
C ALA B 632 5.00 1.56 -14.38
N ASP B 633 4.36 0.76 -13.54
CA ASP B 633 3.18 0.00 -13.95
C ASP B 633 1.89 0.50 -13.30
N LEU B 634 1.92 1.60 -12.56
CA LEU B 634 0.72 2.00 -11.83
C LEU B 634 0.87 3.44 -11.32
N THR B 635 -0.20 4.22 -11.46
CA THR B 635 -0.25 5.53 -10.84
C THR B 635 -0.13 5.41 -9.33
N GLN B 636 0.31 6.50 -8.69
CA GLN B 636 0.26 6.57 -7.23
C GLN B 636 -0.99 7.25 -6.73
N SER B 637 -1.86 7.72 -7.62
CA SER B 637 -3.09 8.34 -7.20
C SER B 637 -4.02 7.30 -6.59
N PRO B 638 -4.54 7.54 -5.39
CA PRO B 638 -5.43 6.56 -4.78
C PRO B 638 -6.73 6.44 -5.58
N ALA B 639 -7.40 5.29 -5.42
CA ALA B 639 -8.69 5.11 -6.08
C ALA B 639 -9.69 6.17 -5.62
N PHE B 640 -9.73 6.42 -4.31
CA PHE B 640 -10.52 7.46 -3.68
C PHE B 640 -9.70 8.00 -2.52
N ALA B 641 -9.75 9.31 -2.32
CA ALA B 641 -8.83 9.99 -1.42
C ALA B 641 -9.53 10.42 -0.13
N PHE B 642 -8.74 10.46 0.95
CA PHE B 642 -9.16 11.04 2.22
C PHE B 642 -10.00 12.30 2.01
N GLY B 643 -11.16 12.36 2.68
CA GLY B 643 -12.01 13.53 2.62
C GLY B 643 -12.97 13.59 1.45
N GLU B 644 -12.87 12.69 0.48
CA GLU B 644 -13.75 12.74 -0.69
C GLU B 644 -15.13 12.23 -0.34
N GLY B 645 -16.09 12.60 -1.17
CA GLY B 645 -17.45 12.15 -1.00
C GLY B 645 -18.39 13.16 -1.62
N LEU B 646 -19.45 12.66 -2.25
CA LEU B 646 -20.38 13.47 -3.02
C LEU B 646 -21.61 13.82 -2.20
N SER B 647 -22.34 14.83 -2.68
CA SER B 647 -23.72 15.03 -2.23
C SER B 647 -24.63 14.87 -3.43
N TYR B 648 -25.85 15.39 -3.36
CA TYR B 648 -26.73 15.47 -4.53
C TYR B 648 -26.84 16.89 -5.07
N THR B 649 -25.77 17.67 -4.93
CA THR B 649 -25.75 19.04 -5.44
C THR B 649 -24.30 19.43 -5.69
N THR B 650 -24.13 20.55 -6.37
CA THR B 650 -22.80 21.07 -6.65
C THR B 650 -22.51 22.24 -5.72
N VAL B 651 -21.27 22.32 -5.25
CA VAL B 651 -20.85 23.36 -4.33
C VAL B 651 -19.58 23.98 -4.89
N GLU B 652 -19.60 25.29 -5.10
CA GLU B 652 -18.46 26.03 -5.60
C GLU B 652 -17.70 26.63 -4.41
N TYR B 653 -16.39 26.44 -4.39
CA TYR B 653 -15.51 27.06 -3.40
C TYR B 653 -14.79 28.22 -4.06
N ALA B 654 -14.72 29.36 -3.40
CA ALA B 654 -14.05 30.50 -4.03
C ALA B 654 -13.52 31.45 -2.97
N ASP B 655 -12.51 32.23 -3.37
CA ASP B 655 -12.11 33.44 -2.66
C ASP B 655 -11.58 33.12 -1.26
N LEU B 656 -10.68 32.14 -1.18
CA LEU B 656 -10.01 31.84 0.08
C LEU B 656 -9.02 32.95 0.40
N ARG B 657 -9.18 33.58 1.57
CA ARG B 657 -8.32 34.68 1.99
C ARG B 657 -7.84 34.45 3.42
N VAL B 658 -6.55 34.64 3.66
CA VAL B 658 -6.00 34.68 5.00
C VAL B 658 -6.07 36.12 5.49
N LEU B 659 -6.68 36.33 6.67
CA LEU B 659 -6.90 37.68 7.22
C LEU B 659 -5.69 38.06 8.07
N GLY B 660 -4.70 38.70 7.43
CA GLY B 660 -3.43 38.98 8.08
C GLY B 660 -2.49 37.80 7.97
N THR B 661 -1.53 37.87 7.04
CA THR B 661 -0.73 36.69 6.71
C THR B 661 0.49 36.52 7.60
N GLU B 662 0.91 37.54 8.34
CA GLU B 662 2.05 37.41 9.24
C GLU B 662 1.56 37.10 10.65
N HIS B 663 2.29 36.23 11.34
CA HIS B 663 1.85 35.70 12.63
C HIS B 663 3.05 35.51 13.54
N GLY B 664 2.80 35.68 14.85
CA GLY B 664 3.71 35.27 15.88
C GLY B 664 3.29 33.91 16.43
N PRO B 665 4.08 33.34 17.34
CA PRO B 665 3.80 31.97 17.80
C PRO B 665 2.50 31.80 18.55
N ASP B 666 1.98 32.85 19.17
CA ASP B 666 0.78 32.75 19.99
C ASP B 666 -0.48 33.13 19.25
N ASP B 667 -0.39 33.44 17.96
CA ASP B 667 -1.51 33.93 17.19
C ASP B 667 -2.36 32.79 16.64
N VAL B 668 -3.43 33.17 15.96
CA VAL B 668 -4.33 32.25 15.28
C VAL B 668 -4.29 32.61 13.80
N VAL B 669 -4.14 31.60 12.94
CA VAL B 669 -4.31 31.82 11.51
C VAL B 669 -5.80 31.88 11.23
N ARG B 670 -6.29 33.04 10.79
CA ARG B 670 -7.70 33.21 10.48
C ARG B 670 -7.88 33.36 8.98
N ALA B 671 -8.94 32.75 8.45
CA ALA B 671 -9.18 32.78 7.01
C ALA B 671 -10.67 32.81 6.76
N GLU B 672 -11.02 33.11 5.51
CA GLU B 672 -12.40 33.01 5.08
C GLU B 672 -12.42 32.36 3.70
N VAL B 673 -13.50 31.65 3.41
CA VAL B 673 -13.72 31.07 2.10
C VAL B 673 -15.21 31.20 1.80
N THR B 674 -15.55 31.30 0.53
CA THR B 674 -16.92 31.49 0.09
C THR B 674 -17.43 30.21 -0.58
N LEU B 675 -18.58 29.70 -0.12
CA LEU B 675 -19.18 28.50 -0.70
C LEU B 675 -20.52 28.86 -1.32
N THR B 676 -20.81 28.27 -2.47
CA THR B 676 -22.09 28.48 -3.13
C THR B 676 -22.69 27.15 -3.53
N ASN B 677 -23.93 26.92 -3.12
CA ASN B 677 -24.70 25.76 -3.58
C ASN B 677 -25.31 26.12 -4.93
N THR B 678 -24.66 25.69 -6.01
CA THR B 678 -25.11 26.00 -7.36
C THR B 678 -26.05 24.95 -7.93
N GLY B 679 -26.54 24.01 -7.11
CA GLY B 679 -27.43 22.97 -7.55
C GLY B 679 -28.83 23.14 -6.98
N SER B 680 -29.58 22.04 -6.99
CA SER B 680 -31.02 22.08 -6.70
C SER B 680 -31.42 21.42 -5.39
N ARG B 681 -30.48 20.89 -4.60
CA ARG B 681 -30.82 20.22 -3.36
C ARG B 681 -29.95 20.75 -2.24
N PRO B 682 -30.46 20.73 -1.00
CA PRO B 682 -29.64 21.21 0.12
C PRO B 682 -28.49 20.27 0.41
N VAL B 683 -27.48 20.80 1.11
CA VAL B 683 -26.30 20.02 1.45
C VAL B 683 -25.77 20.46 2.81
N ARG B 684 -25.24 19.50 3.57
CA ARG B 684 -24.34 19.76 4.69
C ARG B 684 -22.93 19.42 4.20
N GLU B 685 -22.14 20.46 3.98
CA GLU B 685 -20.82 20.35 3.36
C GLU B 685 -19.74 20.35 4.44
N THR B 686 -18.73 19.50 4.26
CA THR B 686 -17.64 19.40 5.24
C THR B 686 -16.41 20.08 4.64
N VAL B 687 -16.17 21.33 5.05
CA VAL B 687 -15.02 22.10 4.58
C VAL B 687 -13.78 21.63 5.31
N GLN B 688 -12.73 21.30 4.57
CA GLN B 688 -11.52 20.73 5.16
C GLN B 688 -10.36 21.69 5.03
N VAL B 689 -9.55 21.78 6.09
CA VAL B 689 -8.50 22.79 6.21
C VAL B 689 -7.18 22.07 6.46
N TYR B 690 -6.28 22.16 5.49
CA TYR B 690 -4.98 21.53 5.56
C TYR B 690 -3.91 22.61 5.69
N VAL B 691 -2.81 22.26 6.34
CA VAL B 691 -1.66 23.14 6.43
C VAL B 691 -0.47 22.44 5.77
N SER B 692 0.26 23.18 4.93
CA SER B 692 1.50 22.70 4.37
C SER B 692 2.64 23.59 4.85
N ASP B 693 3.69 22.97 5.36
CA ASP B 693 4.90 23.64 5.84
C ASP B 693 5.91 23.61 4.71
N THR B 694 6.23 24.80 4.15
CA THR B 694 6.87 24.86 2.85
C THR B 694 8.31 24.35 2.88
N VAL B 695 9.06 24.71 3.93
CA VAL B 695 10.46 24.32 4.09
C VAL B 695 10.60 23.80 5.52
N THR B 696 11.06 22.56 5.68
CA THR B 696 11.07 21.94 7.01
C THR B 696 12.49 21.53 7.40
N SER B 697 12.82 21.60 8.69
CA SER B 697 14.20 21.26 9.04
C SER B 697 14.50 19.78 8.80
N VAL B 698 13.47 18.93 8.85
CA VAL B 698 13.54 17.51 8.53
C VAL B 698 12.41 17.23 7.55
N THR B 699 12.54 16.17 6.76
CA THR B 699 11.48 15.90 5.79
C THR B 699 10.15 15.67 6.50
N TRP B 700 9.07 16.07 5.84
CA TRP B 700 7.77 16.11 6.51
C TRP B 700 6.69 15.82 5.49
N ALA B 701 5.47 15.62 5.98
CA ALA B 701 4.32 15.43 5.12
C ALA B 701 4.11 16.63 4.21
N GLU B 702 3.60 16.36 3.01
CA GLU B 702 3.21 17.42 2.07
C GLU B 702 2.17 18.35 2.67
N LYS B 703 1.20 17.80 3.39
CA LYS B 703 0.22 18.61 4.11
C LYS B 703 -0.41 17.75 5.19
N GLU B 704 -1.10 18.41 6.13
CA GLU B 704 -1.82 17.71 7.19
C GLU B 704 -3.13 18.42 7.47
N LEU B 705 -4.18 17.64 7.71
CA LEU B 705 -5.45 18.23 8.13
C LEU B 705 -5.29 18.88 9.50
N LYS B 706 -5.75 20.12 9.64
CA LYS B 706 -5.70 20.78 10.95
C LYS B 706 -7.04 21.29 11.45
N ALA B 707 -8.07 21.34 10.62
CA ALA B 707 -9.36 21.89 11.03
C ALA B 707 -10.39 21.52 9.98
N TYR B 708 -11.65 21.63 10.35
CA TYR B 708 -12.72 21.42 9.39
C TYR B 708 -13.99 22.07 9.93
N ARG B 709 -14.94 22.29 9.04
CA ARG B 709 -16.17 22.99 9.42
C ARG B 709 -17.32 22.47 8.57
N LYS B 710 -18.44 22.16 9.23
CA LYS B 710 -19.65 21.80 8.50
C LYS B 710 -20.49 23.04 8.23
N VAL B 711 -21.02 23.13 7.01
CA VAL B 711 -21.75 24.31 6.53
C VAL B 711 -23.01 23.84 5.83
N ASP B 712 -24.17 24.23 6.34
CA ASP B 712 -25.44 23.94 5.69
C ASP B 712 -25.71 24.96 4.59
N LEU B 713 -26.08 24.50 3.40
CA LEU B 713 -26.33 25.38 2.26
C LEU B 713 -27.62 24.95 1.57
N ALA B 714 -28.58 25.87 1.52
CA ALA B 714 -29.81 25.69 0.75
C ALA B 714 -29.50 25.86 -0.74
N PRO B 715 -30.37 25.37 -1.62
CA PRO B 715 -30.12 25.51 -3.06
C PRO B 715 -30.02 26.98 -3.43
N GLY B 716 -28.96 27.32 -4.15
CA GLY B 716 -28.69 28.71 -4.50
C GLY B 716 -28.09 29.54 -3.39
N GLU B 717 -27.93 28.98 -2.18
CA GLU B 717 -27.37 29.77 -1.08
C GLU B 717 -25.86 29.90 -1.21
N SER B 718 -25.37 31.10 -0.91
CA SER B 718 -23.94 31.38 -0.81
C SER B 718 -23.62 31.79 0.63
N ALA B 719 -22.43 31.41 1.12
CA ALA B 719 -22.03 31.75 2.48
C ALA B 719 -20.53 31.95 2.54
N THR B 720 -20.10 32.93 3.32
CA THR B 720 -18.69 33.20 3.57
C THR B 720 -18.43 32.78 5.00
N VAL B 721 -17.65 31.72 5.18
CA VAL B 721 -17.47 31.10 6.49
C VAL B 721 -16.05 31.32 6.97
N GLY B 722 -15.93 31.67 8.24
CA GLY B 722 -14.63 31.83 8.84
C GLY B 722 -14.00 30.49 9.19
N LEU B 723 -12.68 30.48 9.17
CA LEU B 723 -11.89 29.29 9.44
C LEU B 723 -10.71 29.72 10.29
N GLU B 724 -10.27 28.85 11.19
CA GLU B 724 -9.08 29.19 11.93
C GLU B 724 -8.28 27.96 12.34
N VAL B 725 -6.97 28.16 12.41
CA VAL B 725 -6.01 27.17 12.89
C VAL B 725 -5.05 27.90 13.83
N PRO B 726 -4.97 27.53 15.10
CA PRO B 726 -3.95 28.13 15.96
C PRO B 726 -2.57 27.92 15.37
N VAL B 727 -1.73 28.95 15.46
CA VAL B 727 -0.35 28.80 15.02
C VAL B 727 0.31 27.64 15.76
N ALA B 728 -0.06 27.44 17.03
CA ALA B 728 0.50 26.38 17.85
C ALA B 728 0.23 24.98 17.29
N ASP B 729 -0.74 24.82 16.40
CA ASP B 729 -1.02 23.52 15.79
C ASP B 729 -0.19 23.24 14.53
N CYS B 730 0.50 24.25 14.01
CA CYS B 730 1.26 24.10 12.76
C CYS B 730 2.65 23.52 13.05
N THR B 731 2.67 22.31 13.62
CA THR B 731 3.89 21.74 14.15
C THR B 731 4.49 20.67 13.24
N LEU B 732 5.76 20.36 13.48
CA LEU B 732 6.38 19.14 13.03
C LEU B 732 7.20 18.57 14.17
N VAL B 733 7.68 17.34 14.02
CA VAL B 733 8.63 16.76 14.96
C VAL B 733 10.02 16.90 14.35
N ASP B 734 10.90 17.64 15.03
CA ASP B 734 12.20 17.96 14.46
C ASP B 734 13.18 16.83 14.76
N ALA B 735 14.47 17.04 14.46
CA ALA B 735 15.47 15.98 14.62
C ALA B 735 15.74 15.63 16.07
N HIS B 736 15.36 16.50 17.00
CA HIS B 736 15.54 16.24 18.43
C HIS B 736 14.29 15.64 19.07
N GLY B 737 13.31 15.23 18.26
CA GLY B 737 12.13 14.63 18.82
C GLY B 737 11.19 15.59 19.50
N ARG B 738 11.31 16.89 19.22
CA ARG B 738 10.44 17.91 19.79
C ARG B 738 9.37 18.27 18.76
N ARG B 739 8.12 18.37 19.21
CA ARG B 739 7.04 18.87 18.36
C ARG B 739 7.00 20.39 18.49
N VAL B 740 7.39 21.10 17.42
CA VAL B 740 7.61 22.54 17.46
C VAL B 740 7.01 23.19 16.22
N VAL B 741 6.70 24.47 16.34
CA VAL B 741 6.38 25.29 15.17
C VAL B 741 7.67 25.97 14.73
N GLU B 742 8.08 25.71 13.50
CA GLU B 742 9.27 26.35 12.99
C GLU B 742 8.87 27.63 12.24
N PRO B 743 9.54 28.75 12.49
CA PRO B 743 9.24 29.96 11.70
C PRO B 743 9.49 29.72 10.22
N GLY B 744 8.68 30.38 9.39
CA GLY B 744 8.84 30.34 7.96
C GLY B 744 7.49 30.41 7.28
N GLU B 745 7.47 29.97 6.01
CA GLU B 745 6.29 30.03 5.17
C GLU B 745 5.43 28.78 5.32
N PHE B 746 4.13 28.97 5.13
CA PHE B 746 3.16 27.89 5.15
C PHE B 746 2.14 28.16 4.05
N GLU B 747 1.38 27.14 3.68
CA GLU B 747 0.18 27.31 2.87
C GLU B 747 -1.03 26.75 3.58
N LEU B 748 -2.12 27.49 3.53
CA LEU B 748 -3.41 26.98 3.93
C LEU B 748 -4.10 26.44 2.71
N ARG B 749 -4.61 25.20 2.79
CA ARG B 749 -5.28 24.57 1.66
C ARG B 749 -6.67 24.16 2.09
N VAL B 750 -7.69 24.66 1.39
CA VAL B 750 -9.06 24.56 1.85
C VAL B 750 -9.92 24.07 0.70
N GLY B 751 -10.76 23.08 0.97
CA GLY B 751 -11.59 22.51 -0.07
C GLY B 751 -12.39 21.31 0.41
N PRO B 752 -13.07 20.65 -0.52
CA PRO B 752 -13.97 19.54 -0.17
C PRO B 752 -13.32 18.18 -0.02
N SER B 753 -12.02 18.05 -0.27
CA SER B 753 -11.30 16.78 -0.10
C SER B 753 -9.82 17.10 0.00
N SER B 754 -9.01 16.06 0.25
CA SER B 754 -7.56 16.18 0.27
C SER B 754 -6.93 16.16 -1.13
N ARG B 755 -7.73 16.07 -2.19
CA ARG B 755 -7.17 16.12 -3.53
C ARG B 755 -6.64 17.51 -3.83
N GLU B 756 -5.36 17.60 -4.20
CA GLU B 756 -4.76 18.90 -4.51
C GLU B 756 -5.53 19.64 -5.59
N ASP B 757 -6.04 18.94 -6.61
CA ASP B 757 -6.78 19.71 -7.62
C ASP B 757 -8.15 20.16 -7.14
N ALA B 758 -8.54 19.81 -5.92
CA ALA B 758 -9.79 20.32 -5.36
C ALA B 758 -9.56 21.42 -4.32
N LEU B 759 -8.31 21.78 -4.02
CA LEU B 759 -7.99 22.65 -2.90
C LEU B 759 -7.61 24.05 -3.37
N LEU B 760 -8.27 25.06 -2.79
CA LEU B 760 -7.76 26.42 -2.87
C LEU B 760 -6.57 26.57 -1.93
N ARG B 761 -5.71 27.55 -2.21
CA ARG B 761 -4.55 27.73 -1.36
C ARG B 761 -4.26 29.21 -1.14
N ALA B 762 -3.74 29.51 0.06
CA ALA B 762 -3.29 30.86 0.35
C ALA B 762 -2.09 30.78 1.29
N SER B 763 -1.11 31.64 1.08
CA SER B 763 0.11 31.60 1.89
C SER B 763 -0.09 32.32 3.22
N PHE B 764 0.70 31.91 4.21
CA PHE B 764 0.87 32.69 5.44
C PHE B 764 2.26 32.39 5.98
N THR B 765 2.67 33.16 7.00
CA THR B 765 3.99 33.02 7.57
C THR B 765 3.89 33.07 9.09
N VAL B 766 4.93 32.55 9.72
CA VAL B 766 5.09 32.56 11.17
C VAL B 766 6.49 33.07 11.46
N ALA B 767 6.59 34.04 12.35
CA ALA B 767 7.88 34.58 12.75
C ALA B 767 8.10 34.31 14.23
N GLY B 768 9.35 34.16 14.62
CA GLY B 768 9.70 34.14 16.03
C GLY B 768 9.41 35.48 16.73
N ALA C 358 -49.10 -2.04 -51.71
CA ALA C 358 -48.03 -2.12 -50.71
C ALA C 358 -46.85 -1.22 -51.07
N GLU C 359 -46.60 -1.01 -52.37
CA GLU C 359 -45.51 -0.11 -52.75
C GLU C 359 -45.87 1.34 -52.52
N ALA C 361 -48.16 2.37 -50.04
CA ALA C 361 -48.11 2.41 -48.59
C ALA C 361 -46.71 2.07 -48.08
N ALA C 362 -45.70 2.77 -48.61
CA ALA C 362 -44.30 2.51 -48.27
C ALA C 362 -43.46 3.70 -48.70
N VAL C 363 -43.96 4.47 -49.66
CA VAL C 363 -43.35 5.76 -49.98
C VAL C 363 -43.84 6.83 -49.00
N ASN C 364 -45.07 6.69 -48.50
CA ASN C 364 -45.61 7.64 -47.53
C ASN C 364 -45.14 7.33 -46.12
N LEU C 365 -45.11 6.05 -45.74
CA LEU C 365 -44.48 5.66 -44.49
C LEU C 365 -43.01 6.03 -44.45
N GLU C 366 -42.44 6.48 -45.58
CA GLU C 366 -41.05 6.92 -45.68
C GLU C 366 -40.90 8.43 -45.65
N ALA C 368 -43.14 10.49 -44.36
CA ALA C 368 -43.57 10.86 -43.01
C ALA C 368 -42.41 10.72 -42.03
N ARG C 369 -41.71 9.58 -42.08
CA ARG C 369 -40.62 9.30 -41.15
C ARG C 369 -39.44 10.24 -41.28
N ARG C 370 -39.39 11.07 -42.33
CA ARG C 370 -38.34 12.06 -42.48
C ARG C 370 -38.85 13.50 -42.49
N SER C 371 -40.16 13.72 -42.59
CA SER C 371 -40.70 15.07 -42.58
C SER C 371 -40.69 15.67 -41.18
N LEU C 372 -41.01 14.86 -40.17
CA LEU C 372 -41.18 15.33 -38.80
C LEU C 372 -39.96 16.10 -38.33
N VAL C 373 -40.22 17.22 -37.66
CA VAL C 373 -39.15 18.10 -37.16
C VAL C 373 -39.23 18.11 -35.64
N LEU C 374 -38.13 17.73 -35.00
CA LEU C 374 -37.97 17.87 -33.56
C LEU C 374 -37.34 19.23 -33.30
N LEU C 375 -38.00 20.05 -32.49
CA LEU C 375 -37.63 21.45 -32.32
C LEU C 375 -36.98 21.72 -30.97
N THR C 376 -37.46 21.06 -29.92
CA THR C 376 -36.87 21.15 -28.61
C THR C 376 -36.77 19.73 -28.05
N ASN C 377 -35.72 19.46 -27.29
CA ASN C 377 -35.58 18.17 -26.62
C ASN C 377 -34.67 18.38 -25.43
N ASP C 378 -35.22 18.19 -24.24
CA ASP C 378 -34.40 18.30 -23.03
C ASP C 378 -33.63 17.03 -22.74
N GLY C 379 -33.70 16.05 -23.62
CA GLY C 379 -33.06 14.76 -23.43
C GLY C 379 -34.03 13.61 -23.21
N THR C 380 -35.30 13.91 -22.96
CA THR C 380 -36.30 12.85 -22.78
C THR C 380 -36.40 11.96 -24.01
N LEU C 381 -36.13 12.50 -25.19
CA LEU C 381 -36.15 11.72 -26.42
C LEU C 381 -34.74 11.32 -26.84
N PRO C 382 -34.55 10.10 -27.37
CA PRO C 382 -35.60 9.09 -27.51
C PRO C 382 -35.98 8.49 -26.16
N PHE C 383 -37.24 8.09 -26.02
CA PHE C 383 -37.77 7.72 -24.73
C PHE C 383 -37.08 6.47 -24.19
N ALA C 384 -36.70 6.54 -22.90
CA ALA C 384 -36.04 5.44 -22.20
C ALA C 384 -34.72 5.06 -22.86
N GLY C 385 -34.07 6.03 -23.50
CA GLY C 385 -32.80 5.81 -24.15
C GLY C 385 -32.88 5.36 -25.60
N GLY C 386 -34.06 5.00 -26.09
CA GLY C 386 -34.19 4.53 -27.46
C GLY C 386 -34.34 3.03 -27.53
N LEU C 387 -35.36 2.56 -28.26
CA LEU C 387 -35.72 1.15 -28.28
C LEU C 387 -35.28 0.49 -29.58
N ASP C 388 -35.47 -0.83 -29.63
CA ASP C 388 -35.04 -1.67 -30.74
C ASP C 388 -36.13 -2.67 -31.06
N ARG C 389 -35.94 -3.39 -32.15
CA ARG C 389 -36.84 -4.45 -32.58
C ARG C 389 -36.08 -5.76 -32.71
N GLY C 396 -42.59 -5.56 -36.29
CA GLY C 396 -43.29 -5.75 -35.01
C GLY C 396 -43.08 -4.71 -33.93
N ARG C 397 -43.63 -4.98 -32.74
CA ARG C 397 -43.41 -4.12 -31.59
C ARG C 397 -41.91 -3.91 -31.36
N ALA C 398 -41.62 -2.84 -30.64
CA ALA C 398 -40.28 -2.66 -30.10
C ALA C 398 -40.11 -3.53 -28.86
N LEU C 399 -38.86 -3.81 -28.52
CA LEU C 399 -38.54 -4.53 -27.30
C LEU C 399 -38.25 -3.55 -26.18
N ALA C 400 -38.74 -3.87 -24.99
CA ALA C 400 -38.40 -3.10 -23.80
C ALA C 400 -36.89 -2.95 -23.70
N PRO C 401 -36.37 -1.74 -23.55
CA PRO C 401 -34.92 -1.55 -23.52
C PRO C 401 -34.36 -1.93 -22.15
N ALA C 402 -33.03 -2.01 -22.10
CA ALA C 402 -32.36 -2.33 -20.84
C ALA C 402 -32.69 -1.26 -19.80
N GLY C 403 -33.18 -1.71 -18.65
CA GLY C 403 -33.47 -0.79 -17.56
C GLY C 403 -34.83 -0.13 -17.58
N ALA C 404 -35.75 -0.57 -18.44
CA ALA C 404 -37.10 -0.01 -18.50
C ALA C 404 -38.09 -1.11 -18.84
N PRO C 405 -38.33 -2.03 -17.91
CA PRO C 405 -39.27 -3.13 -18.21
C PRO C 405 -40.73 -2.69 -18.29
N ALA C 406 -41.18 -1.83 -17.36
CA ALA C 406 -42.58 -1.40 -17.31
C ALA C 406 -42.64 0.13 -17.38
N ARG C 407 -43.13 0.66 -18.50
CA ARG C 407 -43.40 2.07 -18.67
C ARG C 407 -44.82 2.26 -19.20
N THR C 408 -45.45 3.37 -18.82
CA THR C 408 -46.79 3.73 -19.26
C THR C 408 -46.72 5.04 -20.03
N ILE C 409 -47.25 5.04 -21.26
CA ILE C 409 -47.25 6.22 -22.12
C ILE C 409 -48.69 6.71 -22.26
N ALA C 410 -48.94 7.94 -21.81
CA ALA C 410 -50.27 8.54 -21.87
C ALA C 410 -50.36 9.40 -23.12
N VAL C 411 -51.25 9.03 -24.03
CA VAL C 411 -51.47 9.78 -25.27
C VAL C 411 -52.71 10.63 -25.09
N VAL C 412 -52.57 11.95 -25.28
CA VAL C 412 -53.64 12.89 -25.03
C VAL C 412 -53.65 13.98 -26.10
N GLY C 413 -54.72 14.75 -26.13
CA GLY C 413 -54.88 15.79 -27.11
C GLY C 413 -55.96 15.47 -28.12
N PRO C 414 -56.64 16.50 -28.64
CA PRO C 414 -57.73 16.24 -29.58
C PRO C 414 -57.27 15.67 -30.91
N ASN C 415 -56.04 15.98 -31.33
CA ASN C 415 -55.48 15.45 -32.56
C ASN C 415 -54.78 14.11 -32.36
N ALA C 416 -55.13 13.37 -31.30
CA ALA C 416 -54.49 12.10 -31.00
C ALA C 416 -55.12 10.95 -31.76
N ASP C 417 -56.43 10.94 -31.92
CA ASP C 417 -57.12 9.89 -32.72
C ASP C 417 -57.93 10.67 -33.75
N ASP C 419 -57.42 11.31 -37.43
CA ASP C 419 -57.71 10.73 -38.78
C ASP C 419 -57.85 11.84 -39.81
N HIS C 420 -59.07 12.39 -39.96
CA HIS C 420 -59.31 13.54 -40.86
C HIS C 420 -58.28 14.65 -40.68
N THR C 421 -58.12 15.15 -39.47
CA THR C 421 -57.22 16.29 -39.28
C THR C 421 -55.79 15.98 -39.74
N GLN C 422 -55.37 14.72 -39.69
CA GLN C 422 -53.99 14.39 -40.01
C GLN C 422 -53.82 14.42 -41.52
N THR C 446 -53.11 5.44 -39.75
CA THR C 446 -52.47 5.21 -38.46
C THR C 446 -52.31 6.51 -37.66
N THR C 447 -53.10 6.66 -36.60
CA THR C 447 -53.02 7.86 -35.79
C THR C 447 -51.80 7.82 -34.86
N VAL C 448 -51.60 8.92 -34.13
CA VAL C 448 -50.57 8.94 -33.08
C VAL C 448 -50.88 7.89 -32.04
N LEU C 449 -52.13 7.84 -31.56
CA LEU C 449 -52.52 6.82 -30.60
C LEU C 449 -52.34 5.42 -31.20
N ASP C 450 -52.67 5.26 -32.48
CA ASP C 450 -52.44 3.98 -33.14
C ASP C 450 -50.96 3.64 -33.20
N GLY C 451 -50.11 4.64 -33.50
CA GLY C 451 -48.69 4.39 -33.59
C GLY C 451 -48.11 3.89 -32.29
N PHE C 452 -48.60 4.42 -31.16
CA PHE C 452 -48.15 3.93 -29.87
C PHE C 452 -48.86 2.63 -29.49
N ARG C 453 -50.15 2.46 -29.80
CA ARG C 453 -50.71 1.18 -29.35
C ARG C 453 -50.03 0.03 -30.09
N ALA C 454 -49.40 0.34 -31.21
CA ALA C 454 -48.83 -0.74 -32.00
C ALA C 454 -47.39 -1.01 -31.62
N LEU C 455 -46.58 0.03 -31.44
CA LEU C 455 -45.13 -0.11 -31.29
C LEU C 455 -44.69 -0.25 -29.84
N ALA C 456 -45.61 -0.15 -28.87
CA ALA C 456 -45.16 -0.20 -27.49
C ALA C 456 -44.88 -1.65 -27.06
N PRO C 457 -43.80 -1.87 -26.27
CA PRO C 457 -43.42 -3.22 -25.80
C PRO C 457 -44.52 -3.96 -25.07
N GLU C 458 -44.43 -5.29 -24.92
CA GLU C 458 -45.54 -6.02 -24.30
C GLU C 458 -45.66 -5.63 -22.83
N GLY C 459 -44.54 -5.34 -22.15
CA GLY C 459 -44.64 -4.97 -20.77
C GLY C 459 -45.16 -3.58 -20.53
N TRP C 460 -45.23 -2.75 -21.58
CA TRP C 460 -45.64 -1.37 -21.44
C TRP C 460 -47.12 -1.20 -21.71
N ALA C 461 -47.68 -0.09 -21.23
CA ALA C 461 -49.08 0.25 -21.39
C ALA C 461 -49.21 1.60 -22.09
N VAL C 462 -50.17 1.71 -23.00
CA VAL C 462 -50.49 2.95 -23.69
C VAL C 462 -51.91 3.35 -23.31
N THR C 463 -52.04 4.52 -22.68
CA THR C 463 -53.32 5.05 -22.25
C THR C 463 -53.71 6.25 -23.11
N HIS C 464 -54.97 6.67 -22.96
CA HIS C 464 -55.54 7.68 -23.83
C HIS C 464 -56.50 8.56 -23.06
N ALA C 465 -56.55 9.84 -23.45
CA ALA C 465 -57.53 10.79 -22.93
C ALA C 465 -57.61 11.95 -23.89
N ARG C 466 -58.83 12.40 -24.20
CA ARG C 466 -58.98 13.49 -25.15
C ARG C 466 -58.24 14.74 -24.69
N GLY C 467 -58.36 15.08 -23.42
CA GLY C 467 -57.69 16.24 -22.86
C GLY C 467 -58.36 17.59 -23.10
N ALA C 468 -58.80 17.83 -24.34
CA ALA C 468 -59.43 19.09 -24.71
C ALA C 468 -60.13 18.94 -26.05
N ASP C 469 -61.14 19.78 -26.27
CA ASP C 469 -61.77 19.99 -27.56
C ASP C 469 -61.24 21.29 -28.17
N ILE C 470 -61.58 21.53 -29.44
CA ILE C 470 -61.14 22.73 -30.15
C ILE C 470 -62.31 23.62 -30.56
N LEU C 471 -63.38 23.03 -31.09
CA LEU C 471 -64.49 23.84 -31.59
C LEU C 471 -65.81 23.06 -31.51
N ASP C 498 -63.26 23.23 -19.66
CA ASP C 498 -63.76 21.90 -19.33
C ASP C 498 -62.88 21.23 -18.29
N ASP C 499 -63.24 21.38 -17.02
CA ASP C 499 -62.35 20.92 -15.92
C ASP C 499 -62.24 19.39 -15.86
N ALA C 500 -63.32 18.67 -16.14
CA ALA C 500 -63.28 17.20 -15.98
C ALA C 500 -62.48 16.55 -17.10
N LEU C 501 -62.62 17.04 -18.33
CA LEU C 501 -61.81 16.50 -19.44
C LEU C 501 -60.34 16.77 -19.17
N ILE C 502 -60.03 17.87 -18.51
CA ILE C 502 -58.61 18.20 -18.15
C ILE C 502 -58.19 17.33 -16.95
N ALA C 503 -59.04 17.19 -15.93
CA ALA C 503 -58.63 16.38 -14.78
C ALA C 503 -58.40 14.93 -15.18
N GLU C 504 -59.10 14.45 -16.21
CA GLU C 504 -58.94 13.07 -16.65
C GLU C 504 -57.59 12.85 -17.32
N ALA C 505 -57.17 13.78 -18.18
CA ALA C 505 -55.84 13.66 -18.76
C ALA C 505 -54.76 13.90 -17.72
N VAL C 506 -55.05 14.68 -16.67
CA VAL C 506 -54.08 14.90 -15.61
C VAL C 506 -53.86 13.64 -14.79
N ALA C 507 -54.95 12.93 -14.47
CA ALA C 507 -54.80 11.66 -13.75
C ALA C 507 -54.09 10.63 -14.61
N ALA C 508 -54.34 10.63 -15.92
CA ALA C 508 -53.64 9.71 -16.81
C ALA C 508 -52.15 10.05 -16.88
N ALA C 509 -51.80 11.34 -16.87
CA ALA C 509 -50.40 11.74 -16.88
C ALA C 509 -49.74 11.42 -15.54
N ARG C 510 -50.45 11.60 -14.43
CA ARG C 510 -49.89 11.33 -13.11
C ARG C 510 -49.61 9.86 -12.88
N ASP C 511 -50.27 8.98 -13.64
CA ASP C 511 -50.05 7.54 -13.54
C ASP C 511 -49.25 7.03 -14.73
N ALA C 512 -48.41 7.86 -15.31
CA ALA C 512 -47.62 7.47 -16.47
C ALA C 512 -46.20 7.99 -16.35
N ASP C 513 -45.33 7.43 -17.19
CA ASP C 513 -43.96 7.86 -17.32
C ASP C 513 -43.78 8.90 -18.42
N LEU C 514 -44.76 9.03 -19.31
CA LEU C 514 -44.64 9.95 -20.43
C LEU C 514 -46.04 10.38 -20.85
N ALA C 515 -46.18 11.65 -21.18
CA ALA C 515 -47.44 12.19 -21.67
C ALA C 515 -47.19 12.73 -23.07
N VAL C 516 -47.83 12.13 -24.06
CA VAL C 516 -47.75 12.60 -25.43
C VAL C 516 -49.01 13.43 -25.70
N ALA C 517 -48.82 14.73 -25.84
CA ALA C 517 -49.92 15.68 -26.03
C ALA C 517 -49.86 16.15 -27.48
N VAL C 518 -50.85 15.78 -28.27
CA VAL C 518 -50.86 16.11 -29.68
C VAL C 518 -52.00 17.07 -29.95
N VAL C 519 -51.66 18.24 -30.49
CA VAL C 519 -52.54 19.39 -30.58
C VAL C 519 -52.31 20.05 -31.94
N GLY C 520 -53.15 21.04 -32.25
CA GLY C 520 -52.99 21.76 -33.51
C GLY C 520 -54.21 22.59 -33.92
N ASP C 521 -54.60 22.49 -35.19
CA ASP C 521 -55.79 23.14 -35.72
C ASP C 521 -56.66 22.08 -36.36
N ARG C 522 -57.87 22.45 -36.78
CA ARG C 522 -58.72 21.47 -37.43
C ARG C 522 -59.09 22.01 -38.82
N ILE C 523 -60.06 21.37 -39.48
CA ILE C 523 -60.41 21.79 -40.84
C ILE C 523 -61.17 23.12 -40.82
N GLU C 524 -62.02 23.32 -39.81
CA GLU C 524 -62.75 24.59 -39.70
C GLU C 524 -61.82 25.76 -39.47
N LEU C 525 -60.59 25.51 -39.04
CA LEU C 525 -59.65 26.58 -38.76
C LEU C 525 -58.63 26.72 -39.87
N ARG C 530 -61.59 30.52 -44.66
CA ARG C 530 -61.34 30.23 -43.26
C ARG C 530 -59.88 30.50 -42.91
N SER C 531 -59.42 31.73 -43.10
CA SER C 531 -58.11 32.08 -42.55
C SER C 531 -58.26 32.38 -41.06
N THR C 532 -57.14 32.72 -40.40
CA THR C 532 -57.15 32.95 -38.93
C THR C 532 -56.23 34.12 -38.60
N ALA C 533 -56.57 34.87 -37.54
CA ALA C 533 -55.77 36.06 -37.20
C ALA C 533 -54.93 35.81 -35.95
N THR C 534 -55.36 34.91 -35.07
CA THR C 534 -54.63 34.70 -33.78
C THR C 534 -53.44 33.78 -34.00
N LEU C 535 -53.61 32.72 -34.81
CA LEU C 535 -52.57 31.68 -35.03
C LEU C 535 -52.27 30.99 -33.68
N GLU C 536 -53.27 30.90 -32.80
CA GLU C 536 -53.08 30.29 -31.47
C GLU C 536 -53.94 29.03 -31.39
N LEU C 537 -53.58 28.12 -30.49
CA LEU C 537 -54.34 26.89 -30.31
C LEU C 537 -55.73 27.24 -29.80
N VAL C 538 -56.73 26.81 -30.53
CA VAL C 538 -58.11 27.14 -30.22
C VAL C 538 -58.66 26.07 -29.29
N GLY C 539 -59.47 26.51 -28.31
CA GLY C 539 -60.11 25.59 -27.40
C GLY C 539 -59.32 25.41 -26.11
N GLY C 540 -59.72 24.39 -25.36
CA GLY C 540 -59.06 24.05 -24.11
C GLY C 540 -57.67 23.48 -24.27
N GLN C 541 -57.10 23.60 -25.48
CA GLN C 541 -55.78 23.05 -25.75
C GLN C 541 -54.72 23.70 -24.87
N VAL C 542 -54.81 25.02 -24.68
CA VAL C 542 -53.81 25.72 -23.87
C VAL C 542 -53.92 25.29 -22.41
N ALA C 543 -55.14 25.19 -21.89
CA ALA C 543 -55.31 24.79 -20.50
C ALA C 543 -54.81 23.38 -20.28
N LEU C 544 -54.99 22.50 -21.27
CA LEU C 544 -54.52 21.13 -21.16
C LEU C 544 -53.00 21.07 -21.05
N LEU C 545 -52.30 21.77 -21.95
CA LEU C 545 -50.84 21.79 -21.88
C LEU C 545 -50.36 22.33 -20.53
N ASP C 546 -51.02 23.38 -20.02
CA ASP C 546 -50.66 23.93 -18.71
C ASP C 546 -50.77 22.85 -17.63
N ALA C 547 -51.93 22.20 -17.56
CA ALA C 547 -52.17 21.20 -16.52
C ALA C 547 -51.26 20.00 -16.67
N LEU C 548 -51.00 19.57 -17.91
CA LEU C 548 -50.18 18.38 -18.13
C LEU C 548 -48.73 18.63 -17.71
N VAL C 549 -48.15 19.73 -18.18
CA VAL C 549 -46.78 20.05 -17.82
C VAL C 549 -46.62 20.16 -16.31
N ALA C 550 -47.65 20.64 -15.62
CA ALA C 550 -47.58 20.85 -14.17
C ALA C 550 -47.60 19.57 -13.36
N THR C 551 -47.88 18.41 -13.97
CA THR C 551 -47.89 17.16 -13.21
C THR C 551 -46.49 16.71 -12.82
N GLY C 552 -45.46 17.21 -13.49
CA GLY C 552 -44.12 16.64 -13.35
C GLY C 552 -43.84 15.44 -14.23
N THR C 553 -44.86 14.84 -14.85
CA THR C 553 -44.59 13.80 -15.84
C THR C 553 -44.08 14.43 -17.13
N PRO C 554 -43.04 13.85 -17.74
CA PRO C 554 -42.52 14.41 -19.00
C PRO C 554 -43.60 14.50 -20.06
N VAL C 555 -43.66 15.66 -20.73
CA VAL C 555 -44.69 15.94 -21.72
C VAL C 555 -44.03 16.14 -23.07
N VAL C 556 -44.47 15.35 -24.05
CA VAL C 556 -44.11 15.56 -25.44
C VAL C 556 -45.31 16.19 -26.14
N VAL C 557 -45.11 17.37 -26.71
CA VAL C 557 -46.14 18.07 -27.48
C VAL C 557 -45.95 17.75 -28.95
N VAL C 558 -46.93 17.10 -29.55
CA VAL C 558 -46.92 16.76 -30.98
C VAL C 558 -47.89 17.69 -31.69
N VAL C 559 -47.37 18.64 -32.46
CA VAL C 559 -48.21 19.62 -33.14
C VAL C 559 -48.64 19.03 -34.49
N VAL C 560 -49.89 18.58 -34.54
CA VAL C 560 -50.52 18.18 -35.80
C VAL C 560 -51.37 19.38 -36.24
N ALA C 561 -50.77 20.26 -37.03
CA ALA C 561 -51.40 21.52 -37.41
C ALA C 561 -51.03 21.88 -38.83
N SER C 562 -51.96 22.57 -39.51
CA SER C 562 -51.76 23.07 -40.87
C SER C 562 -51.18 24.47 -40.78
N LYS C 563 -49.85 24.56 -40.83
CA LYS C 563 -49.15 25.83 -40.79
C LYS C 563 -48.57 26.05 -39.40
N PRO C 564 -47.50 26.85 -39.27
CA PRO C 564 -46.94 27.10 -37.94
C PRO C 564 -47.93 27.80 -37.03
N LEU C 565 -47.85 27.47 -35.74
CA LEU C 565 -48.74 28.03 -34.73
C LEU C 565 -47.95 28.71 -33.63
N VAL C 566 -48.57 29.70 -33.00
CA VAL C 566 -48.06 30.21 -31.75
C VAL C 566 -48.31 29.17 -30.66
N LEU C 567 -47.26 28.76 -29.97
CA LEU C 567 -47.47 27.77 -28.94
C LEU C 567 -47.37 28.42 -27.57
N PRO C 568 -48.22 28.02 -26.61
CA PRO C 568 -48.24 28.68 -25.30
C PRO C 568 -46.96 28.42 -24.53
N PRO C 569 -46.66 29.24 -23.52
CA PRO C 569 -45.42 29.04 -22.76
C PRO C 569 -45.24 27.63 -22.21
N SER C 570 -46.32 26.91 -21.92
CA SER C 570 -46.18 25.58 -21.36
C SER C 570 -45.62 24.59 -22.37
N ALA C 571 -45.93 24.78 -23.66
CA ALA C 571 -45.35 23.93 -24.69
C ALA C 571 -43.85 24.16 -24.81
N HIS C 572 -43.42 25.42 -24.68
CA HIS C 572 -42.01 25.72 -24.61
C HIS C 572 -41.35 25.26 -23.32
N ALA C 573 -42.15 24.83 -22.34
CA ALA C 573 -41.61 24.25 -21.11
C ALA C 573 -41.70 22.74 -21.10
N ALA C 574 -42.44 22.13 -22.02
CA ALA C 574 -42.56 20.68 -22.05
C ALA C 574 -41.22 20.04 -22.36
N ALA C 575 -41.18 18.71 -22.22
CA ALA C 575 -39.95 17.96 -22.45
C ALA C 575 -39.50 18.09 -23.90
N ALA C 576 -40.44 17.93 -24.83
CA ALA C 576 -40.11 18.04 -26.24
C ALA C 576 -41.34 18.43 -27.02
N VAL C 577 -41.12 19.19 -28.09
CA VAL C 577 -42.17 19.49 -29.07
C VAL C 577 -41.68 19.00 -30.42
N VAL C 578 -42.55 18.29 -31.14
CA VAL C 578 -42.25 17.81 -32.47
C VAL C 578 -43.21 18.48 -33.45
N TRP C 579 -42.66 19.06 -34.51
CA TRP C 579 -43.44 19.77 -35.50
C TRP C 579 -43.82 18.78 -36.60
N ALA C 580 -45.11 18.49 -36.71
CA ALA C 580 -45.60 17.68 -37.79
C ALA C 580 -46.36 18.57 -38.75
N ALA C 581 -47.50 18.10 -39.24
CA ALA C 581 -48.41 18.91 -40.00
C ALA C 581 -49.71 18.13 -40.05
N GLY C 588 -47.98 9.26 -37.50
CA GLY C 588 -48.39 8.58 -36.29
C GLY C 588 -47.45 7.43 -35.96
N GLN C 589 -47.38 6.44 -36.85
CA GLN C 589 -46.32 5.44 -36.76
C GLN C 589 -44.95 6.11 -36.88
N ALA C 590 -44.86 7.13 -37.73
CA ALA C 590 -43.62 7.90 -37.81
C ALA C 590 -43.39 8.74 -36.56
N ALA C 592 -44.76 8.02 -33.25
CA ALA C 592 -44.50 7.09 -32.16
C ALA C 592 -43.12 6.47 -32.24
N GLU C 593 -42.61 6.25 -33.44
CA GLU C 593 -41.30 5.64 -33.59
C GLU C 593 -40.16 6.64 -33.57
N LEU C 594 -40.43 7.91 -33.85
CA LEU C 594 -39.44 8.94 -33.57
C LEU C 594 -39.33 9.21 -32.07
N VAL C 595 -40.44 9.01 -31.34
CA VAL C 595 -40.41 9.19 -29.90
C VAL C 595 -39.71 8.03 -29.22
N LEU C 596 -39.95 6.81 -29.68
CA LEU C 596 -39.35 5.61 -29.12
C LEU C 596 -37.97 5.33 -29.66
N GLY C 597 -37.44 6.19 -30.53
CA GLY C 597 -36.09 6.04 -31.06
C GLY C 597 -35.91 5.06 -32.18
N LEU C 598 -36.99 4.64 -32.86
CA LEU C 598 -36.79 3.68 -33.94
C LEU C 598 -36.29 4.35 -35.20
N ILE C 599 -36.33 5.67 -35.22
CA ILE C 599 -35.92 6.52 -36.33
C ILE C 599 -35.18 7.72 -35.76
N GLU C 600 -34.20 8.21 -36.51
CA GLU C 600 -33.49 9.42 -36.17
C GLU C 600 -34.23 10.61 -36.79
N PRO C 601 -34.29 11.75 -36.11
CA PRO C 601 -34.98 12.90 -36.71
C PRO C 601 -34.14 13.49 -37.83
N GLU C 602 -34.75 13.65 -39.01
CA GLU C 602 -34.08 14.23 -40.17
C GLU C 602 -34.56 15.64 -40.46
N GLY C 603 -35.87 15.82 -40.68
CA GLY C 603 -36.48 17.07 -41.08
C GLY C 603 -35.90 18.35 -40.54
N ARG C 604 -35.89 19.39 -41.38
CA ARG C 604 -35.33 20.68 -40.98
C ARG C 604 -36.21 21.83 -41.49
N ARG C 611 -44.36 33.50 -33.36
CA ARG C 611 -44.52 33.91 -31.97
C ARG C 611 -45.82 34.67 -31.74
N HIS C 612 -46.23 35.45 -32.73
CA HIS C 612 -47.44 36.26 -32.64
C HIS C 612 -47.74 36.83 -34.02
N ALA C 613 -49.02 36.88 -34.37
CA ALA C 613 -49.42 37.32 -35.71
C ALA C 613 -48.86 38.69 -36.05
N GLY C 614 -48.65 39.54 -35.05
CA GLY C 614 -48.05 40.84 -35.27
C GLY C 614 -46.54 40.87 -35.32
N GLN C 615 -45.88 39.74 -35.07
CA GLN C 615 -44.44 39.65 -35.32
C GLN C 615 -44.13 39.50 -36.80
N GLN C 616 -45.12 39.11 -37.59
CA GLN C 616 -44.95 38.94 -39.03
C GLN C 616 -44.50 40.25 -39.67
C1 GOL D . 22.98 6.78 -8.89
O1 GOL D . 22.11 6.46 -7.83
C2 GOL D . 24.32 6.26 -8.39
O2 GOL D . 24.34 4.87 -8.58
C3 GOL D . 25.57 6.94 -8.95
O3 GOL D . 26.49 5.93 -9.26
C1 GOL E . 20.46 9.85 -11.85
O1 GOL E . 20.18 10.91 -12.75
C2 GOL E . 21.89 9.37 -12.15
O2 GOL E . 22.14 8.18 -11.50
C3 GOL E . 22.19 9.04 -13.62
O3 GOL E . 23.52 8.57 -13.69
CA CA F . 20.11 -16.19 22.65
C1 GOL G . -8.50 -6.24 23.62
O1 GOL G . -9.47 -5.26 23.85
C2 GOL G . -7.93 -5.96 22.23
O2 GOL G . -8.82 -5.27 21.38
C3 GOL G . -7.36 -7.14 21.47
O3 GOL G . -6.23 -6.59 20.85
C1 GOL H . -7.53 -12.57 21.48
O1 GOL H . -6.89 -12.54 20.22
C2 GOL H . -8.74 -11.62 21.46
O2 GOL H . -8.33 -10.38 21.97
C3 GOL H . -9.95 -12.09 22.29
O3 GOL H . -10.49 -10.97 22.98
CA CA I . 8.90 25.60 7.58
#